data_6IF6
# 
_entry.id   6IF6 
# 
_audit_conform.dict_name       mmcif_pdbx.dic 
_audit_conform.dict_version    5.387 
_audit_conform.dict_location   http://mmcif.pdb.org/dictionaries/ascii/mmcif_pdbx.dic 
# 
loop_
_database_2.database_id 
_database_2.database_code 
_database_2.pdbx_database_accession 
_database_2.pdbx_DOI 
PDB   6IF6         pdb_00006if6 10.2210/pdb6if6/pdb 
WWPDB D_1300009095 ?            ?                   
# 
loop_
_pdbx_audit_revision_history.ordinal 
_pdbx_audit_revision_history.data_content_type 
_pdbx_audit_revision_history.major_revision 
_pdbx_audit_revision_history.minor_revision 
_pdbx_audit_revision_history.revision_date 
1 'Structure model' 1 0 2019-05-01 
2 'Structure model' 1 1 2019-05-15 
3 'Structure model' 1 2 2019-08-14 
4 'Structure model' 1 3 2024-03-27 
# 
_pdbx_audit_revision_details.ordinal             1 
_pdbx_audit_revision_details.revision_ordinal    1 
_pdbx_audit_revision_details.data_content_type   'Structure model' 
_pdbx_audit_revision_details.provider            repository 
_pdbx_audit_revision_details.type                'Initial release' 
_pdbx_audit_revision_details.description         ? 
_pdbx_audit_revision_details.details             ? 
# 
loop_
_pdbx_audit_revision_group.ordinal 
_pdbx_audit_revision_group.revision_ordinal 
_pdbx_audit_revision_group.data_content_type 
_pdbx_audit_revision_group.group 
1 2 'Structure model' 'Data collection'     
2 2 'Structure model' 'Database references' 
3 2 'Structure model' 'Source and taxonomy' 
4 2 'Structure model' 'Structure summary'   
5 3 'Structure model' 'Data collection'     
6 3 'Structure model' 'Database references' 
7 4 'Structure model' 'Data collection'     
8 4 'Structure model' 'Database references' 
# 
loop_
_pdbx_audit_revision_category.ordinal 
_pdbx_audit_revision_category.revision_ordinal 
_pdbx_audit_revision_category.data_content_type 
_pdbx_audit_revision_category.category 
1  2 'Structure model' entity             
2  2 'Structure model' entity_name_com    
3  2 'Structure model' entity_src_gen     
4  2 'Structure model' pdbx_entry_details 
5  2 'Structure model' struct_ref         
6  2 'Structure model' struct_ref_seq     
7  2 'Structure model' struct_ref_seq_dif 
8  3 'Structure model' citation           
9  4 'Structure model' chem_comp_atom     
10 4 'Structure model' chem_comp_bond     
11 4 'Structure model' database_2         
# 
loop_
_pdbx_audit_revision_item.ordinal 
_pdbx_audit_revision_item.revision_ordinal 
_pdbx_audit_revision_item.data_content_type 
_pdbx_audit_revision_item.item 
1  2 'Structure model' '_entity.pdbx_description'                
2  2 'Structure model' '_entity_src_gen.pdbx_gene_src_gene'      
3  2 'Structure model' '_struct_ref.db_code'                     
4  2 'Structure model' '_struct_ref.db_name'                     
5  2 'Structure model' '_struct_ref.pdbx_align_begin'            
6  2 'Structure model' '_struct_ref.pdbx_db_accession'           
7  2 'Structure model' '_struct_ref.pdbx_seq_one_letter_code'    
8  2 'Structure model' '_struct_ref_seq.db_align_beg'            
9  2 'Structure model' '_struct_ref_seq.db_align_end'            
10 2 'Structure model' '_struct_ref_seq.pdbx_auth_seq_align_beg' 
11 2 'Structure model' '_struct_ref_seq.pdbx_db_accession'       
12 2 'Structure model' '_struct_ref_seq.seq_align_beg'           
13 3 'Structure model' '_citation.journal_abbrev'                
14 3 'Structure model' '_citation.journal_id_ISSN'               
15 3 'Structure model' '_citation.journal_volume'                
16 3 'Structure model' '_citation.page_first'                    
17 3 'Structure model' '_citation.page_last'                     
18 3 'Structure model' '_citation.title'                         
19 4 'Structure model' '_database_2.pdbx_DOI'                    
20 4 'Structure model' '_database_2.pdbx_database_accession'     
# 
_pdbx_database_status.status_code                     REL 
_pdbx_database_status.status_code_sf                  REL 
_pdbx_database_status.status_code_mr                  ? 
_pdbx_database_status.entry_id                        6IF6 
_pdbx_database_status.recvd_initial_deposition_date   2018-09-18 
_pdbx_database_status.SG_entry                        N 
_pdbx_database_status.deposit_site                    PDBJ 
_pdbx_database_status.process_site                    PDBJ 
_pdbx_database_status.status_code_cs                  ? 
_pdbx_database_status.methods_development_category    ? 
_pdbx_database_status.pdb_format_compatible           Y 
_pdbx_database_status.status_code_nmr_data            ? 
# 
loop_
_audit_author.name 
_audit_author.pdbx_ordinal 
_audit_author.identifier_ORCID 
'Nishikawa, S.' 1 ?                   
'Sakuma, M.'    2 ?                   
'Kojima, S.'    3 ?                   
'Homma, M.'     4 ?                   
'Imada, K.'     5 0000-0003-1342-8885 
# 
_citation.abstract                  ? 
_citation.abstract_id_CAS           ? 
_citation.book_id_ISBN              ? 
_citation.book_publisher            ? 
_citation.book_publisher_city       ? 
_citation.book_title                ? 
_citation.coordinate_linkage        ? 
_citation.country                   JP 
_citation.database_id_Medline       ? 
_citation.details                   ? 
_citation.id                        primary 
_citation.journal_abbrev            J.Biochem. 
_citation.journal_id_ASTM           ? 
_citation.journal_id_CSD            ? 
_citation.journal_id_ISSN           0021-924X 
_citation.journal_full              ? 
_citation.journal_issue             ? 
_citation.journal_volume            166 
_citation.language                  ? 
_citation.page_first                197 
_citation.page_last                 204 
_citation.title                     
;Structure of the periplasmic domain of SflA involved in spatial regulation of the flagellar biogenesis of Vibrio reveals a TPR/SLR-like fold.
;
_citation.year                      2019 
_citation.database_id_CSD           ? 
_citation.pdbx_database_id_DOI      10.1093/jb/mvz027 
_citation.pdbx_database_id_PubMed   30989194 
_citation.unpublished_flag          ? 
# 
loop_
_citation_author.citation_id 
_citation_author.name 
_citation_author.ordinal 
_citation_author.identifier_ORCID 
primary 'Sakuma, M.'    1 ? 
primary 'Nishikawa, S.' 2 ? 
primary 'Inaba, S.'     3 ? 
primary 'Nishigaki, T.' 4 ? 
primary 'Kojima, S.'    5 ? 
primary 'Homma, M.'     6 ? 
primary 'Imada, K.'     7 ? 
# 
loop_
_entity.id 
_entity.type 
_entity.src_method 
_entity.pdbx_description 
_entity.formula_weight 
_entity.pdbx_number_of_molecules 
_entity.pdbx_ec 
_entity.pdbx_mutation 
_entity.pdbx_fragment 
_entity.details 
1 polymer     man 'Protein SflA'  15176.550 1  ? ? 'periplasmic fragment' ? 
2 non-polymer syn GLYCEROL        92.094    1  ? ? ?                      ? 
3 non-polymer syn 'PHOSPHATE ION' 94.971    1  ? ? ?                      ? 
4 water       nat water           18.015    48 ? ? ?                      ? 
# 
_entity_poly.entity_id                      1 
_entity_poly.type                           'polypeptide(L)' 
_entity_poly.nstd_linkage                   no 
_entity_poly.nstd_monomer                   no 
_entity_poly.pdbx_seq_one_letter_code       
;HMSQAPNDPIEQYEYAQQLLASNKAEASPDTRYWLEQSANQGYLPAQKQLANDFAKGINGEKNETQALYWLTSIALNDPT
DQGFLLANFIQRNQDKVTTSQLTEALYQMASQHNPAAEQAYNQLLEQRFNQLR
;
_entity_poly.pdbx_seq_one_letter_code_can   
;HMSQAPNDPIEQYEYAQQLLASNKAEASPDTRYWLEQSANQGYLPAQKQLANDFAKGINGEKNETQALYWLTSIALNDPT
DQGFLLANFIQRNQDKVTTSQLTEALYQMASQHNPAAEQAYNQLLEQRFNQLR
;
_entity_poly.pdbx_strand_id                 A 
_entity_poly.pdbx_target_identifier         ? 
# 
loop_
_pdbx_entity_nonpoly.entity_id 
_pdbx_entity_nonpoly.name 
_pdbx_entity_nonpoly.comp_id 
2 GLYCEROL        GOL 
3 'PHOSPHATE ION' PO4 
4 water           HOH 
# 
loop_
_entity_poly_seq.entity_id 
_entity_poly_seq.num 
_entity_poly_seq.mon_id 
_entity_poly_seq.hetero 
1 1   HIS n 
1 2   MET n 
1 3   SER n 
1 4   GLN n 
1 5   ALA n 
1 6   PRO n 
1 7   ASN n 
1 8   ASP n 
1 9   PRO n 
1 10  ILE n 
1 11  GLU n 
1 12  GLN n 
1 13  TYR n 
1 14  GLU n 
1 15  TYR n 
1 16  ALA n 
1 17  GLN n 
1 18  GLN n 
1 19  LEU n 
1 20  LEU n 
1 21  ALA n 
1 22  SER n 
1 23  ASN n 
1 24  LYS n 
1 25  ALA n 
1 26  GLU n 
1 27  ALA n 
1 28  SER n 
1 29  PRO n 
1 30  ASP n 
1 31  THR n 
1 32  ARG n 
1 33  TYR n 
1 34  TRP n 
1 35  LEU n 
1 36  GLU n 
1 37  GLN n 
1 38  SER n 
1 39  ALA n 
1 40  ASN n 
1 41  GLN n 
1 42  GLY n 
1 43  TYR n 
1 44  LEU n 
1 45  PRO n 
1 46  ALA n 
1 47  GLN n 
1 48  LYS n 
1 49  GLN n 
1 50  LEU n 
1 51  ALA n 
1 52  ASN n 
1 53  ASP n 
1 54  PHE n 
1 55  ALA n 
1 56  LYS n 
1 57  GLY n 
1 58  ILE n 
1 59  ASN n 
1 60  GLY n 
1 61  GLU n 
1 62  LYS n 
1 63  ASN n 
1 64  GLU n 
1 65  THR n 
1 66  GLN n 
1 67  ALA n 
1 68  LEU n 
1 69  TYR n 
1 70  TRP n 
1 71  LEU n 
1 72  THR n 
1 73  SER n 
1 74  ILE n 
1 75  ALA n 
1 76  LEU n 
1 77  ASN n 
1 78  ASP n 
1 79  PRO n 
1 80  THR n 
1 81  ASP n 
1 82  GLN n 
1 83  GLY n 
1 84  PHE n 
1 85  LEU n 
1 86  LEU n 
1 87  ALA n 
1 88  ASN n 
1 89  PHE n 
1 90  ILE n 
1 91  GLN n 
1 92  ARG n 
1 93  ASN n 
1 94  GLN n 
1 95  ASP n 
1 96  LYS n 
1 97  VAL n 
1 98  THR n 
1 99  THR n 
1 100 SER n 
1 101 GLN n 
1 102 LEU n 
1 103 THR n 
1 104 GLU n 
1 105 ALA n 
1 106 LEU n 
1 107 TYR n 
1 108 GLN n 
1 109 MET n 
1 110 ALA n 
1 111 SER n 
1 112 GLN n 
1 113 HIS n 
1 114 ASN n 
1 115 PRO n 
1 116 ALA n 
1 117 ALA n 
1 118 GLU n 
1 119 GLN n 
1 120 ALA n 
1 121 TYR n 
1 122 ASN n 
1 123 GLN n 
1 124 LEU n 
1 125 LEU n 
1 126 GLU n 
1 127 GLN n 
1 128 ARG n 
1 129 PHE n 
1 130 ASN n 
1 131 GLN n 
1 132 LEU n 
1 133 ARG n 
# 
_entity_src_gen.entity_id                          1 
_entity_src_gen.pdbx_src_id                        1 
_entity_src_gen.pdbx_alt_source_flag               sample 
_entity_src_gen.pdbx_seq_type                      'Biological sequence' 
_entity_src_gen.pdbx_beg_seq_num                   1 
_entity_src_gen.pdbx_end_seq_num                   133 
_entity_src_gen.gene_src_common_name               ? 
_entity_src_gen.gene_src_genus                     ? 
_entity_src_gen.pdbx_gene_src_gene                 ? 
_entity_src_gen.gene_src_species                   ? 
_entity_src_gen.gene_src_strain                    ? 
_entity_src_gen.gene_src_tissue                    ? 
_entity_src_gen.gene_src_tissue_fraction           ? 
_entity_src_gen.gene_src_details                   ? 
_entity_src_gen.pdbx_gene_src_fragment             ? 
_entity_src_gen.pdbx_gene_src_scientific_name      'Vibrio alginolyticus' 
_entity_src_gen.pdbx_gene_src_ncbi_taxonomy_id     663 
_entity_src_gen.pdbx_gene_src_variant              ? 
_entity_src_gen.pdbx_gene_src_cell_line            ? 
_entity_src_gen.pdbx_gene_src_atcc                 ? 
_entity_src_gen.pdbx_gene_src_organ                ? 
_entity_src_gen.pdbx_gene_src_organelle            ? 
_entity_src_gen.pdbx_gene_src_cell                 ? 
_entity_src_gen.pdbx_gene_src_cellular_location    ? 
_entity_src_gen.host_org_common_name               ? 
_entity_src_gen.pdbx_host_org_scientific_name      'Escherichia coli BL21(DE3)' 
_entity_src_gen.pdbx_host_org_ncbi_taxonomy_id     469008 
_entity_src_gen.host_org_genus                     ? 
_entity_src_gen.pdbx_host_org_gene                 ? 
_entity_src_gen.pdbx_host_org_organ                ? 
_entity_src_gen.host_org_species                   ? 
_entity_src_gen.pdbx_host_org_tissue               ? 
_entity_src_gen.pdbx_host_org_tissue_fraction      ? 
_entity_src_gen.pdbx_host_org_strain               'BL21(DE3)' 
_entity_src_gen.pdbx_host_org_variant              ? 
_entity_src_gen.pdbx_host_org_cell_line            ? 
_entity_src_gen.pdbx_host_org_atcc                 ? 
_entity_src_gen.pdbx_host_org_culture_collection   ? 
_entity_src_gen.pdbx_host_org_cell                 ? 
_entity_src_gen.pdbx_host_org_organelle            ? 
_entity_src_gen.pdbx_host_org_cellular_location    ? 
_entity_src_gen.pdbx_host_org_vector_type          plasmid 
_entity_src_gen.pdbx_host_org_vector               ? 
_entity_src_gen.host_org_details                   ? 
_entity_src_gen.expression_system_id               ? 
_entity_src_gen.plasmid_name                       'pCold I' 
_entity_src_gen.plasmid_details                    ? 
_entity_src_gen.pdbx_description                   ? 
# 
loop_
_chem_comp.id 
_chem_comp.type 
_chem_comp.mon_nstd_flag 
_chem_comp.name 
_chem_comp.pdbx_synonyms 
_chem_comp.formula 
_chem_comp.formula_weight 
ALA 'L-peptide linking' y ALANINE         ?                               'C3 H7 N O2'     89.093  
ARG 'L-peptide linking' y ARGININE        ?                               'C6 H15 N4 O2 1' 175.209 
ASN 'L-peptide linking' y ASPARAGINE      ?                               'C4 H8 N2 O3'    132.118 
ASP 'L-peptide linking' y 'ASPARTIC ACID' ?                               'C4 H7 N O4'     133.103 
GLN 'L-peptide linking' y GLUTAMINE       ?                               'C5 H10 N2 O3'   146.144 
GLU 'L-peptide linking' y 'GLUTAMIC ACID' ?                               'C5 H9 N O4'     147.129 
GLY 'peptide linking'   y GLYCINE         ?                               'C2 H5 N O2'     75.067  
GOL non-polymer         . GLYCEROL        'GLYCERIN; PROPANE-1,2,3-TRIOL' 'C3 H8 O3'       92.094  
HIS 'L-peptide linking' y HISTIDINE       ?                               'C6 H10 N3 O2 1' 156.162 
HOH non-polymer         . WATER           ?                               'H2 O'           18.015  
ILE 'L-peptide linking' y ISOLEUCINE      ?                               'C6 H13 N O2'    131.173 
LEU 'L-peptide linking' y LEUCINE         ?                               'C6 H13 N O2'    131.173 
LYS 'L-peptide linking' y LYSINE          ?                               'C6 H15 N2 O2 1' 147.195 
MET 'L-peptide linking' y METHIONINE      ?                               'C5 H11 N O2 S'  149.211 
PHE 'L-peptide linking' y PHENYLALANINE   ?                               'C9 H11 N O2'    165.189 
PO4 non-polymer         . 'PHOSPHATE ION' ?                               'O4 P -3'        94.971  
PRO 'L-peptide linking' y PROLINE         ?                               'C5 H9 N O2'     115.130 
SER 'L-peptide linking' y SERINE          ?                               'C3 H7 N O3'     105.093 
THR 'L-peptide linking' y THREONINE       ?                               'C4 H9 N O3'     119.119 
TRP 'L-peptide linking' y TRYPTOPHAN      ?                               'C11 H12 N2 O2'  204.225 
TYR 'L-peptide linking' y TYROSINE        ?                               'C9 H11 N O3'    181.189 
VAL 'L-peptide linking' y VALINE          ?                               'C5 H11 N O2'    117.146 
# 
loop_
_pdbx_poly_seq_scheme.asym_id 
_pdbx_poly_seq_scheme.entity_id 
_pdbx_poly_seq_scheme.seq_id 
_pdbx_poly_seq_scheme.mon_id 
_pdbx_poly_seq_scheme.ndb_seq_num 
_pdbx_poly_seq_scheme.pdb_seq_num 
_pdbx_poly_seq_scheme.auth_seq_num 
_pdbx_poly_seq_scheme.pdb_mon_id 
_pdbx_poly_seq_scheme.auth_mon_id 
_pdbx_poly_seq_scheme.pdb_strand_id 
_pdbx_poly_seq_scheme.pdb_ins_code 
_pdbx_poly_seq_scheme.hetero 
A 1 1   HIS 1   -1  ?   ?   ?   A . n 
A 1 2   MET 2   0   ?   ?   ?   A . n 
A 1 3   SER 3   1   1   SER SER A . n 
A 1 4   GLN 4   2   2   GLN GLN A . n 
A 1 5   ALA 5   3   3   ALA ALA A . n 
A 1 6   PRO 6   4   4   PRO PRO A . n 
A 1 7   ASN 7   5   5   ASN ASN A . n 
A 1 8   ASP 8   6   6   ASP ASP A . n 
A 1 9   PRO 9   7   7   PRO PRO A . n 
A 1 10  ILE 10  8   8   ILE ILE A . n 
A 1 11  GLU 11  9   9   GLU GLU A . n 
A 1 12  GLN 12  10  10  GLN GLN A . n 
A 1 13  TYR 13  11  11  TYR TYR A . n 
A 1 14  GLU 14  12  12  GLU GLU A . n 
A 1 15  TYR 15  13  13  TYR TYR A . n 
A 1 16  ALA 16  14  14  ALA ALA A . n 
A 1 17  GLN 17  15  15  GLN GLN A . n 
A 1 18  GLN 18  16  16  GLN GLN A . n 
A 1 19  LEU 19  17  17  LEU LEU A . n 
A 1 20  LEU 20  18  18  LEU LEU A . n 
A 1 21  ALA 21  19  19  ALA ALA A . n 
A 1 22  SER 22  20  20  SER SER A . n 
A 1 23  ASN 23  21  21  ASN ASN A . n 
A 1 24  LYS 24  22  22  LYS LYS A . n 
A 1 25  ALA 25  23  23  ALA ALA A . n 
A 1 26  GLU 26  24  24  GLU GLU A . n 
A 1 27  ALA 27  25  25  ALA ALA A . n 
A 1 28  SER 28  26  26  SER SER A . n 
A 1 29  PRO 29  27  27  PRO PRO A . n 
A 1 30  ASP 30  28  28  ASP ASP A . n 
A 1 31  THR 31  29  29  THR THR A . n 
A 1 32  ARG 32  30  30  ARG ARG A . n 
A 1 33  TYR 33  31  31  TYR TYR A . n 
A 1 34  TRP 34  32  32  TRP TRP A . n 
A 1 35  LEU 35  33  33  LEU LEU A . n 
A 1 36  GLU 36  34  34  GLU GLU A . n 
A 1 37  GLN 37  35  35  GLN GLN A . n 
A 1 38  SER 38  36  36  SER SER A . n 
A 1 39  ALA 39  37  37  ALA ALA A . n 
A 1 40  ASN 40  38  38  ASN ASN A . n 
A 1 41  GLN 41  39  39  GLN GLN A . n 
A 1 42  GLY 42  40  40  GLY GLY A . n 
A 1 43  TYR 43  41  41  TYR TYR A . n 
A 1 44  LEU 44  42  42  LEU LEU A . n 
A 1 45  PRO 45  43  43  PRO PRO A . n 
A 1 46  ALA 46  44  44  ALA ALA A . n 
A 1 47  GLN 47  45  45  GLN GLN A . n 
A 1 48  LYS 48  46  46  LYS LYS A . n 
A 1 49  GLN 49  47  47  GLN GLN A . n 
A 1 50  LEU 50  48  48  LEU LEU A . n 
A 1 51  ALA 51  49  49  ALA ALA A . n 
A 1 52  ASN 52  50  50  ASN ASN A . n 
A 1 53  ASP 53  51  51  ASP ASP A . n 
A 1 54  PHE 54  52  52  PHE PHE A . n 
A 1 55  ALA 55  53  53  ALA ALA A . n 
A 1 56  LYS 56  54  54  LYS LYS A . n 
A 1 57  GLY 57  55  55  GLY GLY A . n 
A 1 58  ILE 58  56  56  ILE ILE A . n 
A 1 59  ASN 59  57  57  ASN ASN A . n 
A 1 60  GLY 60  58  58  GLY GLY A . n 
A 1 61  GLU 61  59  59  GLU GLU A . n 
A 1 62  LYS 62  60  60  LYS LYS A . n 
A 1 63  ASN 63  61  61  ASN ASN A . n 
A 1 64  GLU 64  62  62  GLU GLU A . n 
A 1 65  THR 65  63  63  THR THR A . n 
A 1 66  GLN 66  64  64  GLN GLN A . n 
A 1 67  ALA 67  65  65  ALA ALA A . n 
A 1 68  LEU 68  66  66  LEU LEU A . n 
A 1 69  TYR 69  67  67  TYR TYR A . n 
A 1 70  TRP 70  68  68  TRP TRP A . n 
A 1 71  LEU 71  69  69  LEU LEU A . n 
A 1 72  THR 72  70  70  THR THR A . n 
A 1 73  SER 73  71  71  SER SER A . n 
A 1 74  ILE 74  72  72  ILE ILE A . n 
A 1 75  ALA 75  73  73  ALA ALA A . n 
A 1 76  LEU 76  74  74  LEU LEU A . n 
A 1 77  ASN 77  75  75  ASN ASN A . n 
A 1 78  ASP 78  76  76  ASP ASP A . n 
A 1 79  PRO 79  77  77  PRO PRO A . n 
A 1 80  THR 80  78  78  THR THR A . n 
A 1 81  ASP 81  79  79  ASP ASP A . n 
A 1 82  GLN 82  80  80  GLN GLN A . n 
A 1 83  GLY 83  81  81  GLY GLY A . n 
A 1 84  PHE 84  82  82  PHE PHE A . n 
A 1 85  LEU 85  83  83  LEU LEU A . n 
A 1 86  LEU 86  84  84  LEU LEU A . n 
A 1 87  ALA 87  85  85  ALA ALA A . n 
A 1 88  ASN 88  86  86  ASN ASN A . n 
A 1 89  PHE 89  87  87  PHE PHE A . n 
A 1 90  ILE 90  88  88  ILE ILE A . n 
A 1 91  GLN 91  89  89  GLN GLN A . n 
A 1 92  ARG 92  90  90  ARG ARG A . n 
A 1 93  ASN 93  91  91  ASN ASN A . n 
A 1 94  GLN 94  92  92  GLN GLN A . n 
A 1 95  ASP 95  93  93  ASP ASP A . n 
A 1 96  LYS 96  94  94  LYS LYS A . n 
A 1 97  VAL 97  95  95  VAL VAL A . n 
A 1 98  THR 98  96  96  THR THR A . n 
A 1 99  THR 99  97  97  THR THR A . n 
A 1 100 SER 100 98  98  SER SER A . n 
A 1 101 GLN 101 99  99  GLN GLN A . n 
A 1 102 LEU 102 100 100 LEU LEU A . n 
A 1 103 THR 103 101 101 THR THR A . n 
A 1 104 GLU 104 102 102 GLU GLU A . n 
A 1 105 ALA 105 103 103 ALA ALA A . n 
A 1 106 LEU 106 104 104 LEU LEU A . n 
A 1 107 TYR 107 105 105 TYR TYR A . n 
A 1 108 GLN 108 106 106 GLN GLN A . n 
A 1 109 MET 109 107 107 MET MET A . n 
A 1 110 ALA 110 108 108 ALA ALA A . n 
A 1 111 SER 111 109 109 SER SER A . n 
A 1 112 GLN 112 110 110 GLN GLN A . n 
A 1 113 HIS 113 111 111 HIS HIS A . n 
A 1 114 ASN 114 112 112 ASN ASN A . n 
A 1 115 PRO 115 113 113 PRO PRO A . n 
A 1 116 ALA 116 114 114 ALA ALA A . n 
A 1 117 ALA 117 115 115 ALA ALA A . n 
A 1 118 GLU 118 116 116 GLU GLU A . n 
A 1 119 GLN 119 117 117 GLN GLN A . n 
A 1 120 ALA 120 118 118 ALA ALA A . n 
A 1 121 TYR 121 119 119 TYR TYR A . n 
A 1 122 ASN 122 120 120 ASN ASN A . n 
A 1 123 GLN 123 121 121 GLN GLN A . n 
A 1 124 LEU 124 122 122 LEU LEU A . n 
A 1 125 LEU 125 123 123 LEU LEU A . n 
A 1 126 GLU 126 124 124 GLU GLU A . n 
A 1 127 GLN 127 125 125 GLN GLN A . n 
A 1 128 ARG 128 126 126 ARG ARG A . n 
A 1 129 PHE 129 127 127 PHE PHE A . n 
A 1 130 ASN 130 128 128 ASN ASN A . n 
A 1 131 GLN 131 129 129 GLN GLN A . n 
A 1 132 LEU 132 130 130 LEU LEU A . n 
A 1 133 ARG 133 131 131 ARG ARG A . n 
# 
loop_
_pdbx_nonpoly_scheme.asym_id 
_pdbx_nonpoly_scheme.entity_id 
_pdbx_nonpoly_scheme.mon_id 
_pdbx_nonpoly_scheme.ndb_seq_num 
_pdbx_nonpoly_scheme.pdb_seq_num 
_pdbx_nonpoly_scheme.auth_seq_num 
_pdbx_nonpoly_scheme.pdb_mon_id 
_pdbx_nonpoly_scheme.auth_mon_id 
_pdbx_nonpoly_scheme.pdb_strand_id 
_pdbx_nonpoly_scheme.pdb_ins_code 
B 2 GOL 1  201 201 GOL GOL A . 
C 3 PO4 1  202 202 PO4 PO4 A . 
D 4 HOH 1  301 30  HOH HOH A . 
D 4 HOH 2  302 47  HOH HOH A . 
D 4 HOH 3  303 45  HOH HOH A . 
D 4 HOH 4  304 31  HOH HOH A . 
D 4 HOH 5  305 1   HOH HOH A . 
D 4 HOH 6  306 32  HOH HOH A . 
D 4 HOH 7  307 28  HOH HOH A . 
D 4 HOH 8  308 42  HOH HOH A . 
D 4 HOH 9  309 18  HOH HOH A . 
D 4 HOH 10 310 6   HOH HOH A . 
D 4 HOH 11 311 8   HOH HOH A . 
D 4 HOH 12 312 35  HOH HOH A . 
D 4 HOH 13 313 5   HOH HOH A . 
D 4 HOH 14 314 39  HOH HOH A . 
D 4 HOH 15 315 10  HOH HOH A . 
D 4 HOH 16 316 15  HOH HOH A . 
D 4 HOH 17 317 9   HOH HOH A . 
D 4 HOH 18 318 11  HOH HOH A . 
D 4 HOH 19 319 38  HOH HOH A . 
D 4 HOH 20 320 25  HOH HOH A . 
D 4 HOH 21 321 48  HOH HOH A . 
D 4 HOH 22 322 20  HOH HOH A . 
D 4 HOH 23 323 14  HOH HOH A . 
D 4 HOH 24 324 2   HOH HOH A . 
D 4 HOH 25 325 37  HOH HOH A . 
D 4 HOH 26 326 7   HOH HOH A . 
D 4 HOH 27 327 33  HOH HOH A . 
D 4 HOH 28 328 4   HOH HOH A . 
D 4 HOH 29 329 17  HOH HOH A . 
D 4 HOH 30 330 16  HOH HOH A . 
D 4 HOH 31 331 40  HOH HOH A . 
D 4 HOH 32 332 3   HOH HOH A . 
D 4 HOH 33 333 26  HOH HOH A . 
D 4 HOH 34 334 12  HOH HOH A . 
D 4 HOH 35 335 13  HOH HOH A . 
D 4 HOH 36 336 22  HOH HOH A . 
D 4 HOH 37 337 41  HOH HOH A . 
D 4 HOH 38 338 36  HOH HOH A . 
D 4 HOH 39 339 29  HOH HOH A . 
D 4 HOH 40 340 27  HOH HOH A . 
D 4 HOH 41 341 46  HOH HOH A . 
D 4 HOH 42 342 44  HOH HOH A . 
D 4 HOH 43 343 19  HOH HOH A . 
D 4 HOH 44 344 43  HOH HOH A . 
D 4 HOH 45 345 23  HOH HOH A . 
D 4 HOH 46 346 24  HOH HOH A . 
D 4 HOH 47 347 21  HOH HOH A . 
D 4 HOH 48 348 34  HOH HOH A . 
# 
loop_
_software.citation_id 
_software.classification 
_software.compiler_name 
_software.compiler_version 
_software.contact_author 
_software.contact_author_email 
_software.date 
_software.description 
_software.dependencies 
_software.hardware 
_software.language 
_software.location 
_software.mods 
_software.name 
_software.os 
_software.os_version 
_software.type 
_software.version 
_software.pdbx_ordinal 
? refinement       ? ? ? ? ? ? ? ? ? ? ? PHENIX  ? ? ? 1.9_1692 1 
? 'data reduction' ? ? ? ? ? ? ? ? ? ? ? MOSFLM  ? ? ? .        2 
? 'data scaling'   ? ? ? ? ? ? ? ? ? ? ? Aimless ? ? ? .        3 
? phasing          ? ? ? ? ? ? ? ? ? ? ? PHENIX  ? ? ? .        4 
# 
_cell.angle_alpha                  90.00 
_cell.angle_alpha_esd              ? 
_cell.angle_beta                   90.00 
_cell.angle_beta_esd               ? 
_cell.angle_gamma                  120.00 
_cell.angle_gamma_esd              ? 
_cell.entry_id                     6IF6 
_cell.details                      ? 
_cell.formula_units_Z              ? 
_cell.length_a                     66.900 
_cell.length_a_esd                 ? 
_cell.length_b                     66.900 
_cell.length_b_esd                 ? 
_cell.length_c                     59.800 
_cell.length_c_esd                 ? 
_cell.volume                       ? 
_cell.volume_esd                   ? 
_cell.Z_PDB                        6 
_cell.reciprocal_angle_alpha       ? 
_cell.reciprocal_angle_beta        ? 
_cell.reciprocal_angle_gamma       ? 
_cell.reciprocal_angle_alpha_esd   ? 
_cell.reciprocal_angle_beta_esd    ? 
_cell.reciprocal_angle_gamma_esd   ? 
_cell.reciprocal_length_a          ? 
_cell.reciprocal_length_b          ? 
_cell.reciprocal_length_c          ? 
_cell.reciprocal_length_a_esd      ? 
_cell.reciprocal_length_b_esd      ? 
_cell.reciprocal_length_c_esd      ? 
_cell.pdbx_unique_axis             ? 
# 
_symmetry.entry_id                         6IF6 
_symmetry.cell_setting                     ? 
_symmetry.Int_Tables_number                152 
_symmetry.space_group_name_Hall            ? 
_symmetry.space_group_name_H-M             'P 31 2 1' 
_symmetry.pdbx_full_space_group_name_H-M   ? 
# 
_exptl.absorpt_coefficient_mu     ? 
_exptl.absorpt_correction_T_max   ? 
_exptl.absorpt_correction_T_min   ? 
_exptl.absorpt_correction_type    ? 
_exptl.absorpt_process_details    ? 
_exptl.entry_id                   6IF6 
_exptl.crystals_number            1 
_exptl.details                    ? 
_exptl.method                     'X-RAY DIFFRACTION' 
_exptl.method_details             ? 
# 
_exptl_crystal.colour                      ? 
_exptl_crystal.density_diffrn              ? 
_exptl_crystal.density_Matthews            2.59 
_exptl_crystal.density_method              ? 
_exptl_crystal.density_percent_sol         52.54 
_exptl_crystal.description                 ? 
_exptl_crystal.F_000                       ? 
_exptl_crystal.id                          1 
_exptl_crystal.preparation                 ? 
_exptl_crystal.size_max                    ? 
_exptl_crystal.size_mid                    ? 
_exptl_crystal.size_min                    ? 
_exptl_crystal.size_rad                    ? 
_exptl_crystal.colour_lustre               ? 
_exptl_crystal.colour_modifier             ? 
_exptl_crystal.colour_primary              ? 
_exptl_crystal.density_meas                ? 
_exptl_crystal.density_meas_esd            ? 
_exptl_crystal.density_meas_gt             ? 
_exptl_crystal.density_meas_lt             ? 
_exptl_crystal.density_meas_temp           ? 
_exptl_crystal.density_meas_temp_esd       ? 
_exptl_crystal.density_meas_temp_gt        ? 
_exptl_crystal.density_meas_temp_lt        ? 
_exptl_crystal.pdbx_crystal_image_url      ? 
_exptl_crystal.pdbx_crystal_image_format   ? 
_exptl_crystal.pdbx_mosaicity              ? 
_exptl_crystal.pdbx_mosaicity_esd          ? 
# 
_exptl_crystal_grow.apparatus       ? 
_exptl_crystal_grow.atmosphere      ? 
_exptl_crystal_grow.crystal_id      1 
_exptl_crystal_grow.details         ? 
_exptl_crystal_grow.method          'VAPOR DIFFUSION, SITTING DROP' 
_exptl_crystal_grow.method_ref      ? 
_exptl_crystal_grow.pH              7.5 
_exptl_crystal_grow.pressure        ? 
_exptl_crystal_grow.pressure_esd    ? 
_exptl_crystal_grow.seeding         ? 
_exptl_crystal_grow.seeding_ref     ? 
_exptl_crystal_grow.temp            293 
_exptl_crystal_grow.temp_details    ? 
_exptl_crystal_grow.temp_esd        ? 
_exptl_crystal_grow.time            ? 
_exptl_crystal_grow.pdbx_details    '0.1M HEPES-NaOH pH 7.5, 0.8M sodium potassium phosphate' 
_exptl_crystal_grow.pdbx_pH_range   ? 
# 
_diffrn.ambient_environment              ? 
_diffrn.ambient_temp                     95 
_diffrn.ambient_temp_details             ? 
_diffrn.ambient_temp_esd                 ? 
_diffrn.crystal_id                       1 
_diffrn.crystal_support                  ? 
_diffrn.crystal_treatment                ? 
_diffrn.details                          ? 
_diffrn.id                               1 
_diffrn.ambient_pressure                 ? 
_diffrn.ambient_pressure_esd             ? 
_diffrn.ambient_pressure_gt              ? 
_diffrn.ambient_pressure_lt              ? 
_diffrn.ambient_temp_gt                  ? 
_diffrn.ambient_temp_lt                  ? 
_diffrn.pdbx_serial_crystal_experiment   ? 
# 
_diffrn_detector.details                      ? 
_diffrn_detector.detector                     PIXEL 
_diffrn_detector.diffrn_id                    1 
_diffrn_detector.type                         'DECTRIS PILATUS3 6M' 
_diffrn_detector.area_resol_mean              ? 
_diffrn_detector.dtime                        ? 
_diffrn_detector.pdbx_frames_total            ? 
_diffrn_detector.pdbx_collection_time_total   ? 
_diffrn_detector.pdbx_collection_date         2014-11-23 
_diffrn_detector.pdbx_frequency               ? 
# 
_diffrn_radiation.collimation                      ? 
_diffrn_radiation.diffrn_id                        1 
_diffrn_radiation.filter_edge                      ? 
_diffrn_radiation.inhomogeneity                    ? 
_diffrn_radiation.monochromator                    ? 
_diffrn_radiation.polarisn_norm                    ? 
_diffrn_radiation.polarisn_ratio                   ? 
_diffrn_radiation.probe                            ? 
_diffrn_radiation.type                             ? 
_diffrn_radiation.xray_symbol                      ? 
_diffrn_radiation.wavelength_id                    1 
_diffrn_radiation.pdbx_monochromatic_or_laue_m_l   M 
_diffrn_radiation.pdbx_wavelength_list             ? 
_diffrn_radiation.pdbx_wavelength                  ? 
_diffrn_radiation.pdbx_diffrn_protocol             'SINGLE WAVELENGTH' 
_diffrn_radiation.pdbx_analyzer                    ? 
_diffrn_radiation.pdbx_scattering_type             x-ray 
# 
_diffrn_radiation_wavelength.id           1 
_diffrn_radiation_wavelength.wavelength   1.000 
_diffrn_radiation_wavelength.wt           1.0 
# 
_diffrn_source.current                     ? 
_diffrn_source.details                     ? 
_diffrn_source.diffrn_id                   1 
_diffrn_source.power                       ? 
_diffrn_source.size                        ? 
_diffrn_source.source                      SYNCHROTRON 
_diffrn_source.target                      ? 
_diffrn_source.type                        'SPRING-8 BEAMLINE BL41XU' 
_diffrn_source.voltage                     ? 
_diffrn_source.take-off_angle              ? 
_diffrn_source.pdbx_wavelength_list        1.000 
_diffrn_source.pdbx_wavelength             ? 
_diffrn_source.pdbx_synchrotron_beamline   BL41XU 
_diffrn_source.pdbx_synchrotron_site       SPring-8 
# 
_reflns.B_iso_Wilson_estimate            20.1 
_reflns.entry_id                         6IF6 
_reflns.data_reduction_details           ? 
_reflns.data_reduction_method            ? 
_reflns.d_resolution_high                1.9 
_reflns.d_resolution_low                 21.9 
_reflns.details                          ? 
_reflns.limit_h_max                      ? 
_reflns.limit_h_min                      ? 
_reflns.limit_k_max                      ? 
_reflns.limit_k_min                      ? 
_reflns.limit_l_max                      ? 
_reflns.limit_l_min                      ? 
_reflns.number_all                       ? 
_reflns.number_obs                       12475 
_reflns.observed_criterion               ? 
_reflns.observed_criterion_F_max         ? 
_reflns.observed_criterion_F_min         ? 
_reflns.observed_criterion_I_max         ? 
_reflns.observed_criterion_I_min         ? 
_reflns.observed_criterion_sigma_F       ? 
_reflns.observed_criterion_sigma_I       ? 
_reflns.percent_possible_obs             99.8 
_reflns.R_free_details                   ? 
_reflns.Rmerge_F_all                     ? 
_reflns.Rmerge_F_obs                     ? 
_reflns.Friedel_coverage                 ? 
_reflns.number_gt                        ? 
_reflns.threshold_expression             ? 
_reflns.pdbx_redundancy                  8.6 
_reflns.pdbx_Rmerge_I_obs                0.078 
_reflns.pdbx_Rmerge_I_all                ? 
_reflns.pdbx_Rsym_value                  ? 
_reflns.pdbx_netI_over_av_sigmaI         ? 
_reflns.pdbx_netI_over_sigmaI            15.6 
_reflns.pdbx_res_netI_over_av_sigmaI_2   ? 
_reflns.pdbx_res_netI_over_sigmaI_2      ? 
_reflns.pdbx_chi_squared                 ? 
_reflns.pdbx_scaling_rejects             ? 
_reflns.pdbx_d_res_high_opt              ? 
_reflns.pdbx_d_res_low_opt               ? 
_reflns.pdbx_d_res_opt_method            ? 
_reflns.phase_calculation_details        ? 
_reflns.pdbx_Rrim_I_all                  ? 
_reflns.pdbx_Rpim_I_all                  ? 
_reflns.pdbx_d_opt                       ? 
_reflns.pdbx_number_measured_all         ? 
_reflns.pdbx_diffrn_id                   1 
_reflns.pdbx_ordinal                     1 
_reflns.pdbx_CC_half                     ? 
_reflns.pdbx_R_split                     ? 
# 
_reflns_shell.d_res_high                  1.90 
_reflns_shell.d_res_low                   1.94 
_reflns_shell.meanI_over_sigI_all         ? 
_reflns_shell.meanI_over_sigI_obs         3.2 
_reflns_shell.number_measured_all         ? 
_reflns_shell.number_measured_obs         ? 
_reflns_shell.number_possible             ? 
_reflns_shell.number_unique_all           ? 
_reflns_shell.number_unique_obs           833 
_reflns_shell.percent_possible_all        98.3 
_reflns_shell.percent_possible_obs        ? 
_reflns_shell.Rmerge_F_all                ? 
_reflns_shell.Rmerge_F_obs                ? 
_reflns_shell.Rmerge_I_all                ? 
_reflns_shell.Rmerge_I_obs                0.583 
_reflns_shell.meanI_over_sigI_gt          ? 
_reflns_shell.meanI_over_uI_all           ? 
_reflns_shell.meanI_over_uI_gt            ? 
_reflns_shell.number_measured_gt          ? 
_reflns_shell.number_unique_gt            ? 
_reflns_shell.percent_possible_gt         ? 
_reflns_shell.Rmerge_F_gt                 ? 
_reflns_shell.Rmerge_I_gt                 ? 
_reflns_shell.pdbx_redundancy             7.2 
_reflns_shell.pdbx_Rsym_value             ? 
_reflns_shell.pdbx_chi_squared            ? 
_reflns_shell.pdbx_netI_over_sigmaI_all   ? 
_reflns_shell.pdbx_netI_over_sigmaI_obs   ? 
_reflns_shell.pdbx_Rrim_I_all             ? 
_reflns_shell.pdbx_Rpim_I_all             ? 
_reflns_shell.pdbx_rejects                ? 
_reflns_shell.pdbx_ordinal                1 
_reflns_shell.pdbx_diffrn_id              1 
_reflns_shell.pdbx_CC_half                ? 
_reflns_shell.pdbx_R_split                ? 
# 
_refine.aniso_B[1][1]                            ? 
_refine.aniso_B[1][2]                            ? 
_refine.aniso_B[1][3]                            ? 
_refine.aniso_B[2][2]                            ? 
_refine.aniso_B[2][3]                            ? 
_refine.aniso_B[3][3]                            ? 
_refine.B_iso_max                                ? 
_refine.B_iso_mean                               ? 
_refine.B_iso_min                                ? 
_refine.correlation_coeff_Fo_to_Fc               ? 
_refine.correlation_coeff_Fo_to_Fc_free          ? 
_refine.details                                  ? 
_refine.diff_density_max                         ? 
_refine.diff_density_max_esd                     ? 
_refine.diff_density_min                         ? 
_refine.diff_density_min_esd                     ? 
_refine.diff_density_rms                         ? 
_refine.diff_density_rms_esd                     ? 
_refine.entry_id                                 6IF6 
_refine.pdbx_refine_id                           'X-RAY DIFFRACTION' 
_refine.ls_abs_structure_details                 ? 
_refine.ls_abs_structure_Flack                   ? 
_refine.ls_abs_structure_Flack_esd               ? 
_refine.ls_abs_structure_Rogers                  ? 
_refine.ls_abs_structure_Rogers_esd              ? 
_refine.ls_d_res_high                            1.9 
_refine.ls_d_res_low                             21.898 
_refine.ls_extinction_coef                       ? 
_refine.ls_extinction_coef_esd                   ? 
_refine.ls_extinction_expression                 ? 
_refine.ls_extinction_method                     ? 
_refine.ls_goodness_of_fit_all                   ? 
_refine.ls_goodness_of_fit_all_esd               ? 
_refine.ls_goodness_of_fit_obs                   ? 
_refine.ls_goodness_of_fit_obs_esd               ? 
_refine.ls_hydrogen_treatment                    ? 
_refine.ls_matrix_type                           ? 
_refine.ls_number_constraints                    ? 
_refine.ls_number_parameters                     ? 
_refine.ls_number_reflns_all                     ? 
_refine.ls_number_reflns_obs                     12457 
_refine.ls_number_reflns_R_free                  1228 
_refine.ls_number_reflns_R_work                  ? 
_refine.ls_number_restraints                     ? 
_refine.ls_percent_reflns_obs                    98.85 
_refine.ls_percent_reflns_R_free                 9.86 
_refine.ls_R_factor_all                          ? 
_refine.ls_R_factor_obs                          0.1804 
_refine.ls_R_factor_R_free                       0.2207 
_refine.ls_R_factor_R_free_error                 ? 
_refine.ls_R_factor_R_free_error_details         ? 
_refine.ls_R_factor_R_work                       0.1761 
_refine.ls_R_Fsqd_factor_obs                     ? 
_refine.ls_R_I_factor_obs                        ? 
_refine.ls_redundancy_reflns_all                 ? 
_refine.ls_redundancy_reflns_obs                 ? 
_refine.ls_restrained_S_all                      ? 
_refine.ls_restrained_S_obs                      ? 
_refine.ls_shift_over_esd_max                    ? 
_refine.ls_shift_over_esd_mean                   ? 
_refine.ls_structure_factor_coef                 ? 
_refine.ls_weighting_details                     ? 
_refine.ls_weighting_scheme                      ? 
_refine.ls_wR_factor_all                         ? 
_refine.ls_wR_factor_obs                         ? 
_refine.ls_wR_factor_R_free                      ? 
_refine.ls_wR_factor_R_work                      ? 
_refine.occupancy_max                            ? 
_refine.occupancy_min                            ? 
_refine.solvent_model_details                    ? 
_refine.solvent_model_param_bsol                 ? 
_refine.solvent_model_param_ksol                 ? 
_refine.ls_R_factor_gt                           ? 
_refine.ls_goodness_of_fit_gt                    ? 
_refine.ls_goodness_of_fit_ref                   ? 
_refine.ls_shift_over_su_max                     ? 
_refine.ls_shift_over_su_max_lt                  ? 
_refine.ls_shift_over_su_mean                    ? 
_refine.ls_shift_over_su_mean_lt                 ? 
_refine.pdbx_ls_sigma_I                          ? 
_refine.pdbx_ls_sigma_F                          1.35 
_refine.pdbx_ls_sigma_Fsqd                       ? 
_refine.pdbx_data_cutoff_high_absF               ? 
_refine.pdbx_data_cutoff_high_rms_absF           ? 
_refine.pdbx_data_cutoff_low_absF                ? 
_refine.pdbx_isotropic_thermal_model             ? 
_refine.pdbx_ls_cross_valid_method               THROUGHOUT 
_refine.pdbx_method_to_determine_struct          SAD 
_refine.pdbx_starting_model                      ? 
_refine.pdbx_stereochemistry_target_values       ? 
_refine.pdbx_R_Free_selection_details            ? 
_refine.pdbx_stereochem_target_val_spec_case     ? 
_refine.pdbx_overall_ESU_R                       ? 
_refine.pdbx_overall_ESU_R_Free                  ? 
_refine.pdbx_solvent_vdw_probe_radii             1.11 
_refine.pdbx_solvent_ion_probe_radii             ? 
_refine.pdbx_solvent_shrinkage_radii             0.90 
_refine.pdbx_real_space_R                        ? 
_refine.pdbx_density_correlation                 ? 
_refine.pdbx_pd_number_of_powder_patterns        ? 
_refine.pdbx_pd_number_of_points                 ? 
_refine.pdbx_pd_meas_number_of_points            ? 
_refine.pdbx_pd_proc_ls_prof_R_factor            ? 
_refine.pdbx_pd_proc_ls_prof_wR_factor           ? 
_refine.pdbx_pd_Marquardt_correlation_coeff      ? 
_refine.pdbx_pd_Fsqrd_R_factor                   ? 
_refine.pdbx_pd_ls_matrix_band_width             ? 
_refine.pdbx_overall_phase_error                 20.93 
_refine.pdbx_overall_SU_R_free_Cruickshank_DPI   ? 
_refine.pdbx_overall_SU_R_free_Blow_DPI          ? 
_refine.pdbx_overall_SU_R_Blow_DPI               ? 
_refine.pdbx_TLS_residual_ADP_flag               ? 
_refine.pdbx_diffrn_id                           1 
_refine.overall_SU_B                             ? 
_refine.overall_SU_ML                            0.22 
_refine.overall_SU_R_Cruickshank_DPI             ? 
_refine.overall_SU_R_free                        ? 
_refine.overall_FOM_free_R_set                   ? 
_refine.overall_FOM_work_R_set                   ? 
_refine.pdbx_average_fsc_overall                 ? 
_refine.pdbx_average_fsc_work                    ? 
_refine.pdbx_average_fsc_free                    ? 
# 
_refine_hist.pdbx_refine_id                   'X-RAY DIFFRACTION' 
_refine_hist.cycle_id                         LAST 
_refine_hist.pdbx_number_atoms_protein        1052 
_refine_hist.pdbx_number_atoms_nucleic_acid   0 
_refine_hist.pdbx_number_atoms_ligand         11 
_refine_hist.number_atoms_solvent             48 
_refine_hist.number_atoms_total               1111 
_refine_hist.d_res_high                       1.9 
_refine_hist.d_res_low                        21.898 
# 
loop_
_refine_ls_restr.pdbx_refine_id 
_refine_ls_restr.criterion 
_refine_ls_restr.dev_ideal 
_refine_ls_restr.dev_ideal_target 
_refine_ls_restr.number 
_refine_ls_restr.rejects 
_refine_ls_restr.type 
_refine_ls_restr.weight 
_refine_ls_restr.pdbx_restraint_function 
'X-RAY DIFFRACTION' ? 0.009  ? 1082 ? f_bond_d           ? ? 
'X-RAY DIFFRACTION' ? 1.078  ? 1470 ? f_angle_d          ? ? 
'X-RAY DIFFRACTION' ? 16.429 ? 401  ? f_dihedral_angle_d ? ? 
'X-RAY DIFFRACTION' ? 0.049  ? 154  ? f_chiral_restr     ? ? 
'X-RAY DIFFRACTION' ? 0.006  ? 200  ? f_plane_restr      ? ? 
# 
loop_
_refine_ls_shell.pdbx_refine_id 
_refine_ls_shell.d_res_high 
_refine_ls_shell.d_res_low 
_refine_ls_shell.number_reflns_all 
_refine_ls_shell.number_reflns_obs 
_refine_ls_shell.number_reflns_R_free 
_refine_ls_shell.number_reflns_R_work 
_refine_ls_shell.percent_reflns_obs 
_refine_ls_shell.percent_reflns_R_free 
_refine_ls_shell.R_factor_all 
_refine_ls_shell.R_factor_obs 
_refine_ls_shell.R_factor_R_free 
_refine_ls_shell.R_factor_R_free_error 
_refine_ls_shell.R_factor_R_work 
_refine_ls_shell.redundancy_reflns_all 
_refine_ls_shell.redundancy_reflns_obs 
_refine_ls_shell.wR_factor_all 
_refine_ls_shell.wR_factor_obs 
_refine_ls_shell.wR_factor_R_free 
_refine_ls_shell.wR_factor_R_work 
_refine_ls_shell.pdbx_total_number_of_bins_used 
_refine_ls_shell.pdbx_phase_error 
_refine_ls_shell.pdbx_fsc_work 
_refine_ls_shell.pdbx_fsc_free 
'X-RAY DIFFRACTION' 1.8972 1.9731  . . 136 1226 98.00  . . . 0.3225 . 0.2334 . . . . . . . . . . 
'X-RAY DIFFRACTION' 1.9731 2.0629  . . 127 1221 100.00 . . . 0.2338 . 0.1896 . . . . . . . . . . 
'X-RAY DIFFRACTION' 2.0629 2.1715  . . 131 1254 100.00 . . . 0.2299 . 0.1761 . . . . . . . . . . 
'X-RAY DIFFRACTION' 2.1715 2.3074  . . 136 1246 99.00  . . . 0.2168 . 0.1682 . . . . . . . . . . 
'X-RAY DIFFRACTION' 2.3074 2.4854  . . 135 1232 98.00  . . . 0.2452 . 0.1839 . . . . . . . . . . 
'X-RAY DIFFRACTION' 2.4854 2.7351  . . 139 1227 100.00 . . . 0.2084 . 0.1910 . . . . . . . . . . 
'X-RAY DIFFRACTION' 2.7351 3.1298  . . 141 1252 99.00  . . . 0.2755 . 0.1891 . . . . . . . . . . 
'X-RAY DIFFRACTION' 3.1298 3.9395  . . 136 1249 97.00  . . . 0.1995 . 0.1671 . . . . . . . . . . 
'X-RAY DIFFRACTION' 3.9395 21.8996 . . 147 1322 99.00  . . . 0.1936 . 0.1609 . . . . . . . . . . 
# 
_struct.entry_id                     6IF6 
_struct.title                        'Structure of the periplasmic domain of SflA' 
_struct.pdbx_model_details           ? 
_struct.pdbx_formula_weight          ? 
_struct.pdbx_formula_weight_method   ? 
_struct.pdbx_model_type_details      ? 
_struct.pdbx_CASP_flag               N 
# 
_struct_keywords.entry_id        6IF6 
_struct_keywords.text            'Flagellar formation control, single transmembrane protein, MEMBRANE PROTEIN' 
_struct_keywords.pdbx_keywords   'MEMBRANE PROTEIN' 
# 
loop_
_struct_asym.id 
_struct_asym.pdbx_blank_PDB_chainid_flag 
_struct_asym.pdbx_modified 
_struct_asym.entity_id 
_struct_asym.details 
A N N 1 ? 
B N N 2 ? 
C N N 3 ? 
D N N 4 ? 
# 
_struct_ref.id                         1 
_struct_ref.db_name                    PDB 
_struct_ref.db_code                    6IF6 
_struct_ref.pdbx_db_accession          6IF6 
_struct_ref.pdbx_db_isoform            ? 
_struct_ref.entity_id                  1 
_struct_ref.pdbx_seq_one_letter_code   ? 
_struct_ref.pdbx_align_begin           1 
# 
_struct_ref_seq.align_id                      1 
_struct_ref_seq.ref_id                        1 
_struct_ref_seq.pdbx_PDB_id_code              6IF6 
_struct_ref_seq.pdbx_strand_id                A 
_struct_ref_seq.seq_align_beg                 1 
_struct_ref_seq.pdbx_seq_align_beg_ins_code   ? 
_struct_ref_seq.seq_align_end                 133 
_struct_ref_seq.pdbx_seq_align_end_ins_code   ? 
_struct_ref_seq.pdbx_db_accession             6IF6 
_struct_ref_seq.db_align_beg                  -1 
_struct_ref_seq.pdbx_db_align_beg_ins_code    ? 
_struct_ref_seq.db_align_end                  131 
_struct_ref_seq.pdbx_db_align_end_ins_code    ? 
_struct_ref_seq.pdbx_auth_seq_align_beg       -1 
_struct_ref_seq.pdbx_auth_seq_align_end       131 
# 
_pdbx_struct_assembly.id                   1 
_pdbx_struct_assembly.details              author_and_software_defined_assembly 
_pdbx_struct_assembly.method_details       PISA 
_pdbx_struct_assembly.oligomeric_details   dimeric 
_pdbx_struct_assembly.oligomeric_count     2 
# 
loop_
_pdbx_struct_assembly_prop.biol_id 
_pdbx_struct_assembly_prop.type 
_pdbx_struct_assembly_prop.value 
_pdbx_struct_assembly_prop.details 
1 'ABSA (A^2)' 3260  ? 
1 MORE         -27   ? 
1 'SSA (A^2)'  13680 ? 
# 
_pdbx_struct_assembly_gen.assembly_id       1 
_pdbx_struct_assembly_gen.oper_expression   1,2 
_pdbx_struct_assembly_gen.asym_id_list      A,B,C,D 
# 
_pdbx_struct_assembly_auth_evidence.id                     1 
_pdbx_struct_assembly_auth_evidence.assembly_id            1 
_pdbx_struct_assembly_auth_evidence.experimental_support   'gel filtration' 
_pdbx_struct_assembly_auth_evidence.details                ? 
# 
loop_
_pdbx_struct_oper_list.id 
_pdbx_struct_oper_list.type 
_pdbx_struct_oper_list.name 
_pdbx_struct_oper_list.symmetry_operation 
_pdbx_struct_oper_list.matrix[1][1] 
_pdbx_struct_oper_list.matrix[1][2] 
_pdbx_struct_oper_list.matrix[1][3] 
_pdbx_struct_oper_list.vector[1] 
_pdbx_struct_oper_list.matrix[2][1] 
_pdbx_struct_oper_list.matrix[2][2] 
_pdbx_struct_oper_list.matrix[2][3] 
_pdbx_struct_oper_list.vector[2] 
_pdbx_struct_oper_list.matrix[3][1] 
_pdbx_struct_oper_list.matrix[3][2] 
_pdbx_struct_oper_list.matrix[3][3] 
_pdbx_struct_oper_list.vector[3] 
1 'identity operation'         1_555 x,y,z    1.0000000000 0.0000000000 0.0000000000  0.0000000000   0.0000000000 1.0000000000  0.0000000000  0.0000000000  0.0000000000  0.0000000000  1.0000000000  0.0000000000   
2 'crystal symmetry operation' 4_556 y,x,-z+1 0.5943237657 0.5312531335 -0.6037792392 -11.7524628555 0.5312531335 -0.8229783072 -0.2011885036 21.6398525180 -0.6037792392 -0.2011885036 -0.7713454585 -11.9927796569 
# 
loop_
_struct_conf.conf_type_id 
_struct_conf.id 
_struct_conf.pdbx_PDB_helix_id 
_struct_conf.beg_label_comp_id 
_struct_conf.beg_label_asym_id 
_struct_conf.beg_label_seq_id 
_struct_conf.pdbx_beg_PDB_ins_code 
_struct_conf.end_label_comp_id 
_struct_conf.end_label_asym_id 
_struct_conf.end_label_seq_id 
_struct_conf.pdbx_end_PDB_ins_code 
_struct_conf.beg_auth_comp_id 
_struct_conf.beg_auth_asym_id 
_struct_conf.beg_auth_seq_id 
_struct_conf.end_auth_comp_id 
_struct_conf.end_auth_asym_id 
_struct_conf.end_auth_seq_id 
_struct_conf.pdbx_PDB_helix_class 
_struct_conf.details 
_struct_conf.pdbx_PDB_helix_length 
HELX_P HELX_P1 AA1 ASP A 8   ? SER A 22  ? ASP A 6   SER A 20  1 ? 15 
HELX_P HELX_P2 AA2 SER A 28  ? GLN A 41  ? SER A 26  GLN A 39  1 ? 14 
HELX_P HELX_P3 AA3 TYR A 43  ? GLY A 57  ? TYR A 41  GLY A 55  1 ? 15 
HELX_P HELX_P4 AA4 ASN A 63  ? ASP A 78  ? ASN A 61  ASP A 76  1 ? 16 
HELX_P HELX_P5 AA5 GLY A 83  ? ASN A 93  ? GLY A 81  ASN A 91  1 ? 11 
HELX_P HELX_P6 AA6 THR A 98  ? SER A 111 ? THR A 96  SER A 109 1 ? 14 
HELX_P HELX_P7 AA7 ASN A 114 ? GLN A 131 ? ASN A 112 GLN A 129 1 ? 18 
# 
_struct_conf_type.id          HELX_P 
_struct_conf_type.criteria    ? 
_struct_conf_type.reference   ? 
# 
loop_
_struct_site.id 
_struct_site.pdbx_evidence_code 
_struct_site.pdbx_auth_asym_id 
_struct_site.pdbx_auth_comp_id 
_struct_site.pdbx_auth_seq_id 
_struct_site.pdbx_auth_ins_code 
_struct_site.pdbx_num_residues 
_struct_site.details 
AC1 Software A GOL 201 ? 8 'binding site for residue GOL A 201' 
AC2 Software A PO4 202 ? 5 'binding site for residue PO4 A 202' 
# 
loop_
_struct_site_gen.id 
_struct_site_gen.site_id 
_struct_site_gen.pdbx_num_res 
_struct_site_gen.label_comp_id 
_struct_site_gen.label_asym_id 
_struct_site_gen.label_seq_id 
_struct_site_gen.pdbx_auth_ins_code 
_struct_site_gen.auth_comp_id 
_struct_site_gen.auth_asym_id 
_struct_site_gen.auth_seq_id 
_struct_site_gen.label_atom_id 
_struct_site_gen.label_alt_id 
_struct_site_gen.symmetry 
_struct_site_gen.details 
1  AC1 8 ARG A 32 ? ARG A 30  . ? 1_555 ? 
2  AC1 8 GLU A 36 ? GLU A 34  . ? 1_555 ? 
3  AC1 8 LYS A 48 ? LYS A 46  . ? 3_664 ? 
4  AC1 8 PHE A 54 ? PHE A 52  . ? 1_555 ? 
5  AC1 8 GLU A 61 ? GLU A 59  . ? 1_555 ? 
6  AC1 8 ASN A 63 ? ASN A 61  . ? 1_555 ? 
7  AC1 8 HOH D .  ? HOH A 301 . ? 1_555 ? 
8  AC1 8 HOH D .  ? HOH A 340 . ? 1_555 ? 
9  AC2 5 ASP A 30 ? ASP A 28  . ? 2_655 ? 
10 AC2 5 ALA A 55 ? ALA A 53  . ? 1_555 ? 
11 AC2 5 LYS A 56 ? LYS A 54  . ? 1_555 ? 
12 AC2 5 ARG A 92 ? ARG A 90  . ? 1_555 ? 
13 AC2 5 ASN A 93 ? ASN A 91  . ? 1_555 ? 
# 
loop_
_pdbx_validate_close_contact.id 
_pdbx_validate_close_contact.PDB_model_num 
_pdbx_validate_close_contact.auth_atom_id_1 
_pdbx_validate_close_contact.auth_asym_id_1 
_pdbx_validate_close_contact.auth_comp_id_1 
_pdbx_validate_close_contact.auth_seq_id_1 
_pdbx_validate_close_contact.PDB_ins_code_1 
_pdbx_validate_close_contact.label_alt_id_1 
_pdbx_validate_close_contact.auth_atom_id_2 
_pdbx_validate_close_contact.auth_asym_id_2 
_pdbx_validate_close_contact.auth_comp_id_2 
_pdbx_validate_close_contact.auth_seq_id_2 
_pdbx_validate_close_contact.PDB_ins_code_2 
_pdbx_validate_close_contact.label_alt_id_2 
_pdbx_validate_close_contact.dist 
1 1 O  A HOH 345 ? ? O A HOH 346 ? ? 2.16 
2 1 O2 A GOL 201 ? ? O A HOH 301 ? ? 2.19 
# 
loop_
_pdbx_validate_torsion.id 
_pdbx_validate_torsion.PDB_model_num 
_pdbx_validate_torsion.auth_comp_id 
_pdbx_validate_torsion.auth_asym_id 
_pdbx_validate_torsion.auth_seq_id 
_pdbx_validate_torsion.PDB_ins_code 
_pdbx_validate_torsion.label_alt_id 
_pdbx_validate_torsion.phi 
_pdbx_validate_torsion.psi 
1 1 ALA A 3  ? ? -150.89 84.57  
2 1 GLU A 24 ? ? 67.67   -21.75 
3 1 ASP A 79 ? ? -101.28 -64.71 
# 
_pdbx_struct_special_symmetry.id              1 
_pdbx_struct_special_symmetry.PDB_model_num   1 
_pdbx_struct_special_symmetry.auth_asym_id    A 
_pdbx_struct_special_symmetry.auth_comp_id    HOH 
_pdbx_struct_special_symmetry.auth_seq_id     316 
_pdbx_struct_special_symmetry.PDB_ins_code    ? 
_pdbx_struct_special_symmetry.label_asym_id   D 
_pdbx_struct_special_symmetry.label_comp_id   HOH 
_pdbx_struct_special_symmetry.label_seq_id    . 
# 
_pdbx_entry_details.compound_details         ? 
_pdbx_entry_details.entry_id                 6IF6 
_pdbx_entry_details.has_ligand_of_interest   ? 
_pdbx_entry_details.nonpolymer_details       ? 
_pdbx_entry_details.sequence_details         'N-terminal HM is remnant of the His-tag.' 
_pdbx_entry_details.source_details           ? 
# 
loop_
_pdbx_unobs_or_zero_occ_residues.id 
_pdbx_unobs_or_zero_occ_residues.PDB_model_num 
_pdbx_unobs_or_zero_occ_residues.polymer_flag 
_pdbx_unobs_or_zero_occ_residues.occupancy_flag 
_pdbx_unobs_or_zero_occ_residues.auth_asym_id 
_pdbx_unobs_or_zero_occ_residues.auth_comp_id 
_pdbx_unobs_or_zero_occ_residues.auth_seq_id 
_pdbx_unobs_or_zero_occ_residues.PDB_ins_code 
_pdbx_unobs_or_zero_occ_residues.label_asym_id 
_pdbx_unobs_or_zero_occ_residues.label_comp_id 
_pdbx_unobs_or_zero_occ_residues.label_seq_id 
1 1 Y 1 A HIS -1 ? A HIS 1 
2 1 Y 1 A MET 0  ? A MET 2 
# 
loop_
_chem_comp_atom.comp_id 
_chem_comp_atom.atom_id 
_chem_comp_atom.type_symbol 
_chem_comp_atom.pdbx_aromatic_flag 
_chem_comp_atom.pdbx_stereo_config 
_chem_comp_atom.pdbx_ordinal 
ALA N    N N N 1   
ALA CA   C N S 2   
ALA C    C N N 3   
ALA O    O N N 4   
ALA CB   C N N 5   
ALA OXT  O N N 6   
ALA H    H N N 7   
ALA H2   H N N 8   
ALA HA   H N N 9   
ALA HB1  H N N 10  
ALA HB2  H N N 11  
ALA HB3  H N N 12  
ALA HXT  H N N 13  
ARG N    N N N 14  
ARG CA   C N S 15  
ARG C    C N N 16  
ARG O    O N N 17  
ARG CB   C N N 18  
ARG CG   C N N 19  
ARG CD   C N N 20  
ARG NE   N N N 21  
ARG CZ   C N N 22  
ARG NH1  N N N 23  
ARG NH2  N N N 24  
ARG OXT  O N N 25  
ARG H    H N N 26  
ARG H2   H N N 27  
ARG HA   H N N 28  
ARG HB2  H N N 29  
ARG HB3  H N N 30  
ARG HG2  H N N 31  
ARG HG3  H N N 32  
ARG HD2  H N N 33  
ARG HD3  H N N 34  
ARG HE   H N N 35  
ARG HH11 H N N 36  
ARG HH12 H N N 37  
ARG HH21 H N N 38  
ARG HH22 H N N 39  
ARG HXT  H N N 40  
ASN N    N N N 41  
ASN CA   C N S 42  
ASN C    C N N 43  
ASN O    O N N 44  
ASN CB   C N N 45  
ASN CG   C N N 46  
ASN OD1  O N N 47  
ASN ND2  N N N 48  
ASN OXT  O N N 49  
ASN H    H N N 50  
ASN H2   H N N 51  
ASN HA   H N N 52  
ASN HB2  H N N 53  
ASN HB3  H N N 54  
ASN HD21 H N N 55  
ASN HD22 H N N 56  
ASN HXT  H N N 57  
ASP N    N N N 58  
ASP CA   C N S 59  
ASP C    C N N 60  
ASP O    O N N 61  
ASP CB   C N N 62  
ASP CG   C N N 63  
ASP OD1  O N N 64  
ASP OD2  O N N 65  
ASP OXT  O N N 66  
ASP H    H N N 67  
ASP H2   H N N 68  
ASP HA   H N N 69  
ASP HB2  H N N 70  
ASP HB3  H N N 71  
ASP HD2  H N N 72  
ASP HXT  H N N 73  
GLN N    N N N 74  
GLN CA   C N S 75  
GLN C    C N N 76  
GLN O    O N N 77  
GLN CB   C N N 78  
GLN CG   C N N 79  
GLN CD   C N N 80  
GLN OE1  O N N 81  
GLN NE2  N N N 82  
GLN OXT  O N N 83  
GLN H    H N N 84  
GLN H2   H N N 85  
GLN HA   H N N 86  
GLN HB2  H N N 87  
GLN HB3  H N N 88  
GLN HG2  H N N 89  
GLN HG3  H N N 90  
GLN HE21 H N N 91  
GLN HE22 H N N 92  
GLN HXT  H N N 93  
GLU N    N N N 94  
GLU CA   C N S 95  
GLU C    C N N 96  
GLU O    O N N 97  
GLU CB   C N N 98  
GLU CG   C N N 99  
GLU CD   C N N 100 
GLU OE1  O N N 101 
GLU OE2  O N N 102 
GLU OXT  O N N 103 
GLU H    H N N 104 
GLU H2   H N N 105 
GLU HA   H N N 106 
GLU HB2  H N N 107 
GLU HB3  H N N 108 
GLU HG2  H N N 109 
GLU HG3  H N N 110 
GLU HE2  H N N 111 
GLU HXT  H N N 112 
GLY N    N N N 113 
GLY CA   C N N 114 
GLY C    C N N 115 
GLY O    O N N 116 
GLY OXT  O N N 117 
GLY H    H N N 118 
GLY H2   H N N 119 
GLY HA2  H N N 120 
GLY HA3  H N N 121 
GLY HXT  H N N 122 
GOL C1   C N N 123 
GOL O1   O N N 124 
GOL C2   C N N 125 
GOL O2   O N N 126 
GOL C3   C N N 127 
GOL O3   O N N 128 
GOL H11  H N N 129 
GOL H12  H N N 130 
GOL HO1  H N N 131 
GOL H2   H N N 132 
GOL HO2  H N N 133 
GOL H31  H N N 134 
GOL H32  H N N 135 
GOL HO3  H N N 136 
HIS N    N N N 137 
HIS CA   C N S 138 
HIS C    C N N 139 
HIS O    O N N 140 
HIS CB   C N N 141 
HIS CG   C Y N 142 
HIS ND1  N Y N 143 
HIS CD2  C Y N 144 
HIS CE1  C Y N 145 
HIS NE2  N Y N 146 
HIS OXT  O N N 147 
HIS H    H N N 148 
HIS H2   H N N 149 
HIS HA   H N N 150 
HIS HB2  H N N 151 
HIS HB3  H N N 152 
HIS HD1  H N N 153 
HIS HD2  H N N 154 
HIS HE1  H N N 155 
HIS HE2  H N N 156 
HIS HXT  H N N 157 
HOH O    O N N 158 
HOH H1   H N N 159 
HOH H2   H N N 160 
ILE N    N N N 161 
ILE CA   C N S 162 
ILE C    C N N 163 
ILE O    O N N 164 
ILE CB   C N S 165 
ILE CG1  C N N 166 
ILE CG2  C N N 167 
ILE CD1  C N N 168 
ILE OXT  O N N 169 
ILE H    H N N 170 
ILE H2   H N N 171 
ILE HA   H N N 172 
ILE HB   H N N 173 
ILE HG12 H N N 174 
ILE HG13 H N N 175 
ILE HG21 H N N 176 
ILE HG22 H N N 177 
ILE HG23 H N N 178 
ILE HD11 H N N 179 
ILE HD12 H N N 180 
ILE HD13 H N N 181 
ILE HXT  H N N 182 
LEU N    N N N 183 
LEU CA   C N S 184 
LEU C    C N N 185 
LEU O    O N N 186 
LEU CB   C N N 187 
LEU CG   C N N 188 
LEU CD1  C N N 189 
LEU CD2  C N N 190 
LEU OXT  O N N 191 
LEU H    H N N 192 
LEU H2   H N N 193 
LEU HA   H N N 194 
LEU HB2  H N N 195 
LEU HB3  H N N 196 
LEU HG   H N N 197 
LEU HD11 H N N 198 
LEU HD12 H N N 199 
LEU HD13 H N N 200 
LEU HD21 H N N 201 
LEU HD22 H N N 202 
LEU HD23 H N N 203 
LEU HXT  H N N 204 
LYS N    N N N 205 
LYS CA   C N S 206 
LYS C    C N N 207 
LYS O    O N N 208 
LYS CB   C N N 209 
LYS CG   C N N 210 
LYS CD   C N N 211 
LYS CE   C N N 212 
LYS NZ   N N N 213 
LYS OXT  O N N 214 
LYS H    H N N 215 
LYS H2   H N N 216 
LYS HA   H N N 217 
LYS HB2  H N N 218 
LYS HB3  H N N 219 
LYS HG2  H N N 220 
LYS HG3  H N N 221 
LYS HD2  H N N 222 
LYS HD3  H N N 223 
LYS HE2  H N N 224 
LYS HE3  H N N 225 
LYS HZ1  H N N 226 
LYS HZ2  H N N 227 
LYS HZ3  H N N 228 
LYS HXT  H N N 229 
MET N    N N N 230 
MET CA   C N S 231 
MET C    C N N 232 
MET O    O N N 233 
MET CB   C N N 234 
MET CG   C N N 235 
MET SD   S N N 236 
MET CE   C N N 237 
MET OXT  O N N 238 
MET H    H N N 239 
MET H2   H N N 240 
MET HA   H N N 241 
MET HB2  H N N 242 
MET HB3  H N N 243 
MET HG2  H N N 244 
MET HG3  H N N 245 
MET HE1  H N N 246 
MET HE2  H N N 247 
MET HE3  H N N 248 
MET HXT  H N N 249 
PHE N    N N N 250 
PHE CA   C N S 251 
PHE C    C N N 252 
PHE O    O N N 253 
PHE CB   C N N 254 
PHE CG   C Y N 255 
PHE CD1  C Y N 256 
PHE CD2  C Y N 257 
PHE CE1  C Y N 258 
PHE CE2  C Y N 259 
PHE CZ   C Y N 260 
PHE OXT  O N N 261 
PHE H    H N N 262 
PHE H2   H N N 263 
PHE HA   H N N 264 
PHE HB2  H N N 265 
PHE HB3  H N N 266 
PHE HD1  H N N 267 
PHE HD2  H N N 268 
PHE HE1  H N N 269 
PHE HE2  H N N 270 
PHE HZ   H N N 271 
PHE HXT  H N N 272 
PO4 P    P N N 273 
PO4 O1   O N N 274 
PO4 O2   O N N 275 
PO4 O3   O N N 276 
PO4 O4   O N N 277 
PRO N    N N N 278 
PRO CA   C N S 279 
PRO C    C N N 280 
PRO O    O N N 281 
PRO CB   C N N 282 
PRO CG   C N N 283 
PRO CD   C N N 284 
PRO OXT  O N N 285 
PRO H    H N N 286 
PRO HA   H N N 287 
PRO HB2  H N N 288 
PRO HB3  H N N 289 
PRO HG2  H N N 290 
PRO HG3  H N N 291 
PRO HD2  H N N 292 
PRO HD3  H N N 293 
PRO HXT  H N N 294 
SER N    N N N 295 
SER CA   C N S 296 
SER C    C N N 297 
SER O    O N N 298 
SER CB   C N N 299 
SER OG   O N N 300 
SER OXT  O N N 301 
SER H    H N N 302 
SER H2   H N N 303 
SER HA   H N N 304 
SER HB2  H N N 305 
SER HB3  H N N 306 
SER HG   H N N 307 
SER HXT  H N N 308 
THR N    N N N 309 
THR CA   C N S 310 
THR C    C N N 311 
THR O    O N N 312 
THR CB   C N R 313 
THR OG1  O N N 314 
THR CG2  C N N 315 
THR OXT  O N N 316 
THR H    H N N 317 
THR H2   H N N 318 
THR HA   H N N 319 
THR HB   H N N 320 
THR HG1  H N N 321 
THR HG21 H N N 322 
THR HG22 H N N 323 
THR HG23 H N N 324 
THR HXT  H N N 325 
TRP N    N N N 326 
TRP CA   C N S 327 
TRP C    C N N 328 
TRP O    O N N 329 
TRP CB   C N N 330 
TRP CG   C Y N 331 
TRP CD1  C Y N 332 
TRP CD2  C Y N 333 
TRP NE1  N Y N 334 
TRP CE2  C Y N 335 
TRP CE3  C Y N 336 
TRP CZ2  C Y N 337 
TRP CZ3  C Y N 338 
TRP CH2  C Y N 339 
TRP OXT  O N N 340 
TRP H    H N N 341 
TRP H2   H N N 342 
TRP HA   H N N 343 
TRP HB2  H N N 344 
TRP HB3  H N N 345 
TRP HD1  H N N 346 
TRP HE1  H N N 347 
TRP HE3  H N N 348 
TRP HZ2  H N N 349 
TRP HZ3  H N N 350 
TRP HH2  H N N 351 
TRP HXT  H N N 352 
TYR N    N N N 353 
TYR CA   C N S 354 
TYR C    C N N 355 
TYR O    O N N 356 
TYR CB   C N N 357 
TYR CG   C Y N 358 
TYR CD1  C Y N 359 
TYR CD2  C Y N 360 
TYR CE1  C Y N 361 
TYR CE2  C Y N 362 
TYR CZ   C Y N 363 
TYR OH   O N N 364 
TYR OXT  O N N 365 
TYR H    H N N 366 
TYR H2   H N N 367 
TYR HA   H N N 368 
TYR HB2  H N N 369 
TYR HB3  H N N 370 
TYR HD1  H N N 371 
TYR HD2  H N N 372 
TYR HE1  H N N 373 
TYR HE2  H N N 374 
TYR HH   H N N 375 
TYR HXT  H N N 376 
VAL N    N N N 377 
VAL CA   C N S 378 
VAL C    C N N 379 
VAL O    O N N 380 
VAL CB   C N N 381 
VAL CG1  C N N 382 
VAL CG2  C N N 383 
VAL OXT  O N N 384 
VAL H    H N N 385 
VAL H2   H N N 386 
VAL HA   H N N 387 
VAL HB   H N N 388 
VAL HG11 H N N 389 
VAL HG12 H N N 390 
VAL HG13 H N N 391 
VAL HG21 H N N 392 
VAL HG22 H N N 393 
VAL HG23 H N N 394 
VAL HXT  H N N 395 
# 
loop_
_chem_comp_bond.comp_id 
_chem_comp_bond.atom_id_1 
_chem_comp_bond.atom_id_2 
_chem_comp_bond.value_order 
_chem_comp_bond.pdbx_aromatic_flag 
_chem_comp_bond.pdbx_stereo_config 
_chem_comp_bond.pdbx_ordinal 
ALA N   CA   sing N N 1   
ALA N   H    sing N N 2   
ALA N   H2   sing N N 3   
ALA CA  C    sing N N 4   
ALA CA  CB   sing N N 5   
ALA CA  HA   sing N N 6   
ALA C   O    doub N N 7   
ALA C   OXT  sing N N 8   
ALA CB  HB1  sing N N 9   
ALA CB  HB2  sing N N 10  
ALA CB  HB3  sing N N 11  
ALA OXT HXT  sing N N 12  
ARG N   CA   sing N N 13  
ARG N   H    sing N N 14  
ARG N   H2   sing N N 15  
ARG CA  C    sing N N 16  
ARG CA  CB   sing N N 17  
ARG CA  HA   sing N N 18  
ARG C   O    doub N N 19  
ARG C   OXT  sing N N 20  
ARG CB  CG   sing N N 21  
ARG CB  HB2  sing N N 22  
ARG CB  HB3  sing N N 23  
ARG CG  CD   sing N N 24  
ARG CG  HG2  sing N N 25  
ARG CG  HG3  sing N N 26  
ARG CD  NE   sing N N 27  
ARG CD  HD2  sing N N 28  
ARG CD  HD3  sing N N 29  
ARG NE  CZ   sing N N 30  
ARG NE  HE   sing N N 31  
ARG CZ  NH1  sing N N 32  
ARG CZ  NH2  doub N N 33  
ARG NH1 HH11 sing N N 34  
ARG NH1 HH12 sing N N 35  
ARG NH2 HH21 sing N N 36  
ARG NH2 HH22 sing N N 37  
ARG OXT HXT  sing N N 38  
ASN N   CA   sing N N 39  
ASN N   H    sing N N 40  
ASN N   H2   sing N N 41  
ASN CA  C    sing N N 42  
ASN CA  CB   sing N N 43  
ASN CA  HA   sing N N 44  
ASN C   O    doub N N 45  
ASN C   OXT  sing N N 46  
ASN CB  CG   sing N N 47  
ASN CB  HB2  sing N N 48  
ASN CB  HB3  sing N N 49  
ASN CG  OD1  doub N N 50  
ASN CG  ND2  sing N N 51  
ASN ND2 HD21 sing N N 52  
ASN ND2 HD22 sing N N 53  
ASN OXT HXT  sing N N 54  
ASP N   CA   sing N N 55  
ASP N   H    sing N N 56  
ASP N   H2   sing N N 57  
ASP CA  C    sing N N 58  
ASP CA  CB   sing N N 59  
ASP CA  HA   sing N N 60  
ASP C   O    doub N N 61  
ASP C   OXT  sing N N 62  
ASP CB  CG   sing N N 63  
ASP CB  HB2  sing N N 64  
ASP CB  HB3  sing N N 65  
ASP CG  OD1  doub N N 66  
ASP CG  OD2  sing N N 67  
ASP OD2 HD2  sing N N 68  
ASP OXT HXT  sing N N 69  
GLN N   CA   sing N N 70  
GLN N   H    sing N N 71  
GLN N   H2   sing N N 72  
GLN CA  C    sing N N 73  
GLN CA  CB   sing N N 74  
GLN CA  HA   sing N N 75  
GLN C   O    doub N N 76  
GLN C   OXT  sing N N 77  
GLN CB  CG   sing N N 78  
GLN CB  HB2  sing N N 79  
GLN CB  HB3  sing N N 80  
GLN CG  CD   sing N N 81  
GLN CG  HG2  sing N N 82  
GLN CG  HG3  sing N N 83  
GLN CD  OE1  doub N N 84  
GLN CD  NE2  sing N N 85  
GLN NE2 HE21 sing N N 86  
GLN NE2 HE22 sing N N 87  
GLN OXT HXT  sing N N 88  
GLU N   CA   sing N N 89  
GLU N   H    sing N N 90  
GLU N   H2   sing N N 91  
GLU CA  C    sing N N 92  
GLU CA  CB   sing N N 93  
GLU CA  HA   sing N N 94  
GLU C   O    doub N N 95  
GLU C   OXT  sing N N 96  
GLU CB  CG   sing N N 97  
GLU CB  HB2  sing N N 98  
GLU CB  HB3  sing N N 99  
GLU CG  CD   sing N N 100 
GLU CG  HG2  sing N N 101 
GLU CG  HG3  sing N N 102 
GLU CD  OE1  doub N N 103 
GLU CD  OE2  sing N N 104 
GLU OE2 HE2  sing N N 105 
GLU OXT HXT  sing N N 106 
GLY N   CA   sing N N 107 
GLY N   H    sing N N 108 
GLY N   H2   sing N N 109 
GLY CA  C    sing N N 110 
GLY CA  HA2  sing N N 111 
GLY CA  HA3  sing N N 112 
GLY C   O    doub N N 113 
GLY C   OXT  sing N N 114 
GLY OXT HXT  sing N N 115 
GOL C1  O1   sing N N 116 
GOL C1  C2   sing N N 117 
GOL C1  H11  sing N N 118 
GOL C1  H12  sing N N 119 
GOL O1  HO1  sing N N 120 
GOL C2  O2   sing N N 121 
GOL C2  C3   sing N N 122 
GOL C2  H2   sing N N 123 
GOL O2  HO2  sing N N 124 
GOL C3  O3   sing N N 125 
GOL C3  H31  sing N N 126 
GOL C3  H32  sing N N 127 
GOL O3  HO3  sing N N 128 
HIS N   CA   sing N N 129 
HIS N   H    sing N N 130 
HIS N   H2   sing N N 131 
HIS CA  C    sing N N 132 
HIS CA  CB   sing N N 133 
HIS CA  HA   sing N N 134 
HIS C   O    doub N N 135 
HIS C   OXT  sing N N 136 
HIS CB  CG   sing N N 137 
HIS CB  HB2  sing N N 138 
HIS CB  HB3  sing N N 139 
HIS CG  ND1  sing Y N 140 
HIS CG  CD2  doub Y N 141 
HIS ND1 CE1  doub Y N 142 
HIS ND1 HD1  sing N N 143 
HIS CD2 NE2  sing Y N 144 
HIS CD2 HD2  sing N N 145 
HIS CE1 NE2  sing Y N 146 
HIS CE1 HE1  sing N N 147 
HIS NE2 HE2  sing N N 148 
HIS OXT HXT  sing N N 149 
HOH O   H1   sing N N 150 
HOH O   H2   sing N N 151 
ILE N   CA   sing N N 152 
ILE N   H    sing N N 153 
ILE N   H2   sing N N 154 
ILE CA  C    sing N N 155 
ILE CA  CB   sing N N 156 
ILE CA  HA   sing N N 157 
ILE C   O    doub N N 158 
ILE C   OXT  sing N N 159 
ILE CB  CG1  sing N N 160 
ILE CB  CG2  sing N N 161 
ILE CB  HB   sing N N 162 
ILE CG1 CD1  sing N N 163 
ILE CG1 HG12 sing N N 164 
ILE CG1 HG13 sing N N 165 
ILE CG2 HG21 sing N N 166 
ILE CG2 HG22 sing N N 167 
ILE CG2 HG23 sing N N 168 
ILE CD1 HD11 sing N N 169 
ILE CD1 HD12 sing N N 170 
ILE CD1 HD13 sing N N 171 
ILE OXT HXT  sing N N 172 
LEU N   CA   sing N N 173 
LEU N   H    sing N N 174 
LEU N   H2   sing N N 175 
LEU CA  C    sing N N 176 
LEU CA  CB   sing N N 177 
LEU CA  HA   sing N N 178 
LEU C   O    doub N N 179 
LEU C   OXT  sing N N 180 
LEU CB  CG   sing N N 181 
LEU CB  HB2  sing N N 182 
LEU CB  HB3  sing N N 183 
LEU CG  CD1  sing N N 184 
LEU CG  CD2  sing N N 185 
LEU CG  HG   sing N N 186 
LEU CD1 HD11 sing N N 187 
LEU CD1 HD12 sing N N 188 
LEU CD1 HD13 sing N N 189 
LEU CD2 HD21 sing N N 190 
LEU CD2 HD22 sing N N 191 
LEU CD2 HD23 sing N N 192 
LEU OXT HXT  sing N N 193 
LYS N   CA   sing N N 194 
LYS N   H    sing N N 195 
LYS N   H2   sing N N 196 
LYS CA  C    sing N N 197 
LYS CA  CB   sing N N 198 
LYS CA  HA   sing N N 199 
LYS C   O    doub N N 200 
LYS C   OXT  sing N N 201 
LYS CB  CG   sing N N 202 
LYS CB  HB2  sing N N 203 
LYS CB  HB3  sing N N 204 
LYS CG  CD   sing N N 205 
LYS CG  HG2  sing N N 206 
LYS CG  HG3  sing N N 207 
LYS CD  CE   sing N N 208 
LYS CD  HD2  sing N N 209 
LYS CD  HD3  sing N N 210 
LYS CE  NZ   sing N N 211 
LYS CE  HE2  sing N N 212 
LYS CE  HE3  sing N N 213 
LYS NZ  HZ1  sing N N 214 
LYS NZ  HZ2  sing N N 215 
LYS NZ  HZ3  sing N N 216 
LYS OXT HXT  sing N N 217 
MET N   CA   sing N N 218 
MET N   H    sing N N 219 
MET N   H2   sing N N 220 
MET CA  C    sing N N 221 
MET CA  CB   sing N N 222 
MET CA  HA   sing N N 223 
MET C   O    doub N N 224 
MET C   OXT  sing N N 225 
MET CB  CG   sing N N 226 
MET CB  HB2  sing N N 227 
MET CB  HB3  sing N N 228 
MET CG  SD   sing N N 229 
MET CG  HG2  sing N N 230 
MET CG  HG3  sing N N 231 
MET SD  CE   sing N N 232 
MET CE  HE1  sing N N 233 
MET CE  HE2  sing N N 234 
MET CE  HE3  sing N N 235 
MET OXT HXT  sing N N 236 
PHE N   CA   sing N N 237 
PHE N   H    sing N N 238 
PHE N   H2   sing N N 239 
PHE CA  C    sing N N 240 
PHE CA  CB   sing N N 241 
PHE CA  HA   sing N N 242 
PHE C   O    doub N N 243 
PHE C   OXT  sing N N 244 
PHE CB  CG   sing N N 245 
PHE CB  HB2  sing N N 246 
PHE CB  HB3  sing N N 247 
PHE CG  CD1  doub Y N 248 
PHE CG  CD2  sing Y N 249 
PHE CD1 CE1  sing Y N 250 
PHE CD1 HD1  sing N N 251 
PHE CD2 CE2  doub Y N 252 
PHE CD2 HD2  sing N N 253 
PHE CE1 CZ   doub Y N 254 
PHE CE1 HE1  sing N N 255 
PHE CE2 CZ   sing Y N 256 
PHE CE2 HE2  sing N N 257 
PHE CZ  HZ   sing N N 258 
PHE OXT HXT  sing N N 259 
PO4 P   O1   doub N N 260 
PO4 P   O2   sing N N 261 
PO4 P   O3   sing N N 262 
PO4 P   O4   sing N N 263 
PRO N   CA   sing N N 264 
PRO N   CD   sing N N 265 
PRO N   H    sing N N 266 
PRO CA  C    sing N N 267 
PRO CA  CB   sing N N 268 
PRO CA  HA   sing N N 269 
PRO C   O    doub N N 270 
PRO C   OXT  sing N N 271 
PRO CB  CG   sing N N 272 
PRO CB  HB2  sing N N 273 
PRO CB  HB3  sing N N 274 
PRO CG  CD   sing N N 275 
PRO CG  HG2  sing N N 276 
PRO CG  HG3  sing N N 277 
PRO CD  HD2  sing N N 278 
PRO CD  HD3  sing N N 279 
PRO OXT HXT  sing N N 280 
SER N   CA   sing N N 281 
SER N   H    sing N N 282 
SER N   H2   sing N N 283 
SER CA  C    sing N N 284 
SER CA  CB   sing N N 285 
SER CA  HA   sing N N 286 
SER C   O    doub N N 287 
SER C   OXT  sing N N 288 
SER CB  OG   sing N N 289 
SER CB  HB2  sing N N 290 
SER CB  HB3  sing N N 291 
SER OG  HG   sing N N 292 
SER OXT HXT  sing N N 293 
THR N   CA   sing N N 294 
THR N   H    sing N N 295 
THR N   H2   sing N N 296 
THR CA  C    sing N N 297 
THR CA  CB   sing N N 298 
THR CA  HA   sing N N 299 
THR C   O    doub N N 300 
THR C   OXT  sing N N 301 
THR CB  OG1  sing N N 302 
THR CB  CG2  sing N N 303 
THR CB  HB   sing N N 304 
THR OG1 HG1  sing N N 305 
THR CG2 HG21 sing N N 306 
THR CG2 HG22 sing N N 307 
THR CG2 HG23 sing N N 308 
THR OXT HXT  sing N N 309 
TRP N   CA   sing N N 310 
TRP N   H    sing N N 311 
TRP N   H2   sing N N 312 
TRP CA  C    sing N N 313 
TRP CA  CB   sing N N 314 
TRP CA  HA   sing N N 315 
TRP C   O    doub N N 316 
TRP C   OXT  sing N N 317 
TRP CB  CG   sing N N 318 
TRP CB  HB2  sing N N 319 
TRP CB  HB3  sing N N 320 
TRP CG  CD1  doub Y N 321 
TRP CG  CD2  sing Y N 322 
TRP CD1 NE1  sing Y N 323 
TRP CD1 HD1  sing N N 324 
TRP CD2 CE2  doub Y N 325 
TRP CD2 CE3  sing Y N 326 
TRP NE1 CE2  sing Y N 327 
TRP NE1 HE1  sing N N 328 
TRP CE2 CZ2  sing Y N 329 
TRP CE3 CZ3  doub Y N 330 
TRP CE3 HE3  sing N N 331 
TRP CZ2 CH2  doub Y N 332 
TRP CZ2 HZ2  sing N N 333 
TRP CZ3 CH2  sing Y N 334 
TRP CZ3 HZ3  sing N N 335 
TRP CH2 HH2  sing N N 336 
TRP OXT HXT  sing N N 337 
TYR N   CA   sing N N 338 
TYR N   H    sing N N 339 
TYR N   H2   sing N N 340 
TYR CA  C    sing N N 341 
TYR CA  CB   sing N N 342 
TYR CA  HA   sing N N 343 
TYR C   O    doub N N 344 
TYR C   OXT  sing N N 345 
TYR CB  CG   sing N N 346 
TYR CB  HB2  sing N N 347 
TYR CB  HB3  sing N N 348 
TYR CG  CD1  doub Y N 349 
TYR CG  CD2  sing Y N 350 
TYR CD1 CE1  sing Y N 351 
TYR CD1 HD1  sing N N 352 
TYR CD2 CE2  doub Y N 353 
TYR CD2 HD2  sing N N 354 
TYR CE1 CZ   doub Y N 355 
TYR CE1 HE1  sing N N 356 
TYR CE2 CZ   sing Y N 357 
TYR CE2 HE2  sing N N 358 
TYR CZ  OH   sing N N 359 
TYR OH  HH   sing N N 360 
TYR OXT HXT  sing N N 361 
VAL N   CA   sing N N 362 
VAL N   H    sing N N 363 
VAL N   H2   sing N N 364 
VAL CA  C    sing N N 365 
VAL CA  CB   sing N N 366 
VAL CA  HA   sing N N 367 
VAL C   O    doub N N 368 
VAL C   OXT  sing N N 369 
VAL CB  CG1  sing N N 370 
VAL CB  CG2  sing N N 371 
VAL CB  HB   sing N N 372 
VAL CG1 HG11 sing N N 373 
VAL CG1 HG12 sing N N 374 
VAL CG1 HG13 sing N N 375 
VAL CG2 HG21 sing N N 376 
VAL CG2 HG22 sing N N 377 
VAL CG2 HG23 sing N N 378 
VAL OXT HXT  sing N N 379 
# 
loop_
_pdbx_audit_support.funding_organization 
_pdbx_audit_support.country 
_pdbx_audit_support.grant_number 
_pdbx_audit_support.ordinal 
'Japan Society for the Promotion of Science' Japan JP15H02386 1 
'Japan Society for the Promotion of Science' Japan JP16H04774 2 
# 
_atom_sites.entry_id                    6IF6 
_atom_sites.fract_transf_matrix[1][1]   -0.01041071 
_atom_sites.fract_transf_matrix[1][2]   -0.01253834 
_atom_sites.fract_transf_matrix[1][3]   0.00568567 
_atom_sites.fract_transf_matrix[2][1]   -0.01628096 
_atom_sites.fract_transf_matrix[2][2]   0.00364390 
_atom_sites.fract_transf_matrix[2][3]   0.00442268 
_atom_sites.fract_transf_matrix[3][1]   -0.00493690 
_atom_sites.fract_transf_matrix[3][2]   -0.00301544 
_atom_sites.fract_transf_matrix[3][3]   -0.01568947 
_atom_sites.fract_transf_vector[1]      0.639776 
_atom_sites.fract_transf_vector[2]      0.422610 
_atom_sites.fract_transf_vector[3]      0.409524 
# 
loop_
_atom_type.symbol 
C 
N 
O 
P 
S 
# 
loop_
_atom_site.group_PDB 
_atom_site.id 
_atom_site.type_symbol 
_atom_site.label_atom_id 
_atom_site.label_alt_id 
_atom_site.label_comp_id 
_atom_site.label_asym_id 
_atom_site.label_entity_id 
_atom_site.label_seq_id 
_atom_site.pdbx_PDB_ins_code 
_atom_site.Cartn_x 
_atom_site.Cartn_y 
_atom_site.Cartn_z 
_atom_site.occupancy 
_atom_site.B_iso_or_equiv 
_atom_site.pdbx_formal_charge 
_atom_site.auth_seq_id 
_atom_site.auth_comp_id 
_atom_site.auth_asym_id 
_atom_site.auth_atom_id 
_atom_site.pdbx_PDB_model_num 
ATOM   1    N N   . SER A 1 3   ? 24.466  -11.002 5.934   1.00 75.21 ? 1   SER A N   1 
ATOM   2    C CA  . SER A 1 3   ? 23.640  -9.824  5.676   1.00 79.00 ? 1   SER A CA  1 
ATOM   3    C C   . SER A 1 3   ? 22.629  -10.044 4.539   1.00 78.82 ? 1   SER A C   1 
ATOM   4    O O   . SER A 1 3   ? 22.753  -9.441  3.467   1.00 77.82 ? 1   SER A O   1 
ATOM   5    C CB  . SER A 1 3   ? 24.532  -8.617  5.355   1.00 78.27 ? 1   SER A CB  1 
ATOM   6    O OG  . SER A 1 3   ? 23.766  -7.491  4.949   1.00 76.01 ? 1   SER A OG  1 
ATOM   7    N N   . GLN A 1 4   ? 21.630  -10.896 4.771   1.00 76.37 ? 2   GLN A N   1 
ATOM   8    C CA  . GLN A 1 4   ? 20.565  -11.109 3.784   1.00 74.32 ? 2   GLN A CA  1 
ATOM   9    C C   . GLN A 1 4   ? 19.509  -10.002 3.919   1.00 70.03 ? 2   GLN A C   1 
ATOM   10   O O   . GLN A 1 4   ? 18.333  -10.265 4.219   1.00 63.46 ? 2   GLN A O   1 
ATOM   11   C CB  . GLN A 1 4   ? 19.931  -12.498 3.953   1.00 72.97 ? 2   GLN A CB  1 
ATOM   12   C CG  . GLN A 1 4   ? 19.590  -13.201 2.638   1.00 70.43 ? 2   GLN A CG  1 
ATOM   13   C CD  . GLN A 1 4   ? 20.044  -14.659 2.613   1.00 77.63 ? 2   GLN A CD  1 
ATOM   14   O OE1 . GLN A 1 4   ? 20.893  -15.045 1.804   1.00 78.92 ? 2   GLN A OE1 1 
ATOM   15   N NE2 . GLN A 1 4   ? 19.474  -15.474 3.499   1.00 77.37 ? 2   GLN A NE2 1 
ATOM   16   N N   . ALA A 1 5   ? 19.950  -8.763  3.698   1.00 61.32 ? 3   ALA A N   1 
ATOM   17   C CA  . ALA A 1 5   ? 19.129  -7.584  3.946   1.00 55.35 ? 3   ALA A CA  1 
ATOM   18   C C   . ALA A 1 5   ? 19.500  -6.432  3.019   1.00 47.45 ? 3   ALA A C   1 
ATOM   19   O O   . ALA A 1 5   ? 20.267  -5.546  3.400   1.00 48.95 ? 3   ALA A O   1 
ATOM   20   C CB  . ALA A 1 5   ? 19.248  -7.146  5.407   1.00 50.22 ? 3   ALA A CB  1 
ATOM   21   N N   . PRO A 1 6   ? 18.928  -6.431  1.806   1.00 43.50 ? 4   PRO A N   1 
ATOM   22   C CA  . PRO A 1 6   ? 19.171  -5.373  0.813   1.00 42.04 ? 4   PRO A CA  1 
ATOM   23   C C   . PRO A 1 6   ? 18.719  -4.004  1.314   1.00 40.94 ? 4   PRO A C   1 
ATOM   24   O O   . PRO A 1 6   ? 17.727  -3.922  2.038   1.00 41.14 ? 4   PRO A O   1 
ATOM   25   C CB  . PRO A 1 6   ? 18.324  -5.802  -0.389  1.00 38.70 ? 4   PRO A CB  1 
ATOM   26   C CG  . PRO A 1 6   ? 17.924  -7.226  -0.132  1.00 41.29 ? 4   PRO A CG  1 
ATOM   27   C CD  . PRO A 1 6   ? 17.919  -7.403  1.352   1.00 43.75 ? 4   PRO A CD  1 
ATOM   28   N N   . ASN A 1 7   ? 19.433  -2.953  0.928   1.00 35.18 ? 5   ASN A N   1 
ATOM   29   C CA  . ASN A 1 7   ? 19.049  -1.587  1.257   1.00 39.67 ? 5   ASN A CA  1 
ATOM   30   C C   . ASN A 1 7   ? 18.602  -0.809  0.021   1.00 37.59 ? 5   ASN A C   1 
ATOM   31   O O   . ASN A 1 7   ? 17.926  0.212   0.128   1.00 35.12 ? 5   ASN A O   1 
ATOM   32   C CB  . ASN A 1 7   ? 20.205  -0.848  1.944   1.00 46.26 ? 5   ASN A CB  1 
ATOM   33   C CG  . ASN A 1 7   ? 20.495  -1.385  3.345   1.00 53.09 ? 5   ASN A CG  1 
ATOM   34   O OD1 . ASN A 1 7   ? 19.774  -1.083  4.303   1.00 54.92 ? 5   ASN A OD1 1 
ATOM   35   N ND2 . ASN A 1 7   ? 21.558  -2.182  3.470   1.00 55.95 ? 5   ASN A ND2 1 
ATOM   36   N N   . ASP A 1 8   ? 18.998  -1.285  -1.154  1.00 35.91 ? 6   ASP A N   1 
ATOM   37   C CA  . ASP A 1 8   ? 18.618  -0.647  -2.414  1.00 37.66 ? 6   ASP A CA  1 
ATOM   38   C C   . ASP A 1 8   ? 17.231  -1.147  -2.858  1.00 27.14 ? 6   ASP A C   1 
ATOM   39   O O   . ASP A 1 8   ? 16.959  -2.335  -2.792  1.00 31.67 ? 6   ASP A O   1 
ATOM   40   C CB  . ASP A 1 8   ? 19.685  -0.925  -3.487  1.00 41.67 ? 6   ASP A CB  1 
ATOM   41   C CG  . ASP A 1 8   ? 19.217  -0.589  -4.890  1.00 43.34 ? 6   ASP A CG  1 
ATOM   42   O OD1 . ASP A 1 8   ? 19.516  0.524   -5.369  1.00 51.46 ? 6   ASP A OD1 1 
ATOM   43   O OD2 . ASP A 1 8   ? 18.563  -1.447  -5.523  1.00 42.43 ? 6   ASP A OD2 1 
ATOM   44   N N   . PRO A 1 9   ? 16.343  -0.227  -3.277  1.00 29.82 ? 7   PRO A N   1 
ATOM   45   C CA  . PRO A 1 9   ? 14.946  -0.604  -3.551  1.00 27.94 ? 7   PRO A CA  1 
ATOM   46   C C   . PRO A 1 9   ? 14.807  -1.608  -4.696  1.00 23.93 ? 7   PRO A C   1 
ATOM   47   O O   . PRO A 1 9   ? 13.892  -2.423  -4.673  1.00 24.79 ? 7   PRO A O   1 
ATOM   48   C CB  . PRO A 1 9   ? 14.280  0.739   -3.903  1.00 29.41 ? 7   PRO A CB  1 
ATOM   49   C CG  . PRO A 1 9   ? 15.407  1.653   -4.270  1.00 34.07 ? 7   PRO A CG  1 
ATOM   50   C CD  . PRO A 1 9   ? 16.576  1.219   -3.445  1.00 30.40 ? 7   PRO A CD  1 
ATOM   51   N N   . ILE A 1 10  ? 15.703  -1.573  -5.680  1.00 25.56 ? 8   ILE A N   1 
ATOM   52   C CA  . ILE A 1 10  ? 15.627  -2.549  -6.764  1.00 24.70 ? 8   ILE A CA  1 
ATOM   53   C C   . ILE A 1 10  ? 15.989  -3.935  -6.223  1.00 25.07 ? 8   ILE A C   1 
ATOM   54   O O   . ILE A 1 10  ? 15.282  -4.892  -6.488  1.00 25.11 ? 8   ILE A O   1 
ATOM   55   C CB  . ILE A 1 10  ? 16.534  -2.180  -7.975  1.00 29.77 ? 8   ILE A CB  1 
ATOM   56   C CG1 . ILE A 1 10  ? 15.952  -0.990  -8.744  1.00 30.35 ? 8   ILE A CG1 1 
ATOM   57   C CG2 . ILE A 1 10  ? 16.634  -3.342  -8.955  1.00 27.72 ? 8   ILE A CG2 1 
ATOM   58   C CD1 . ILE A 1 10  ? 16.146  0.339   -8.094  1.00 35.71 ? 8   ILE A CD1 1 
ATOM   59   N N   . GLU A 1 11  ? 17.062  -4.056  -5.443  1.00 29.27 ? 9   GLU A N   1 
ATOM   60   C CA  . GLU A 1 11  ? 17.383  -5.382  -4.911  1.00 27.09 ? 9   GLU A CA  1 
ATOM   61   C C   . GLU A 1 11  ? 16.360  -5.839  -3.843  1.00 26.86 ? 9   GLU A C   1 
ATOM   62   O O   . GLU A 1 11  ? 16.111  -7.021  -3.709  1.00 27.33 ? 9   GLU A O   1 
ATOM   63   C CB  . GLU A 1 11  ? 18.812  -5.431  -4.360  1.00 36.25 ? 9   GLU A CB  1 
ATOM   64   C CG  . GLU A 1 11  ? 19.217  -4.296  -3.444  1.00 44.19 ? 9   GLU A CG  1 
ATOM   65   C CD  . GLU A 1 11  ? 20.697  -4.364  -3.056  1.00 53.64 ? 9   GLU A CD  1 
ATOM   66   O OE1 . GLU A 1 11  ? 21.487  -4.878  -3.886  1.00 59.38 ? 9   GLU A OE1 1 
ATOM   67   O OE2 . GLU A 1 11  ? 21.062  -3.923  -1.931  1.00 46.37 ? 9   GLU A OE2 1 
ATOM   68   N N   . GLN A 1 12  ? 15.736  -4.907  -3.131  1.00 25.00 ? 10  GLN A N   1 
ATOM   69   C CA  . GLN A 1 12  ? 14.645  -5.285  -2.223  1.00 26.24 ? 10  GLN A CA  1 
ATOM   70   C C   . GLN A 1 12  ? 13.494  -5.903  -2.971  1.00 22.78 ? 10  GLN A C   1 
ATOM   71   O O   . GLN A 1 12  ? 12.961  -6.934  -2.576  1.00 23.31 ? 10  GLN A O   1 
ATOM   72   C CB  . GLN A 1 12  ? 14.168  -4.084  -1.434  1.00 25.60 ? 10  GLN A CB  1 
ATOM   73   C CG  . GLN A 1 12  ? 15.183  -3.669  -0.393  1.00 30.31 ? 10  GLN A CG  1 
ATOM   74   C CD  . GLN A 1 12  ? 14.815  -2.389  0.291   1.00 29.40 ? 10  GLN A CD  1 
ATOM   75   O OE1 . GLN A 1 12  ? 14.011  -1.606  -0.221  1.00 28.84 ? 10  GLN A OE1 1 
ATOM   76   N NE2 . GLN A 1 12  ? 15.404  -2.154  1.456   1.00 30.87 ? 10  GLN A NE2 1 
ATOM   77   N N   . TYR A 1 13  ? 13.127  -5.271  -4.081  1.00 22.83 ? 11  TYR A N   1 
ATOM   78   C CA  . TYR A 1 13  ? 12.034  -5.751  -4.897  1.00 21.75 ? 11  TYR A CA  1 
ATOM   79   C C   . TYR A 1 13  ? 12.378  -7.133  -5.449  1.00 22.81 ? 11  TYR A C   1 
ATOM   80   O O   . TYR A 1 13  ? 11.554  -8.055  -5.474  1.00 22.88 ? 11  TYR A O   1 
ATOM   81   C CB  . TYR A 1 13  ? 11.752  -4.757  -6.033  1.00 21.41 ? 11  TYR A CB  1 
ATOM   82   C CG  . TYR A 1 13  ? 10.757  -5.241  -7.066  1.00 22.76 ? 11  TYR A CG  1 
ATOM   83   C CD1 . TYR A 1 13  ? 9.390   -5.136  -6.850  1.00 20.41 ? 11  TYR A CD1 1 
ATOM   84   C CD2 . TYR A 1 13  ? 11.190  -5.770  -8.279  1.00 25.89 ? 11  TYR A CD2 1 
ATOM   85   C CE1 . TYR A 1 13  ? 8.487   -5.566  -7.803  1.00 21.48 ? 11  TYR A CE1 1 
ATOM   86   C CE2 . TYR A 1 13  ? 10.290  -6.210  -9.232  1.00 27.19 ? 11  TYR A CE2 1 
ATOM   87   C CZ  . TYR A 1 13  ? 8.952   -6.095  -8.993  1.00 25.81 ? 11  TYR A CZ  1 
ATOM   88   O OH  . TYR A 1 13  ? 8.067   -6.528  -9.942  1.00 28.34 ? 11  TYR A OH  1 
ATOM   89   N N   . GLU A 1 14  ? 13.611  -7.281  -5.893  1.00 23.31 ? 12  GLU A N   1 
ATOM   90   C CA  . GLU A 1 14  ? 14.014  -8.571  -6.440  1.00 25.10 ? 12  GLU A CA  1 
ATOM   91   C C   . GLU A 1 14  ? 14.098  -9.649  -5.372  1.00 24.04 ? 12  GLU A C   1 
ATOM   92   O O   . GLU A 1 14  ? 13.723  -10.789 -5.608  1.00 28.03 ? 12  GLU A O   1 
ATOM   93   C CB  . GLU A 1 14  ? 15.340  -8.421  -7.169  1.00 27.65 ? 12  GLU A CB  1 
ATOM   94   C CG  . GLU A 1 14  ? 15.081  -7.839  -8.526  1.00 26.21 ? 12  GLU A CG  1 
ATOM   95   C CD  . GLU A 1 14  ? 16.328  -7.365  -9.206  1.00 40.03 ? 12  GLU A CD  1 
ATOM   96   O OE1 . GLU A 1 14  ? 17.426  -7.557  -8.635  1.00 35.60 ? 12  GLU A OE1 1 
ATOM   97   O OE2 . GLU A 1 14  ? 16.197  -6.803  -10.317 1.00 37.11 ? 12  GLU A OE2 1 
ATOM   98   N N   . TYR A 1 15  ? 14.592  -9.284  -4.204  1.00 25.75 ? 13  TYR A N   1 
ATOM   99   C CA  . TYR A 1 15  ? 14.597  -10.231 -3.089  1.00 27.37 ? 13  TYR A CA  1 
ATOM   100  C C   . TYR A 1 15  ? 13.172  -10.675 -2.770  1.00 30.03 ? 13  TYR A C   1 
ATOM   101  O O   . TYR A 1 15  ? 12.923  -11.857 -2.513  1.00 29.16 ? 13  TYR A O   1 
ATOM   102  C CB  . TYR A 1 15  ? 15.280  -9.605  -1.870  1.00 29.84 ? 13  TYR A CB  1 
ATOM   103  C CG  . TYR A 1 15  ? 15.541  -10.584 -0.744  1.00 37.12 ? 13  TYR A CG  1 
ATOM   104  C CD1 . TYR A 1 15  ? 15.207  -10.272 0.568   1.00 38.03 ? 13  TYR A CD1 1 
ATOM   105  C CD2 . TYR A 1 15  ? 16.111  -11.828 -0.996  1.00 42.57 ? 13  TYR A CD2 1 
ATOM   106  C CE1 . TYR A 1 15  ? 15.445  -11.171 1.607   1.00 44.70 ? 13  TYR A CE1 1 
ATOM   107  C CE2 . TYR A 1 15  ? 16.354  -12.731 0.032   1.00 45.96 ? 13  TYR A CE2 1 
ATOM   108  C CZ  . TYR A 1 15  ? 16.014  -12.401 1.332   1.00 50.83 ? 13  TYR A CZ  1 
ATOM   109  O OH  . TYR A 1 15  ? 16.247  -13.297 2.356   1.00 49.89 ? 13  TYR A OH  1 
ATOM   110  N N   . ALA A 1 16  ? 12.215  -9.747  -2.828  1.00 25.52 ? 14  ALA A N   1 
ATOM   111  C CA  . ALA A 1 16  ? 10.813  -10.111 -2.590  1.00 21.91 ? 14  ALA A CA  1 
ATOM   112  C C   . ALA A 1 16  ? 10.339  -11.185 -3.568  1.00 29.21 ? 14  ALA A C   1 
ATOM   113  O O   . ALA A 1 16  ? 9.636   -12.132 -3.181  1.00 28.78 ? 14  ALA A O   1 
ATOM   114  C CB  . ALA A 1 16  ? 9.889   -8.833  -2.672  1.00 23.32 ? 14  ALA A CB  1 
ATOM   115  N N   . GLN A 1 17  ? 10.730  -11.059 -4.836  1.00 26.23 ? 15  GLN A N   1 
ATOM   116  C CA  . GLN A 1 17  ? 10.323  -12.037 -5.852  1.00 31.34 ? 15  GLN A CA  1 
ATOM   117  C C   . GLN A 1 17  ? 10.982  -13.384 -5.579  1.00 30.15 ? 15  GLN A C   1 
ATOM   118  O O   . GLN A 1 17  ? 10.363  -14.431 -5.734  1.00 36.05 ? 15  GLN A O   1 
ATOM   119  C CB  . GLN A 1 17  ? 10.699  -11.587 -7.271  1.00 29.52 ? 15  GLN A CB  1 
ATOM   120  C CG  . GLN A 1 17  ? 10.400  -10.147 -7.579  1.00 30.27 ? 15  GLN A CG  1 
ATOM   121  C CD  . GLN A 1 17  ? 8.959   -9.799  -7.286  1.00 33.66 ? 15  GLN A CD  1 
ATOM   122  O OE1 . GLN A 1 17  ? 8.051   -10.593 -7.533  1.00 37.67 ? 15  GLN A OE1 1 
ATOM   123  N NE2 . GLN A 1 17  ? 8.740   -8.606  -6.761  1.00 28.72 ? 15  GLN A NE2 1 
ATOM   124  N N   . GLN A 1 18  ? 12.247  -13.327 -5.188  1.00 32.05 ? 16  GLN A N   1 
ATOM   125  C CA  . GLN A 1 18  ? 13.034  -14.524 -4.885  1.00 37.18 ? 16  GLN A CA  1 
ATOM   126  C C   . GLN A 1 18  ? 12.395  -15.326 -3.749  1.00 42.12 ? 16  GLN A C   1 
ATOM   127  O O   . GLN A 1 18  ? 12.226  -16.552 -3.843  1.00 41.73 ? 16  GLN A O   1 
ATOM   128  C CB  . GLN A 1 18  ? 14.469  -14.118 -4.527  1.00 38.63 ? 16  GLN A CB  1 
ATOM   129  C CG  . GLN A 1 18  ? 15.381  -15.255 -4.081  1.00 45.65 ? 16  GLN A CG  1 
ATOM   130  C CD  . GLN A 1 18  ? 16.723  -14.736 -3.608  1.00 54.59 ? 16  GLN A CD  1 
ATOM   131  O OE1 . GLN A 1 18  ? 17.178  -13.679 -4.054  1.00 60.68 ? 16  GLN A OE1 1 
ATOM   132  N NE2 . GLN A 1 18  ? 17.357  -15.458 -2.686  1.00 60.58 ? 16  GLN A NE2 1 
ATOM   133  N N   . LEU A 1 19  ? 12.022  -14.622 -2.686  1.00 35.83 ? 17  LEU A N   1 
ATOM   134  C CA  . LEU A 1 19  ? 11.366  -15.250 -1.542  1.00 39.59 ? 17  LEU A CA  1 
ATOM   135  C C   . LEU A 1 19  ? 10.028  -15.873 -1.925  1.00 42.73 ? 17  LEU A C   1 
ATOM   136  O O   . LEU A 1 19  ? 9.654   -16.934 -1.420  1.00 50.66 ? 17  LEU A O   1 
ATOM   137  C CB  . LEU A 1 19  ? 11.146  -14.237 -0.426  1.00 33.88 ? 17  LEU A CB  1 
ATOM   138  C CG  . LEU A 1 19  ? 12.347  -13.599 0.264   1.00 35.03 ? 17  LEU A CG  1 
ATOM   139  C CD1 . LEU A 1 19  ? 11.838  -12.561 1.233   1.00 32.95 ? 17  LEU A CD1 1 
ATOM   140  C CD2 . LEU A 1 19  ? 13.199  -14.643 0.991   1.00 41.05 ? 17  LEU A CD2 1 
ATOM   141  N N   . LEU A 1 20  ? 9.307   -15.200 -2.810  1.00 37.80 ? 18  LEU A N   1 
ATOM   142  C CA  . LEU A 1 20  ? 8.011   -15.666 -3.270  1.00 39.78 ? 18  LEU A CA  1 
ATOM   143  C C   . LEU A 1 20  ? 8.153   -16.908 -4.143  1.00 48.92 ? 18  LEU A C   1 
ATOM   144  O O   . LEU A 1 20  ? 7.283   -17.777 -4.145  1.00 55.71 ? 18  LEU A O   1 
ATOM   145  C CB  . LEU A 1 20  ? 7.299   -14.548 -4.034  1.00 39.29 ? 18  LEU A CB  1 
ATOM   146  C CG  . LEU A 1 20  ? 5.908   -14.819 -4.596  1.00 43.33 ? 18  LEU A CG  1 
ATOM   147  C CD1 . LEU A 1 20  ? 4.941   -15.233 -3.498  1.00 46.02 ? 18  LEU A CD1 1 
ATOM   148  C CD2 . LEU A 1 20  ? 5.411   -13.578 -5.300  1.00 42.19 ? 18  LEU A CD2 1 
ATOM   149  N N   . ALA A 1 21  ? 9.256   -16.994 -4.877  1.00 46.61 ? 19  ALA A N   1 
ATOM   150  C CA  . ALA A 1 21  ? 9.464   -18.112 -5.785  1.00 52.03 ? 19  ALA A CA  1 
ATOM   151  C C   . ALA A 1 21  ? 9.875   -19.372 -5.027  1.00 59.71 ? 19  ALA A C   1 
ATOM   152  O O   . ALA A 1 21  ? 9.792   -20.473 -5.573  1.00 65.81 ? 19  ALA A O   1 
ATOM   153  C CB  . ALA A 1 21  ? 10.501  -17.757 -6.834  1.00 47.18 ? 19  ALA A CB  1 
ATOM   154  N N   . SER A 1 22  ? 10.310  -19.208 -3.774  1.00 57.24 ? 20  SER A N   1 
ATOM   155  C CA  . SER A 1 22  ? 10.591  -20.346 -2.888  1.00 61.03 ? 20  SER A CA  1 
ATOM   156  C C   . SER A 1 22  ? 9.341   -21.196 -2.667  1.00 68.65 ? 20  SER A C   1 
ATOM   157  O O   . SER A 1 22  ? 9.439   -22.381 -2.343  1.00 72.36 ? 20  SER A O   1 
ATOM   158  C CB  . SER A 1 22  ? 11.130  -19.876 -1.534  1.00 59.94 ? 20  SER A CB  1 
ATOM   159  O OG  . SER A 1 22  ? 12.315  -19.116 -1.679  1.00 58.51 ? 20  SER A OG  1 
ATOM   160  N N   . ASN A 1 23  ? 8.174   -20.568 -2.824  1.00 69.29 ? 21  ASN A N   1 
ATOM   161  C CA  . ASN A 1 23  ? 6.884   -21.261 -2.824  1.00 68.66 ? 21  ASN A CA  1 
ATOM   162  C C   . ASN A 1 23  ? 6.688   -22.207 -1.638  1.00 73.66 ? 21  ASN A C   1 
ATOM   163  O O   . ASN A 1 23  ? 6.248   -23.349 -1.816  1.00 73.34 ? 21  ASN A O   1 
ATOM   164  C CB  . ASN A 1 23  ? 6.711   -22.038 -4.137  1.00 73.06 ? 21  ASN A CB  1 
ATOM   165  C CG  . ASN A 1 23  ? 5.560   -21.510 -4.991  1.00 76.86 ? 21  ASN A CG  1 
ATOM   166  O OD1 . ASN A 1 23  ? 4.408   -21.922 -4.827  1.00 79.10 ? 21  ASN A OD1 1 
ATOM   167  N ND2 . ASN A 1 23  ? 5.873   -20.603 -5.913  1.00 72.70 ? 21  ASN A ND2 1 
ATOM   168  N N   . LYS A 1 24  ? 7.032   -21.735 -0.438  1.00 74.31 ? 22  LYS A N   1 
ATOM   169  C CA  . LYS A 1 24  ? 6.768   -22.486 0.791   1.00 68.79 ? 22  LYS A CA  1 
ATOM   170  C C   . LYS A 1 24  ? 5.275   -22.761 0.910   1.00 67.78 ? 22  LYS A C   1 
ATOM   171  O O   . LYS A 1 24  ? 4.821   -23.897 0.763   1.00 71.84 ? 22  LYS A O   1 
ATOM   172  C CB  . LYS A 1 24  ? 7.267   -21.727 2.027   1.00 64.73 ? 22  LYS A CB  1 
ATOM   173  C CG  . LYS A 1 24  ? 8.717   -22.012 2.400   1.00 64.42 ? 22  LYS A CG  1 
ATOM   174  C CD  . LYS A 1 24  ? 8.845   -22.323 3.890   1.00 53.57 ? 22  LYS A CD  1 
ATOM   175  C CE  . LYS A 1 24  ? 10.292  -22.599 4.291   1.00 51.27 ? 22  LYS A CE  1 
ATOM   176  N NZ  . LYS A 1 24  ? 11.155  -21.378 4.179   1.00 48.84 ? 22  LYS A NZ  1 
ATOM   177  N N   . ALA A 1 25  ? 4.514   -21.705 1.162   1.00 64.89 ? 23  ALA A N   1 
ATOM   178  C CA  . ALA A 1 25  ? 3.066   -21.812 1.228   1.00 63.54 ? 23  ALA A CA  1 
ATOM   179  C C   . ALA A 1 25  ? 2.426   -20.953 0.127   1.00 62.54 ? 23  ALA A C   1 
ATOM   180  O O   . ALA A 1 25  ? 1.197   -20.834 0.050   1.00 56.58 ? 23  ALA A O   1 
ATOM   181  C CB  . ALA A 1 25  ? 2.577   -21.397 2.613   1.00 51.08 ? 23  ALA A CB  1 
ATOM   182  N N   . GLU A 1 26  ? 3.289   -20.369 -0.711  1.00 61.23 ? 24  GLU A N   1 
ATOM   183  C CA  . GLU A 1 26  ? 2.948   -19.394 -1.764  1.00 65.07 ? 24  GLU A CA  1 
ATOM   184  C C   . GLU A 1 26  ? 2.458   -18.057 -1.169  1.00 61.00 ? 24  GLU A C   1 
ATOM   185  O O   . GLU A 1 26  ? 2.502   -17.010 -1.826  1.00 60.57 ? 24  GLU A O   1 
ATOM   186  C CB  . GLU A 1 26  ? 1.917   -19.970 -2.748  1.00 65.09 ? 24  GLU A CB  1 
ATOM   187  C CG  . GLU A 1 26  ? 1.660   -19.103 -3.996  1.00 70.58 ? 24  GLU A CG  1 
ATOM   188  C CD  . GLU A 1 26  ? 2.869   -18.975 -4.928  1.00 73.03 ? 24  GLU A CD  1 
ATOM   189  O OE1 . GLU A 1 26  ? 3.873   -18.325 -4.551  1.00 71.07 ? 24  GLU A OE1 1 
ATOM   190  O OE2 . GLU A 1 26  ? 2.806   -19.517 -6.053  1.00 75.10 ? 24  GLU A OE2 1 
ATOM   191  N N   . ALA A 1 27  ? 1.990   -18.096 0.074   1.00 59.87 ? 25  ALA A N   1 
ATOM   192  C CA  . ALA A 1 27  ? 1.836   -16.890 0.869   1.00 48.08 ? 25  ALA A CA  1 
ATOM   193  C C   . ALA A 1 27  ? 3.199   -16.585 1.454   1.00 43.07 ? 25  ALA A C   1 
ATOM   194  O O   . ALA A 1 27  ? 3.794   -17.416 2.142   1.00 43.12 ? 25  ALA A O   1 
ATOM   195  C CB  . ALA A 1 27  ? 0.805   -17.078 1.964   1.00 48.36 ? 25  ALA A CB  1 
ATOM   196  N N   . SER A 1 28  ? 3.715   -15.404 1.161   1.00 38.56 ? 26  SER A N   1 
ATOM   197  C CA  . SER A 1 28  ? 5.042   -15.066 1.627   1.00 31.56 ? 26  SER A CA  1 
ATOM   198  C C   . SER A 1 28  ? 5.021   -13.731 2.347   1.00 28.40 ? 26  SER A C   1 
ATOM   199  O O   . SER A 1 28  ? 5.162   -12.684 1.722   1.00 24.10 ? 26  SER A O   1 
ATOM   200  C CB  . SER A 1 28  ? 6.022   -15.036 0.457   1.00 32.18 ? 26  SER A CB  1 
ATOM   201  O OG  . SER A 1 28  ? 7.290   -14.594 0.896   1.00 30.56 ? 26  SER A OG  1 
ATOM   202  N N   . PRO A 1 29  ? 4.856   -13.761 3.682   1.00 28.99 ? 27  PRO A N   1 
ATOM   203  C CA  . PRO A 1 29  ? 4.836   -12.495 4.421   1.00 24.90 ? 27  PRO A CA  1 
ATOM   204  C C   . PRO A 1 29  ? 6.109   -11.693 4.257   1.00 23.58 ? 27  PRO A C   1 
ATOM   205  O O   . PRO A 1 29  ? 6.062   -10.467 4.267   1.00 21.32 ? 27  PRO A O   1 
ATOM   206  C CB  . PRO A 1 29  ? 4.651   -12.947 5.877   1.00 29.72 ? 27  PRO A CB  1 
ATOM   207  C CG  . PRO A 1 29  ? 3.812   -14.185 5.744   1.00 29.19 ? 27  PRO A CG  1 
ATOM   208  C CD  . PRO A 1 29  ? 4.354   -14.884 4.492   1.00 29.31 ? 27  PRO A CD  1 
ATOM   209  N N   . ASP A 1 30  ? 7.245   -12.361 4.109   1.00 25.27 ? 28  ASP A N   1 
ATOM   210  C CA  . ASP A 1 30  ? 8.465   -11.601 3.871   1.00 26.81 ? 28  ASP A CA  1 
ATOM   211  C C   . ASP A 1 30  ? 8.469   -10.979 2.452   1.00 21.35 ? 28  ASP A C   1 
ATOM   212  O O   . ASP A 1 30  ? 9.141   -9.984  2.225   1.00 23.31 ? 28  ASP A O   1 
ATOM   213  C CB  . ASP A 1 30  ? 9.695   -12.476 4.098   1.00 30.95 ? 28  ASP A CB  1 
ATOM   214  C CG  . ASP A 1 30  ? 10.167  -12.440 5.549   1.00 37.13 ? 28  ASP A CG  1 
ATOM   215  O OD1 . ASP A 1 30  ? 9.489   -11.792 6.390   1.00 39.24 ? 28  ASP A OD1 1 
ATOM   216  O OD2 . ASP A 1 30  ? 11.209  -13.057 5.845   1.00 42.93 ? 28  ASP A OD2 1 
ATOM   217  N N   . THR A 1 31  ? 7.710   -11.548 1.520   1.00 24.41 ? 29  THR A N   1 
ATOM   218  C CA  . THR A 1 31  ? 7.547   -10.875 0.217   1.00 24.17 ? 29  THR A CA  1 
ATOM   219  C C   . THR A 1 31  ? 6.855   -9.544  0.453   1.00 22.26 ? 29  THR A C   1 
ATOM   220  O O   . THR A 1 31  ? 7.320   -8.514  -0.015  1.00 22.65 ? 29  THR A O   1 
ATOM   221  C CB  . THR A 1 31  ? 6.751   -11.722 -0.798  1.00 28.21 ? 29  THR A CB  1 
ATOM   222  O OG1 . THR A 1 31  ? 7.546   -12.843 -1.168  1.00 29.57 ? 29  THR A OG1 1 
ATOM   223  C CG2 . THR A 1 31  ? 6.420   -10.940 -2.086  1.00 21.57 ? 29  THR A CG2 1 
ATOM   224  N N   . ARG A 1 32  ? 5.791   -9.544  1.252   1.00 21.20 ? 30  ARG A N   1 
ATOM   225  C CA  . ARG A 1 32  ? 5.123   -8.274  1.545   1.00 19.30 ? 30  ARG A CA  1 
ATOM   226  C C   . ARG A 1 32  ? 6.075   -7.306  2.243   1.00 19.79 ? 30  ARG A C   1 
ATOM   227  O O   . ARG A 1 32  ? 6.115   -6.126  1.920   1.00 19.16 ? 30  ARG A O   1 
ATOM   228  C CB  . ARG A 1 32  ? 3.865   -8.504  2.390   1.00 20.40 ? 30  ARG A CB  1 
ATOM   229  C CG  . ARG A 1 32  ? 3.117   -7.202  2.724   1.00 18.99 ? 30  ARG A CG  1 
ATOM   230  C CD  . ARG A 1 32  ? 1.805   -7.494  3.450   1.00 19.11 ? 30  ARG A CD  1 
ATOM   231  N NE  . ARG A 1 32  ? 0.796   -8.057  2.555   1.00 19.03 ? 30  ARG A NE  1 
ATOM   232  C CZ  . ARG A 1 32  ? -0.483  -8.206  2.900   1.00 21.95 ? 30  ARG A CZ  1 
ATOM   233  N NH1 . ARG A 1 32  ? -0.883  -7.840  4.115   1.00 22.28 ? 30  ARG A NH1 1 
ATOM   234  N NH2 . ARG A 1 32  ? -1.356  -8.725  2.053   1.00 20.19 ? 30  ARG A NH2 1 
ATOM   235  N N   . TYR A 1 33  ? 6.847   -7.816  3.202   1.00 21.40 ? 31  TYR A N   1 
ATOM   236  C CA  . TYR A 1 33  ? 7.782   -6.986  3.942   1.00 21.97 ? 31  TYR A CA  1 
ATOM   237  C C   . TYR A 1 33  ? 8.786   -6.283  3.020   1.00 20.66 ? 31  TYR A C   1 
ATOM   238  O O   . TYR A 1 33  ? 8.994   -5.085  3.126   1.00 19.97 ? 31  TYR A O   1 
ATOM   239  C CB  . TYR A 1 33  ? 8.537   -7.827  4.983   1.00 24.31 ? 31  TYR A CB  1 
ATOM   240  C CG  . TYR A 1 33  ? 9.587   -7.034  5.704   1.00 25.01 ? 31  TYR A CG  1 
ATOM   241  C CD1 . TYR A 1 33  ? 9.264   -6.301  6.846   1.00 29.97 ? 31  TYR A CD1 1 
ATOM   242  C CD2 . TYR A 1 33  ? 10.901  -6.999  5.246   1.00 25.35 ? 31  TYR A CD2 1 
ATOM   243  C CE1 . TYR A 1 33  ? 10.224  -5.560  7.512   1.00 31.17 ? 31  TYR A CE1 1 
ATOM   244  C CE2 . TYR A 1 33  ? 11.870  -6.254  5.902   1.00 31.00 ? 31  TYR A CE2 1 
ATOM   245  C CZ  . TYR A 1 33  ? 11.519  -5.540  7.039   1.00 31.39 ? 31  TYR A CZ  1 
ATOM   246  O OH  . TYR A 1 33  ? 12.460  -4.809  7.701   1.00 31.27 ? 31  TYR A OH  1 
ATOM   247  N N   . TRP A 1 34  ? 9.427   -7.040  2.136   1.00 21.80 ? 32  TRP A N   1 
ATOM   248  C CA  . TRP A 1 34  ? 10.422  -6.437  1.245   1.00 22.24 ? 32  TRP A CA  1 
ATOM   249  C C   . TRP A 1 34  ? 9.790   -5.536  0.167   1.00 19.15 ? 32  TRP A C   1 
ATOM   250  O O   . TRP A 1 34  ? 10.374  -4.515  -0.206  1.00 22.87 ? 32  TRP A O   1 
ATOM   251  C CB  . TRP A 1 34  ? 11.296  -7.546  0.633   1.00 21.83 ? 32  TRP A CB  1 
ATOM   252  C CG  . TRP A 1 34  ? 12.204  -8.063  1.712   1.00 25.00 ? 32  TRP A CG  1 
ATOM   253  C CD1 . TRP A 1 34  ? 12.149  -9.283  2.327   1.00 29.05 ? 32  TRP A CD1 1 
ATOM   254  C CD2 . TRP A 1 34  ? 13.218  -7.319  2.378   1.00 25.16 ? 32  TRP A CD2 1 
ATOM   255  N NE1 . TRP A 1 34  ? 13.113  -9.359  3.309   1.00 28.66 ? 32  TRP A NE1 1 
ATOM   256  C CE2 . TRP A 1 34  ? 13.783  -8.167  3.358   1.00 29.02 ? 32  TRP A CE2 1 
ATOM   257  C CE3 . TRP A 1 34  ? 13.732  -6.022  2.222   1.00 27.78 ? 32  TRP A CE3 1 
ATOM   258  C CZ2 . TRP A 1 34  ? 14.821  -7.759  4.175   1.00 29.98 ? 32  TRP A CZ2 1 
ATOM   259  C CZ3 . TRP A 1 34  ? 14.775  -5.621  3.038   1.00 32.74 ? 32  TRP A CZ3 1 
ATOM   260  C CH2 . TRP A 1 34  ? 15.305  -6.483  4.008   1.00 32.43 ? 32  TRP A CH2 1 
ATOM   261  N N   . LEU A 1 35  ? 8.598   -5.885  -0.297  1.00 21.67 ? 33  LEU A N   1 
ATOM   262  C CA  . LEU A 1 35  ? 7.878   -4.976  -1.211  1.00 18.44 ? 33  LEU A CA  1 
ATOM   263  C C   . LEU A 1 35  ? 7.631   -3.632  -0.538  1.00 20.97 ? 33  LEU A C   1 
ATOM   264  O O   . LEU A 1 35  ? 7.738   -2.576  -1.168  1.00 17.46 ? 33  LEU A O   1 
ATOM   265  C CB  . LEU A 1 35  ? 6.559   -5.595  -1.652  1.00 18.07 ? 33  LEU A CB  1 
ATOM   266  C CG  . LEU A 1 35  ? 6.633   -6.765  -2.638  1.00 18.35 ? 33  LEU A CG  1 
ATOM   267  C CD1 . LEU A 1 35  ? 5.237   -7.326  -2.847  1.00 19.35 ? 33  LEU A CD1 1 
ATOM   268  C CD2 . LEU A 1 35  ? 7.225   -6.249  -3.949  1.00 22.11 ? 33  LEU A CD2 1 
ATOM   269  N N   . GLU A 1 36  ? 7.322   -3.666  0.760   1.00 20.65 ? 34  GLU A N   1 
ATOM   270  C CA  . GLU A 1 36  ? 7.035   -2.434  1.495   1.00 20.09 ? 34  GLU A CA  1 
ATOM   271  C C   . GLU A 1 36  ? 8.284   -1.594  1.633   1.00 19.08 ? 34  GLU A C   1 
ATOM   272  O O   . GLU A 1 36  ? 8.239   -0.376  1.501   1.00 19.05 ? 34  GLU A O   1 
ATOM   273  C CB  . GLU A 1 36  ? 6.450   -2.744  2.894   1.00 22.34 ? 34  GLU A CB  1 
ATOM   274  C CG  . GLU A 1 36  ? 5.020   -3.302  2.865   1.00 26.52 ? 34  GLU A CG  1 
ATOM   275  C CD  . GLU A 1 36  ? 4.515   -3.841  4.223   1.00 33.49 ? 34  GLU A CD  1 
ATOM   276  O OE1 . GLU A 1 36  ? 5.333   -4.279  5.068   1.00 41.99 ? 34  GLU A OE1 1 
ATOM   277  O OE2 . GLU A 1 36  ? 3.283   -3.845  4.436   1.00 35.61 ? 34  GLU A OE2 1 
ATOM   278  N N   . GLN A 1 37  ? 9.415   -2.242  1.912   1.00 20.72 ? 35  GLN A N   1 
ATOM   279  C CA  . GLN A 1 37  ? 10.669  -1.498  2.010   1.00 22.75 ? 35  GLN A CA  1 
ATOM   280  C C   . GLN A 1 37  ? 10.975  -0.830  0.674   1.00 22.89 ? 35  GLN A C   1 
ATOM   281  O O   . GLN A 1 37  ? 11.372  0.335   0.610   1.00 21.35 ? 35  GLN A O   1 
ATOM   282  C CB  . GLN A 1 37  ? 11.831  -2.422  2.418   1.00 23.13 ? 35  GLN A CB  1 
ATOM   283  C CG  . GLN A 1 37  ? 11.611  -3.146  3.748   1.00 27.33 ? 35  GLN A CG  1 
ATOM   284  C CD  . GLN A 1 37  ? 11.196  -2.193  4.852   1.00 29.79 ? 35  GLN A CD  1 
ATOM   285  O OE1 . GLN A 1 37  ? 11.899  -1.226  5.150   1.00 37.53 ? 35  GLN A OE1 1 
ATOM   286  N NE2 . GLN A 1 37  ? 10.032  -2.440  5.435   1.00 35.29 ? 35  GLN A NE2 1 
ATOM   287  N N   . SER A 1 38  ? 10.799  -1.592  -0.397  1.00 20.75 ? 36  SER A N   1 
ATOM   288  C CA  . SER A 1 38  ? 11.067  -1.059  -1.728  1.00 21.49 ? 36  SER A CA  1 
ATOM   289  C C   . SER A 1 38  ? 10.084  0.064   -2.090  1.00 18.95 ? 36  SER A C   1 
ATOM   290  O O   . SER A 1 38  ? 10.481  1.122   -2.570  1.00 19.34 ? 36  SER A O   1 
ATOM   291  C CB  . SER A 1 38  ? 10.987  -2.191  -2.765  1.00 20.43 ? 36  SER A CB  1 
ATOM   292  O OG  . SER A 1 38  ? 11.289  -1.721  -4.073  1.00 21.14 ? 36  SER A OG  1 
ATOM   293  N N   . ALA A 1 39  ? 8.797   -0.194  -1.877  1.00 18.36 ? 37  ALA A N   1 
ATOM   294  C CA  . ALA A 1 39  ? 7.746   0.778   -2.212  1.00 18.28 ? 37  ALA A CA  1 
ATOM   295  C C   . ALA A 1 39  ? 7.923   2.076   -1.434  1.00 23.42 ? 37  ALA A C   1 
ATOM   296  O O   . ALA A 1 39  ? 7.647   3.160   -1.938  1.00 20.11 ? 37  ALA A O   1 
ATOM   297  C CB  . ALA A 1 39  ? 6.366   0.178   -1.923  1.00 19.13 ? 37  ALA A CB  1 
ATOM   298  N N   . ASN A 1 40  ? 8.399   1.968   -0.198  1.00 23.33 ? 38  ASN A N   1 
ATOM   299  C CA  . ASN A 1 40  ? 8.571   3.179   0.588   1.00 23.45 ? 38  ASN A CA  1 
ATOM   300  C C   . ASN A 1 40  ? 9.737   4.042   0.133   1.00 30.00 ? 38  ASN A C   1 
ATOM   301  O O   . ASN A 1 40  ? 9.814   5.207   0.509   1.00 29.42 ? 38  ASN A O   1 
ATOM   302  C CB  . ASN A 1 40  ? 8.687   2.825   2.068   1.00 26.66 ? 38  ASN A CB  1 
ATOM   303  C CG  . ASN A 1 40  ? 7.317   2.689   2.711   1.00 28.04 ? 38  ASN A CG  1 
ATOM   304  O OD1 . ASN A 1 40  ? 6.997   1.686   3.326   1.00 31.94 ? 38  ASN A OD1 1 
ATOM   305  N ND2 . ASN A 1 40  ? 6.488   3.707   2.525   1.00 30.35 ? 38  ASN A ND2 1 
ATOM   306  N N   . GLN A 1 41  ? 10.611  3.506   -0.717  1.00 26.39 ? 39  GLN A N   1 
ATOM   307  C CA  . GLN A 1 41  ? 11.658  4.338   -1.305  1.00 28.59 ? 39  GLN A CA  1 
ATOM   308  C C   . GLN A 1 41  ? 11.239  4.836   -2.681  1.00 30.26 ? 39  GLN A C   1 
ATOM   309  O O   . GLN A 1 41  ? 12.043  5.403   -3.424  1.00 34.11 ? 39  GLN A O   1 
ATOM   310  C CB  . GLN A 1 41  ? 12.978  3.575   -1.397  1.00 27.85 ? 39  GLN A CB  1 
ATOM   311  C CG  . GLN A 1 41  ? 13.325  2.835   -0.140  1.00 31.80 ? 39  GLN A CG  1 
ATOM   312  C CD  . GLN A 1 41  ? 14.680  2.171   -0.229  1.00 32.63 ? 39  GLN A CD  1 
ATOM   313  O OE1 . GLN A 1 41  ? 15.665  2.827   -0.539  1.00 38.30 ? 39  GLN A OE1 1 
ATOM   314  N NE2 . GLN A 1 41  ? 14.735  0.864   0.029   1.00 30.48 ? 39  GLN A NE2 1 
ATOM   315  N N   . GLY A 1 42  ? 9.972   4.605   -3.016  1.00 26.59 ? 40  GLY A N   1 
ATOM   316  C CA  . GLY A 1 42  ? 9.381   5.145   -4.222  1.00 27.01 ? 40  GLY A CA  1 
ATOM   317  C C   . GLY A 1 42  ? 9.490   4.258   -5.451  1.00 24.89 ? 40  GLY A C   1 
ATOM   318  O O   . GLY A 1 42  ? 9.328   4.738   -6.578  1.00 25.86 ? 40  GLY A O   1 
ATOM   319  N N   . TYR A 1 43  ? 9.769   2.975   -5.256  1.00 20.13 ? 41  TYR A N   1 
ATOM   320  C CA  . TYR A 1 43  ? 9.980   2.107   -6.414  1.00 22.03 ? 41  TYR A CA  1 
ATOM   321  C C   . TYR A 1 43  ? 8.624   1.638   -6.969  1.00 22.79 ? 41  TYR A C   1 
ATOM   322  O O   . TYR A 1 43  ? 7.930   0.834   -6.368  1.00 18.76 ? 41  TYR A O   1 
ATOM   323  C CB  . TYR A 1 43  ? 10.888  0.910   -6.055  1.00 22.19 ? 41  TYR A CB  1 
ATOM   324  C CG  . TYR A 1 43  ? 11.371  0.157   -7.274  1.00 23.12 ? 41  TYR A CG  1 
ATOM   325  C CD1 . TYR A 1 43  ? 12.011  0.835   -8.316  1.00 25.39 ? 41  TYR A CD1 1 
ATOM   326  C CD2 . TYR A 1 43  ? 11.196  -1.216  -7.390  1.00 22.63 ? 41  TYR A CD2 1 
ATOM   327  C CE1 . TYR A 1 43  ? 12.436  0.161   -9.460  1.00 25.42 ? 41  TYR A CE1 1 
ATOM   328  C CE2 . TYR A 1 43  ? 11.631  -1.906  -8.529  1.00 23.92 ? 41  TYR A CE2 1 
ATOM   329  C CZ  . TYR A 1 43  ? 12.248  -1.196  -9.556  1.00 26.18 ? 41  TYR A CZ  1 
ATOM   330  O OH  . TYR A 1 43  ? 12.692  -1.848  -10.677 1.00 28.51 ? 41  TYR A OH  1 
ATOM   331  N N   . LEU A 1 44  ? 8.252   2.157   -8.132  1.00 19.38 ? 42  LEU A N   1 
ATOM   332  C CA  . LEU A 1 44  ? 6.925   1.904   -8.690  1.00 20.69 ? 42  LEU A CA  1 
ATOM   333  C C   . LEU A 1 44  ? 6.512   0.418   -8.880  1.00 20.75 ? 42  LEU A C   1 
ATOM   334  O O   . LEU A 1 44  ? 5.377   0.081   -8.614  1.00 17.83 ? 42  LEU A O   1 
ATOM   335  C CB  . LEU A 1 44  ? 6.807   2.640   -10.032 1.00 23.24 ? 42  LEU A CB  1 
ATOM   336  C CG  . LEU A 1 44  ? 5.455   2.562   -10.730 1.00 27.96 ? 42  LEU A CG  1 
ATOM   337  C CD1 . LEU A 1 44  ? 4.348   3.184   -9.854  1.00 25.72 ? 42  LEU A CD1 1 
ATOM   338  C CD2 . LEU A 1 44  ? 5.494   3.217   -12.128 1.00 30.04 ? 42  LEU A CD2 1 
ATOM   339  N N   . PRO A 1 45  ? 7.415   -0.456  -9.366  1.00 20.74 ? 43  PRO A N   1 
ATOM   340  C CA  . PRO A 1 45  ? 6.978   -1.859  -9.477  1.00 21.20 ? 43  PRO A CA  1 
ATOM   341  C C   . PRO A 1 45  ? 6.569   -2.453  -8.124  1.00 14.90 ? 43  PRO A C   1 
ATOM   342  O O   . PRO A 1 45  ? 5.641   -3.260  -8.074  1.00 15.23 ? 43  PRO A O   1 
ATOM   343  C CB  . PRO A 1 45  ? 8.221   -2.570  -10.044 1.00 20.25 ? 43  PRO A CB  1 
ATOM   344  C CG  . PRO A 1 45  ? 8.883   -1.498  -10.886 1.00 22.24 ? 43  PRO A CG  1 
ATOM   345  C CD  . PRO A 1 45  ? 8.697   -0.225  -10.058 1.00 18.86 ? 43  PRO A CD  1 
ATOM   346  N N   . ALA A 1 46  ? 7.253   -2.056  -7.053  1.00 16.06 ? 44  ALA A N   1 
ATOM   347  C CA  . ALA A 1 46  ? 6.926   -2.573  -5.727  1.00 17.24 ? 44  ALA A CA  1 
ATOM   348  C C   . ALA A 1 46  ? 5.559   -2.045  -5.287  1.00 14.49 ? 44  ALA A C   1 
ATOM   349  O O   . ALA A 1 46  ? 4.761   -2.775  -4.692  1.00 18.94 ? 44  ALA A O   1 
ATOM   350  C CB  . ALA A 1 46  ? 8.021   -2.179  -4.700  1.00 17.11 ? 44  ALA A CB  1 
ATOM   351  N N   . GLN A 1 47  ? 5.291   -0.767  -5.569  1.00 14.96 ? 45  GLN A N   1 
ATOM   352  C CA  . GLN A 1 47  ? 4.007   -0.172  -5.204  1.00 15.82 ? 45  GLN A CA  1 
ATOM   353  C C   . GLN A 1 47  ? 2.862   -0.881  -5.924  1.00 15.41 ? 45  GLN A C   1 
ATOM   354  O O   . GLN A 1 47  ? 1.812   -1.117  -5.350  1.00 13.83 ? 45  GLN A O   1 
ATOM   355  C CB  . GLN A 1 47  ? 4.008   1.337   -5.519  1.00 19.31 ? 45  GLN A CB  1 
ATOM   356  C CG  . GLN A 1 47  ? 5.117   2.090   -4.715  1.00 16.95 ? 45  GLN A CG  1 
ATOM   357  C CD  . GLN A 1 47  ? 5.127   3.579   -4.975  1.00 24.79 ? 45  GLN A CD  1 
ATOM   358  O OE1 . GLN A 1 47  ? 4.327   4.066   -5.756  1.00 28.18 ? 45  GLN A OE1 1 
ATOM   359  N NE2 . GLN A 1 47  ? 6.024   4.311   -4.304  1.00 24.70 ? 45  GLN A NE2 1 
ATOM   360  N N   . LYS A 1 48  ? 3.064   -1.218  -7.196  1.00 15.66 ? 46  LYS A N   1 
ATOM   361  C CA  . LYS A 1 48  ? 1.997   -1.877  -7.949  1.00 14.84 ? 46  LYS A CA  1 
ATOM   362  C C   . LYS A 1 48  ? 1.716   -3.273  -7.393  1.00 15.85 ? 46  LYS A C   1 
ATOM   363  O O   . LYS A 1 48  ? 0.561   -3.684  -7.264  1.00 16.84 ? 46  LYS A O   1 
ATOM   364  C CB  . LYS A 1 48  ? 2.367   -1.955  -9.430  1.00 15.89 ? 46  LYS A CB  1 
ATOM   365  C CG  . LYS A 1 48  ? 2.148   -0.602  -10.150 1.00 18.09 ? 46  LYS A CG  1 
ATOM   366  C CD  . LYS A 1 48  ? 2.665   -0.682  -11.580 1.00 26.22 ? 46  LYS A CD  1 
ATOM   367  C CE  . LYS A 1 48  ? 2.243   0.546   -12.386 1.00 29.14 ? 46  LYS A CE  1 
ATOM   368  N NZ  . LYS A 1 48  ? 3.011   0.570   -13.658 1.00 37.08 ? 46  LYS A NZ  1 
ATOM   369  N N   . GLN A 1 49  ? 2.778   -4.010  -7.106  1.00 14.37 ? 47  GLN A N   1 
ATOM   370  C CA  . GLN A 1 49  ? 2.599   -5.371  -6.567  1.00 20.44 ? 47  GLN A CA  1 
ATOM   371  C C   . GLN A 1 49  ? 1.952   -5.314  -5.178  1.00 18.37 ? 47  GLN A C   1 
ATOM   372  O O   . GLN A 1 49  ? 1.102   -6.126  -4.815  1.00 15.93 ? 47  GLN A O   1 
ATOM   373  C CB  . GLN A 1 49  ? 3.942   -6.099  -6.494  1.00 20.51 ? 47  GLN A CB  1 
ATOM   374  C CG  . GLN A 1 49  ? 3.845   -7.605  -6.216  1.00 25.59 ? 47  GLN A CG  1 
ATOM   375  C CD  . GLN A 1 49  ? 5.170   -8.321  -6.507  1.00 28.90 ? 47  GLN A CD  1 
ATOM   376  O OE1 . GLN A 1 49  ? 6.041   -7.756  -7.153  1.00 26.10 ? 47  GLN A OE1 1 
ATOM   377  N NE2 . GLN A 1 49  ? 5.327   -9.552  -6.011  1.00 26.26 ? 47  GLN A NE2 1 
ATOM   378  N N   . LEU A 1 50  ? 2.381   -4.339  -4.393  1.00 17.38 ? 48  LEU A N   1 
ATOM   379  C CA  . LEU A 1 50  ? 1.848   -4.166  -3.049  1.00 19.91 ? 48  LEU A CA  1 
ATOM   380  C C   . LEU A 1 50  ? 0.379   -3.782  -3.102  1.00 16.88 ? 48  LEU A C   1 
ATOM   381  O O   . LEU A 1 50  ? -0.420  -4.213  -2.259  1.00 20.80 ? 48  LEU A O   1 
ATOM   382  C CB  . LEU A 1 50  ? 2.676   -3.111  -2.303  1.00 19.94 ? 48  LEU A CB  1 
ATOM   383  C CG  . LEU A 1 50  ? 2.745   -3.165  -0.782  1.00 25.93 ? 48  LEU A CG  1 
ATOM   384  C CD1 . LEU A 1 50  ? 3.125   -4.554  -0.288  1.00 20.86 ? 48  LEU A CD1 1 
ATOM   385  C CD2 . LEU A 1 50  ? 3.701   -2.104  -0.269  1.00 21.69 ? 48  LEU A CD2 1 
ATOM   386  N N   . ALA A 1 51  ? -0.008  -2.976  -4.096  1.00 15.25 ? 49  ALA A N   1 
ATOM   387  C CA  . ALA A 1 51  ? -1.424  -2.628  -4.214  1.00 18.41 ? 49  ALA A CA  1 
ATOM   388  C C   . ALA A 1 51  ? -2.270  -3.883  -4.464  1.00 22.27 ? 49  ALA A C   1 
ATOM   389  O O   . ALA A 1 51  ? -3.330  -4.079  -3.839  1.00 20.44 ? 49  ALA A O   1 
ATOM   390  C CB  . ALA A 1 51  ? -1.652  -1.615  -5.320  1.00 17.62 ? 49  ALA A CB  1 
ATOM   391  N N   . ASN A 1 52  ? -1.804  -4.743  -5.367  1.00 18.55 ? 50  ASN A N   1 
ATOM   392  C CA  . ASN A 1 52  ? -2.501  -5.999  -5.603  1.00 20.05 ? 50  ASN A CA  1 
ATOM   393  C C   . ASN A 1 52  ? -2.480  -6.891  -4.354  1.00 17.93 ? 50  ASN A C   1 
ATOM   394  O O   . ASN A 1 52  ? -3.465  -7.572  -4.071  1.00 20.06 ? 50  ASN A O   1 
ATOM   395  C CB  . ASN A 1 52  ? -1.892  -6.754  -6.792  1.00 20.84 ? 50  ASN A CB  1 
ATOM   396  C CG  . ASN A 1 52  ? -2.254  -6.114  -8.129  1.00 23.89 ? 50  ASN A CG  1 
ATOM   397  O OD1 . ASN A 1 52  ? -3.411  -5.768  -8.375  1.00 31.88 ? 50  ASN A OD1 1 
ATOM   398  N ND2 . ASN A 1 52  ? -1.267  -5.974  -9.002  1.00 27.09 ? 50  ASN A ND2 1 
ATOM   399  N N   . ASP A 1 53  ? -1.357  -6.893  -3.643  1.00 16.02 ? 51  ASP A N   1 
ATOM   400  C CA  . ASP A 1 53  ? -1.185  -7.769  -2.471  1.00 18.02 ? 51  ASP A CA  1 
ATOM   401  C C   . ASP A 1 53  ? -2.243  -7.416  -1.404  1.00 19.16 ? 51  ASP A C   1 
ATOM   402  O O   . ASP A 1 53  ? -2.978  -8.285  -0.896  1.00 18.08 ? 51  ASP A O   1 
ATOM   403  C CB  . ASP A 1 53  ? 0.248   -7.629  -1.923  1.00 16.28 ? 51  ASP A CB  1 
ATOM   404  C CG  . ASP A 1 53  ? 0.546   -8.576  -0.755  1.00 19.94 ? 51  ASP A CG  1 
ATOM   405  O OD1 . ASP A 1 53  ? -0.297  -9.434  -0.410  1.00 22.41 ? 51  ASP A OD1 1 
ATOM   406  O OD2 . ASP A 1 53  ? 1.636   -8.444  -0.176  1.00 23.08 ? 51  ASP A OD2 1 
ATOM   407  N N   . PHE A 1 54  ? -2.365  -6.127  -1.115  1.00 16.99 ? 52  PHE A N   1 
ATOM   408  C CA  . PHE A 1 54  ? -3.299  -5.682  -0.088  1.00 16.40 ? 52  PHE A CA  1 
ATOM   409  C C   . PHE A 1 54  ? -4.758  -5.849  -0.517  1.00 20.25 ? 52  PHE A C   1 
ATOM   410  O O   . PHE A 1 54  ? -5.641  -6.147  0.299   1.00 18.77 ? 52  PHE A O   1 
ATOM   411  C CB  . PHE A 1 54  ? -3.010  -4.211  0.271   1.00 16.06 ? 52  PHE A CB  1 
ATOM   412  C CG  . PHE A 1 54  ? -1.878  -4.034  1.226   1.00 16.13 ? 52  PHE A CG  1 
ATOM   413  C CD1 . PHE A 1 54  ? -1.941  -4.592  2.509   1.00 20.12 ? 52  PHE A CD1 1 
ATOM   414  C CD2 . PHE A 1 54  ? -0.749  -3.287  0.883   1.00 16.77 ? 52  PHE A CD2 1 
ATOM   415  C CE1 . PHE A 1 54  ? -0.909  -4.421  3.409   1.00 20.27 ? 52  PHE A CE1 1 
ATOM   416  C CE2 . PHE A 1 54  ? 0.305   -3.101  1.807   1.00 18.34 ? 52  PHE A CE2 1 
ATOM   417  C CZ  . PHE A 1 54  ? 0.219   -3.676  3.075   1.00 22.86 ? 52  PHE A CZ  1 
ATOM   418  N N   . ALA A 1 55  ? -5.018  -5.644  -1.804  1.00 17.71 ? 53  ALA A N   1 
ATOM   419  C CA  . ALA A 1 55  ? -6.376  -5.751  -2.331  1.00 22.68 ? 53  ALA A CA  1 
ATOM   420  C C   . ALA A 1 55  ? -6.872  -7.191  -2.283  1.00 25.38 ? 53  ALA A C   1 
ATOM   421  O O   . ALA A 1 55  ? -8.018  -7.444  -1.949  1.00 24.68 ? 53  ALA A O   1 
ATOM   422  C CB  . ALA A 1 55  ? -6.436  -5.233  -3.783  1.00 23.36 ? 53  ALA A CB  1 
ATOM   423  N N   . LYS A 1 56  ? -5.994  -8.130  -2.635  1.00 18.92 ? 54  LYS A N   1 
ATOM   424  C CA  . LYS A 1 56  ? -6.407  -9.510  -2.840  1.00 21.52 ? 54  LYS A CA  1 
ATOM   425  C C   . LYS A 1 56  ? -6.037  -10.441 -1.679  1.00 26.30 ? 54  LYS A C   1 
ATOM   426  O O   . LYS A 1 56  ? -6.564  -11.540 -1.577  1.00 24.06 ? 54  LYS A O   1 
ATOM   427  C CB  . LYS A 1 56  ? -5.782  -10.029 -4.140  1.00 23.86 ? 54  LYS A CB  1 
ATOM   428  C CG  . LYS A 1 56  ? -6.303  -9.287  -5.376  1.00 23.25 ? 54  LYS A CG  1 
ATOM   429  C CD  . LYS A 1 56  ? -5.550  -9.735  -6.625  1.00 28.10 ? 54  LYS A CD  1 
ATOM   430  C CE  . LYS A 1 56  ? -6.224  -9.198  -7.897  1.00 33.08 ? 54  LYS A CE  1 
ATOM   431  N NZ  . LYS A 1 56  ? -6.009  -7.743  -8.132  1.00 39.32 ? 54  LYS A NZ  1 
ATOM   432  N N   . GLY A 1 57  ? -5.119  -9.993  -0.830  1.00 23.85 ? 55  GLY A N   1 
ATOM   433  C CA  . GLY A 1 57  ? -4.641  -10.772 0.298   1.00 22.13 ? 55  GLY A CA  1 
ATOM   434  C C   . GLY A 1 57  ? -3.692  -11.845 -0.201  1.00 24.00 ? 55  GLY A C   1 
ATOM   435  O O   . GLY A 1 57  ? -3.860  -13.028 0.073   1.00 25.51 ? 55  GLY A O   1 
ATOM   436  N N   . ILE A 1 58  ? -2.684  -11.439 -0.957  1.00 21.58 ? 56  ILE A N   1 
ATOM   437  C CA  . ILE A 1 58  ? -1.811  -12.416 -1.597  1.00 25.77 ? 56  ILE A CA  1 
ATOM   438  C C   . ILE A 1 58  ? -0.758  -12.973 -0.635  1.00 25.76 ? 56  ILE A C   1 
ATOM   439  O O   . ILE A 1 58  ? -0.578  -14.197 -0.519  1.00 24.29 ? 56  ILE A O   1 
ATOM   440  C CB  . ILE A 1 58  ? -1.126  -11.797 -2.834  1.00 24.96 ? 56  ILE A CB  1 
ATOM   441  C CG1 . ILE A 1 58  ? -2.185  -11.390 -3.859  1.00 26.34 ? 56  ILE A CG1 1 
ATOM   442  C CG2 . ILE A 1 58  ? -0.071  -12.744 -3.428  1.00 23.91 ? 56  ILE A CG2 1 
ATOM   443  C CD1 . ILE A 1 58  ? -3.019  -12.518 -4.395  1.00 29.55 ? 56  ILE A CD1 1 
ATOM   444  N N   . ASN A 1 59  ? -0.058  -12.084 0.053   1.00 19.59 ? 57  ASN A N   1 
ATOM   445  C CA  . ASN A 1 59  ? 1.002   -12.482 0.966   1.00 21.47 ? 57  ASN A CA  1 
ATOM   446  C C   . ASN A 1 59  ? 0.625   -12.261 2.427   1.00 21.43 ? 57  ASN A C   1 
ATOM   447  O O   . ASN A 1 59  ? 1.471   -12.318 3.308   1.00 25.39 ? 57  ASN A O   1 
ATOM   448  C CB  . ASN A 1 59  ? 2.275   -11.706 0.672   1.00 25.42 ? 57  ASN A CB  1 
ATOM   449  C CG  . ASN A 1 59  ? 2.782   -11.957 -0.728  1.00 30.83 ? 57  ASN A CG  1 
ATOM   450  O OD1 . ASN A 1 59  ? 3.004   -13.107 -1.110  1.00 29.48 ? 57  ASN A OD1 1 
ATOM   451  N ND2 . ASN A 1 59  ? 2.942   -10.891 -1.511  1.00 26.42 ? 57  ASN A ND2 1 
ATOM   452  N N   . GLY A 1 60  ? -0.636  -11.965 2.661   1.00 21.06 ? 58  GLY A N   1 
ATOM   453  C CA  . GLY A 1 60  ? -1.100  -11.727 4.010   1.00 23.06 ? 58  GLY A CA  1 
ATOM   454  C C   . GLY A 1 60  ? -2.530  -11.261 3.982   1.00 23.29 ? 58  GLY A C   1 
ATOM   455  O O   . GLY A 1 60  ? -3.239  -11.452 2.991   1.00 20.28 ? 58  GLY A O   1 
ATOM   456  N N   . GLU A 1 61  ? -2.967  -10.664 5.082   1.00 19.31 ? 59  GLU A N   1 
ATOM   457  C CA  . GLU A 1 61  ? -4.356  -10.273 5.207   1.00 17.39 ? 59  GLU A CA  1 
ATOM   458  C C   . GLU A 1 61  ? -4.690  -9.234  4.143   1.00 21.12 ? 59  GLU A C   1 
ATOM   459  O O   . GLU A 1 61  ? -3.813  -8.481  3.742   1.00 18.52 ? 59  GLU A O   1 
ATOM   460  C CB  . GLU A 1 61  ? -4.618  -9.705  6.597   1.00 21.23 ? 59  GLU A CB  1 
ATOM   461  C CG  . GLU A 1 61  ? -3.791  -8.463  6.889   1.00 24.03 ? 59  GLU A CG  1 
ATOM   462  C CD  . GLU A 1 61  ? -3.794  -8.104  8.371   1.00 30.73 ? 59  GLU A CD  1 
ATOM   463  O OE1 . GLU A 1 61  ? -3.634  -6.916  8.682   1.00 31.25 ? 59  GLU A OE1 1 
ATOM   464  O OE2 . GLU A 1 61  ? -3.938  -9.016  9.217   1.00 31.68 ? 59  GLU A OE2 1 
ATOM   465  N N   . LYS A 1 62  ? -5.943  -9.182  3.698   1.00 19.66 ? 60  LYS A N   1 
ATOM   466  C CA  . LYS A 1 62  ? -6.393  -8.048  2.894   1.00 21.59 ? 60  LYS A CA  1 
ATOM   467  C C   . LYS A 1 62  ? -6.381  -6.770  3.727   1.00 26.49 ? 60  LYS A C   1 
ATOM   468  O O   . LYS A 1 62  ? -6.526  -6.802  4.951   1.00 21.31 ? 60  LYS A O   1 
ATOM   469  C CB  . LYS A 1 62  ? -7.803  -8.252  2.351   1.00 26.31 ? 60  LYS A CB  1 
ATOM   470  C CG  . LYS A 1 62  ? -7.976  -9.331  1.321   1.00 26.78 ? 60  LYS A CG  1 
ATOM   471  C CD  . LYS A 1 62  ? -9.479  -9.501  1.041   1.00 31.34 ? 60  LYS A CD  1 
ATOM   472  C CE  . LYS A 1 62  ? -9.754  -10.519 -0.051  1.00 41.82 ? 60  LYS A CE  1 
ATOM   473  N NZ  . LYS A 1 62  ? -11.225 -10.632 -0.353  1.00 42.73 ? 60  LYS A NZ  1 
ATOM   474  N N   . ASN A 1 63  ? -6.207  -5.636  3.058   1.00 20.90 ? 61  ASN A N   1 
ATOM   475  C CA  . ASN A 1 63  ? -6.286  -4.357  3.749   1.00 22.67 ? 61  ASN A CA  1 
ATOM   476  C C   . ASN A 1 63  ? -6.685  -3.309  2.736   1.00 23.49 ? 61  ASN A C   1 
ATOM   477  O O   . ASN A 1 63  ? -5.820  -2.755  2.038   1.00 19.37 ? 61  ASN A O   1 
ATOM   478  C CB  . ASN A 1 63  ? -4.946  -4.015  4.424   1.00 21.00 ? 61  ASN A CB  1 
ATOM   479  C CG  . ASN A 1 63  ? -5.021  -2.762  5.308   1.00 27.71 ? 61  ASN A CG  1 
ATOM   480  O OD1 . ASN A 1 63  ? -5.754  -1.819  5.014   1.00 23.52 ? 61  ASN A OD1 1 
ATOM   481  N ND2 . ASN A 1 63  ? -4.219  -2.739  6.366   1.00 30.35 ? 61  ASN A ND2 1 
ATOM   482  N N   . GLU A 1 64  ? -7.985  -3.038  2.672   1.00 21.75 ? 62  GLU A N   1 
ATOM   483  C CA  . GLU A 1 64  ? -8.533  -2.144  1.640   1.00 28.12 ? 62  GLU A CA  1 
ATOM   484  C C   . GLU A 1 64  ? -7.963  -0.732  1.735   1.00 22.66 ? 62  GLU A C   1 
ATOM   485  O O   . GLU A 1 64  ? -7.696  -0.079  0.722   1.00 20.34 ? 62  GLU A O   1 
ATOM   486  C CB  . GLU A 1 64  ? -10.061 -2.077  1.745   1.00 33.00 ? 62  GLU A CB  1 
ATOM   487  C CG  . GLU A 1 64  ? -10.754 -3.416  1.613   1.00 44.18 ? 62  GLU A CG  1 
ATOM   488  C CD  . GLU A 1 64  ? -10.788 -3.921  0.186   1.00 53.76 ? 62  GLU A CD  1 
ATOM   489  O OE1 . GLU A 1 64  ? -11.579 -3.359  -0.624  1.00 54.07 ? 62  GLU A OE1 1 
ATOM   490  O OE2 . GLU A 1 64  ? -10.027 -4.879  -0.115  1.00 49.31 ? 62  GLU A OE2 1 
ATOM   491  N N   . THR A 1 65  ? -7.791  -0.242  2.958   1.00 25.05 ? 63  THR A N   1 
ATOM   492  C CA  . THR A 1 65  ? -7.272  1.105   3.132   1.00 22.83 ? 63  THR A CA  1 
ATOM   493  C C   . THR A 1 65  ? -5.821  1.207   2.644   1.00 19.64 ? 63  THR A C   1 
ATOM   494  O O   . THR A 1 65  ? -5.451  2.194   1.983   1.00 17.23 ? 63  THR A O   1 
ATOM   495  C CB  . THR A 1 65  ? -7.390  1.549   4.601   1.00 28.58 ? 63  THR A CB  1 
ATOM   496  O OG1 . THR A 1 65  ? -8.775  1.536   4.962   1.00 25.35 ? 63  THR A OG1 1 
ATOM   497  C CG2 . THR A 1 65  ? -6.844  2.948   4.789   1.00 27.78 ? 63  THR A CG2 1 
ATOM   498  N N   . GLN A 1 66  ? -4.996  0.196   2.918   1.00 18.29 ? 64  GLN A N   1 
ATOM   499  C CA  . GLN A 1 66  ? -3.620  0.226   2.419   1.00 16.60 ? 64  GLN A CA  1 
ATOM   500  C C   . GLN A 1 66  ? -3.547  -0.033  0.906   1.00 15.99 ? 64  GLN A C   1 
ATOM   501  O O   . GLN A 1 66  ? -2.636  0.459   0.233   1.00 16.13 ? 64  GLN A O   1 
ATOM   502  C CB  . GLN A 1 66  ? -2.727  -0.793  3.153   1.00 19.46 ? 64  GLN A CB  1 
ATOM   503  C CG  . GLN A 1 66  ? -2.384  -0.357  4.580   1.00 23.03 ? 64  GLN A CG  1 
ATOM   504  C CD  . GLN A 1 66  ? -1.939  1.102   4.645   1.00 23.68 ? 64  GLN A CD  1 
ATOM   505  O OE1 . GLN A 1 66  ? -0.839  1.436   4.218   1.00 26.97 ? 64  GLN A OE1 1 
ATOM   506  N NE2 . GLN A 1 66  ? -2.801  1.970   5.180   1.00 25.79 ? 64  GLN A NE2 1 
ATOM   507  N N   . ALA A 1 67  ? -4.483  -0.811  0.391   1.00 16.52 ? 65  ALA A N   1 
ATOM   508  C CA  . ALA A 1 67  ? -4.585  -0.992  -1.063  1.00 16.62 ? 65  ALA A CA  1 
ATOM   509  C C   . ALA A 1 67  ? -4.836  0.383   -1.689  1.00 18.22 ? 65  ALA A C   1 
ATOM   510  O O   . ALA A 1 67  ? -4.145  0.780   -2.626  1.00 15.34 ? 65  ALA A O   1 
ATOM   511  C CB  . ALA A 1 67  ? -5.699  -1.944  -1.405  1.00 15.96 ? 65  ALA A CB  1 
ATOM   512  N N   . LEU A 1 68  ? -5.796  1.127   -1.121  1.00 16.01 ? 66  LEU A N   1 
ATOM   513  C CA  . LEU A 1 68  ? -6.130  2.463   -1.633  1.00 15.91 ? 66  LEU A CA  1 
ATOM   514  C C   . LEU A 1 68  ? -4.952  3.419   -1.506  1.00 15.11 ? 66  LEU A C   1 
ATOM   515  O O   . LEU A 1 68  ? -4.727  4.268   -2.368  1.00 17.22 ? 66  LEU A O   1 
ATOM   516  C CB  . LEU A 1 68  ? -7.350  3.055   -0.888  1.00 15.95 ? 66  LEU A CB  1 
ATOM   517  C CG  . LEU A 1 68  ? -8.705  2.431   -1.173  1.00 20.18 ? 66  LEU A CG  1 
ATOM   518  C CD1 . LEU A 1 68  ? -9.774  2.894   -0.167  1.00 24.72 ? 66  LEU A CD1 1 
ATOM   519  C CD2 . LEU A 1 68  ? -9.138  2.732   -2.614  1.00 19.66 ? 66  LEU A CD2 1 
ATOM   520  N N   . TYR A 1 69  ? -4.185  3.265   -0.432  1.00 14.87 ? 67  TYR A N   1 
ATOM   521  C CA  . TYR A 1 69  ? -3.016  4.107   -0.225  1.00 16.19 ? 67  TYR A CA  1 
ATOM   522  C C   . TYR A 1 69  ? -1.998  3.904   -1.332  1.00 16.37 ? 67  TYR A C   1 
ATOM   523  O O   . TYR A 1 69  ? -1.476  4.868   -1.894  1.00 14.41 ? 67  TYR A O   1 
ATOM   524  C CB  . TYR A 1 69  ? -2.371  3.812   1.137   1.00 15.36 ? 67  TYR A CB  1 
ATOM   525  C CG  . TYR A 1 69  ? -1.019  4.476   1.322   1.00 17.10 ? 67  TYR A CG  1 
ATOM   526  C CD1 . TYR A 1 69  ? -0.925  5.855   1.584   1.00 15.90 ? 67  TYR A CD1 1 
ATOM   527  C CD2 . TYR A 1 69  ? 0.163   3.739   1.235   1.00 16.71 ? 67  TYR A CD2 1 
ATOM   528  C CE1 . TYR A 1 69  ? 0.304   6.471   1.719   1.00 21.05 ? 67  TYR A CE1 1 
ATOM   529  C CE2 . TYR A 1 69  ? 1.400   4.341   1.374   1.00 20.36 ? 67  TYR A CE2 1 
ATOM   530  C CZ  . TYR A 1 69  ? 1.472   5.705   1.626   1.00 22.96 ? 67  TYR A CZ  1 
ATOM   531  O OH  . TYR A 1 69  ? 2.697   6.303   1.773   1.00 26.27 ? 67  TYR A OH  1 
ATOM   532  N N   . TRP A 1 70  ? -1.675  2.640   -1.622  1.00 15.36 ? 68  TRP A N   1 
ATOM   533  C CA  . TRP A 1 70  ? -0.655  2.389   -2.650  1.00 14.52 ? 68  TRP A CA  1 
ATOM   534  C C   . TRP A 1 70  ? -1.178  2.751   -4.043  1.00 13.69 ? 68  TRP A C   1 
ATOM   535  O O   . TRP A 1 70  ? -0.401  3.196   -4.915  1.00 16.29 ? 68  TRP A O   1 
ATOM   536  C CB  . TRP A 1 70  ? -0.171  0.926   -2.566  1.00 14.65 ? 68  TRP A CB  1 
ATOM   537  C CG  . TRP A 1 70  ? 0.711   0.787   -1.334  1.00 15.84 ? 68  TRP A CG  1 
ATOM   538  C CD1 . TRP A 1 70  ? 0.443   0.067   -0.199  1.00 19.04 ? 68  TRP A CD1 1 
ATOM   539  C CD2 . TRP A 1 70  ? 1.954   1.438   -1.115  1.00 15.87 ? 68  TRP A CD2 1 
ATOM   540  N NE1 . TRP A 1 70  ? 1.460   0.226   0.710   1.00 17.82 ? 68  TRP A NE1 1 
ATOM   541  C CE2 . TRP A 1 70  ? 2.403   1.062   0.175   1.00 19.37 ? 68  TRP A CE2 1 
ATOM   542  C CE3 . TRP A 1 70  ? 2.736   2.317   -1.874  1.00 17.33 ? 68  TRP A CE3 1 
ATOM   543  C CZ2 . TRP A 1 70  ? 3.609   1.517   0.709   1.00 17.23 ? 68  TRP A CZ2 1 
ATOM   544  C CZ3 . TRP A 1 70  ? 3.922   2.801   -1.323  1.00 19.90 ? 68  TRP A CZ3 1 
ATOM   545  C CH2 . TRP A 1 70  ? 4.349   2.388   -0.036  1.00 19.35 ? 68  TRP A CH2 1 
ATOM   546  N N   . LEU A 1 71  ? -2.477  2.585   -4.254  1.00 13.86 ? 69  LEU A N   1 
ATOM   547  C CA  . LEU A 1 71  ? -3.077  3.006   -5.529  1.00 15.61 ? 69  LEU A CA  1 
ATOM   548  C C   . LEU A 1 71  ? -2.949  4.522   -5.689  1.00 16.46 ? 69  LEU A C   1 
ATOM   549  O O   . LEU A 1 71  ? -2.695  5.039   -6.786  1.00 15.36 ? 69  LEU A O   1 
ATOM   550  C CB  . LEU A 1 71  ? -4.536  2.568   -5.618  1.00 14.31 ? 69  LEU A CB  1 
ATOM   551  C CG  . LEU A 1 71  ? -4.690  1.036   -5.764  1.00 16.85 ? 69  LEU A CG  1 
ATOM   552  C CD1 . LEU A 1 71  ? -6.112  0.605   -5.506  1.00 17.99 ? 69  LEU A CD1 1 
ATOM   553  C CD2 . LEU A 1 71  ? -4.254  0.588   -7.177  1.00 18.33 ? 69  LEU A CD2 1 
ATOM   554  N N   . THR A 1 72  ? -3.110  5.230   -4.582  1.00 15.26 ? 70  THR A N   1 
ATOM   555  C CA  . THR A 1 72  ? -2.952  6.678   -4.606  1.00 14.98 ? 70  THR A CA  1 
ATOM   556  C C   . THR A 1 72  ? -1.507  7.031   -4.913  1.00 18.09 ? 70  THR A C   1 
ATOM   557  O O   . THR A 1 72  ? -1.217  7.935   -5.702  1.00 19.38 ? 70  THR A O   1 
ATOM   558  C CB  . THR A 1 72  ? -3.398  7.298   -3.254  1.00 17.18 ? 70  THR A CB  1 
ATOM   559  O OG1 . THR A 1 72  ? -4.777  6.990   -3.028  1.00 19.12 ? 70  THR A OG1 1 
ATOM   560  C CG2 . THR A 1 72  ? -3.236  8.793   -3.290  1.00 18.59 ? 70  THR A CG2 1 
ATOM   561  N N   . SER A 1 73  ? -0.577  6.309   -4.284  1.00 16.27 ? 71  SER A N   1 
ATOM   562  C CA  . SER A 1 73  ? 0.828   6.543   -4.514  1.00 14.92 ? 71  SER A CA  1 
ATOM   563  C C   . SER A 1 73  ? 1.197   6.328   -5.987  1.00 18.49 ? 71  SER A C   1 
ATOM   564  O O   . SER A 1 73  ? 1.969   7.085   -6.586  1.00 18.52 ? 71  SER A O   1 
ATOM   565  C CB  . SER A 1 73  ? 1.644   5.615   -3.612  1.00 21.68 ? 71  SER A CB  1 
ATOM   566  O OG  . SER A 1 73  ? 3.015   5.878   -3.754  1.00 24.18 ? 71  SER A OG  1 
ATOM   567  N N   . ILE A 1 74  ? 0.611   5.300   -6.578  1.00 14.64 ? 72  ILE A N   1 
ATOM   568  C CA  . ILE A 1 74  ? 0.858   5.005   -7.990  1.00 15.10 ? 72  ILE A CA  1 
ATOM   569  C C   . ILE A 1 74  ? 0.338   6.165   -8.831  1.00 16.06 ? 72  ILE A C   1 
ATOM   570  O O   . ILE A 1 74  ? 1.019   6.614   -9.754  1.00 20.21 ? 72  ILE A O   1 
ATOM   571  C CB  . ILE A 1 74  ? 0.187   3.698   -8.400  1.00 15.46 ? 72  ILE A CB  1 
ATOM   572  C CG1 . ILE A 1 74  ? 0.881   2.524   -7.686  1.00 14.57 ? 72  ILE A CG1 1 
ATOM   573  C CG2 . ILE A 1 74  ? 0.237   3.527   -9.916  1.00 17.45 ? 72  ILE A CG2 1 
ATOM   574  C CD1 . ILE A 1 74  ? 0.033   1.262   -7.630  1.00 14.57 ? 72  ILE A CD1 1 
ATOM   575  N N   . ALA A 1 75  ? -0.859  6.661   -8.494  1.00 15.60 ? 73  ALA A N   1 
ATOM   576  C CA  . ALA A 1 75  ? -1.430  7.795   -9.232  1.00 19.88 ? 73  ALA A CA  1 
ATOM   577  C C   . ALA A 1 75  ? -0.479  8.989   -9.196  1.00 22.91 ? 73  ALA A C   1 
ATOM   578  O O   . ALA A 1 75  ? -0.322  9.713   -10.191 1.00 20.85 ? 73  ALA A O   1 
ATOM   579  C CB  . ALA A 1 75  ? -2.805  8.196   -8.664  1.00 16.92 ? 73  ALA A CB  1 
ATOM   580  N N   . LEU A 1 76  ? 0.173   9.192   -8.058  1.00 18.98 ? 74  LEU A N   1 
ATOM   581  C CA  . LEU A 1 76  ? 1.036   10.370  -7.902  1.00 20.55 ? 74  LEU A CA  1 
ATOM   582  C C   . LEU A 1 76  ? 2.399   10.197  -8.536  1.00 29.17 ? 74  LEU A C   1 
ATOM   583  O O   . LEU A 1 76  ? 3.100   11.178  -8.801  1.00 30.37 ? 74  LEU A O   1 
ATOM   584  C CB  . LEU A 1 76  ? 1.217   10.714  -6.416  1.00 22.26 ? 74  LEU A CB  1 
ATOM   585  C CG  . LEU A 1 76  ? 0.193   11.686  -5.834  1.00 28.13 ? 74  LEU A CG  1 
ATOM   586  C CD1 . LEU A 1 76  ? -1.232  11.199  -5.938  1.00 35.31 ? 74  LEU A CD1 1 
ATOM   587  C CD2 . LEU A 1 76  ? 0.539   11.979  -4.377  1.00 37.30 ? 74  LEU A CD2 1 
ATOM   588  N N   . ASN A 1 77  ? 2.791   8.956   -8.790  1.00 24.69 ? 75  ASN A N   1 
ATOM   589  C CA  . ASN A 1 77  ? 4.157   8.704   -9.212  1.00 24.15 ? 75  ASN A CA  1 
ATOM   590  C C   . ASN A 1 77  ? 4.297   8.036   -10.589 1.00 27.42 ? 75  ASN A C   1 
ATOM   591  O O   . ASN A 1 77  ? 5.391   7.920   -11.109 1.00 32.15 ? 75  ASN A O   1 
ATOM   592  C CB  . ASN A 1 77  ? 4.835   7.896   -8.110  1.00 29.40 ? 75  ASN A CB  1 
ATOM   593  C CG  . ASN A 1 77  ? 4.937   8.712   -6.798  1.00 41.77 ? 75  ASN A CG  1 
ATOM   594  O OD1 . ASN A 1 77  ? 4.324   8.383   -5.765  1.00 40.05 ? 75  ASN A OD1 1 
ATOM   595  N ND2 . ASN A 1 77  ? 5.671   9.820   -6.866  1.00 38.95 ? 75  ASN A ND2 1 
ATOM   596  N N   . ASP A 1 78  ? 3.185   7.634   -11.191 1.00 19.89 ? 76  ASP A N   1 
ATOM   597  C CA  . ASP A 1 78  ? 3.202   7.013   -12.522 1.00 20.58 ? 76  ASP A CA  1 
ATOM   598  C C   . ASP A 1 78  ? 2.482   7.956   -13.484 1.00 24.22 ? 76  ASP A C   1 
ATOM   599  O O   . ASP A 1 78  ? 1.250   8.079   -13.433 1.00 22.10 ? 76  ASP A O   1 
ATOM   600  C CB  . ASP A 1 78  ? 2.519   5.642   -12.450 1.00 18.19 ? 76  ASP A CB  1 
ATOM   601  C CG  . ASP A 1 78  ? 2.482   4.889   -13.761 1.00 26.07 ? 76  ASP A CG  1 
ATOM   602  O OD1 . ASP A 1 78  ? 2.777   5.452   -14.843 1.00 25.51 ? 76  ASP A OD1 1 
ATOM   603  O OD2 . ASP A 1 78  ? 2.087   3.699   -13.694 1.00 26.83 ? 76  ASP A OD2 1 
ATOM   604  N N   . PRO A 1 79  ? 3.243   8.624   -14.360 1.00 25.19 ? 77  PRO A N   1 
ATOM   605  C CA  . PRO A 1 79  ? 2.656   9.623   -15.260 1.00 24.56 ? 77  PRO A CA  1 
ATOM   606  C C   . PRO A 1 79  ? 1.678   9.019   -16.260 1.00 25.42 ? 77  PRO A C   1 
ATOM   607  O O   . PRO A 1 79  ? 0.865   9.763   -16.803 1.00 27.94 ? 77  PRO A O   1 
ATOM   608  C CB  . PRO A 1 79  ? 3.880   10.225  -15.971 1.00 30.74 ? 77  PRO A CB  1 
ATOM   609  C CG  . PRO A 1 79  ? 4.931   9.167   -15.875 1.00 33.75 ? 77  PRO A CG  1 
ATOM   610  C CD  . PRO A 1 79  ? 4.689   8.439   -14.583 1.00 26.13 ? 77  PRO A CD  1 
ATOM   611  N N   . THR A 1 80  ? 1.711   7.700   -16.471 1.00 23.53 ? 78  THR A N   1 
ATOM   612  C CA  . THR A 1 80  ? 0.710   7.093   -17.338 1.00 22.74 ? 78  THR A CA  1 
ATOM   613  C C   . THR A 1 80  ? -0.362  6.389   -16.551 1.00 22.81 ? 78  THR A C   1 
ATOM   614  O O   . THR A 1 80  ? -1.162  5.664   -17.130 1.00 24.20 ? 78  THR A O   1 
ATOM   615  C CB  . THR A 1 80  ? 1.320   6.091   -18.341 1.00 24.21 ? 78  THR A CB  1 
ATOM   616  O OG1 . THR A 1 80  ? 1.979   5.041   -17.627 1.00 26.79 ? 78  THR A OG1 1 
ATOM   617  C CG2 . THR A 1 80  ? 2.316   6.797   -19.262 1.00 28.84 ? 78  THR A CG2 1 
ATOM   618  N N   . ASP A 1 81  ? -0.378  6.575   -15.228 1.00 20.37 ? 79  ASP A N   1 
ATOM   619  C CA  . ASP A 1 81  ? -1.527  6.118   -14.478 1.00 20.58 ? 79  ASP A CA  1 
ATOM   620  C C   . ASP A 1 81  ? -2.446  7.297   -14.150 1.00 20.65 ? 79  ASP A C   1 
ATOM   621  O O   . ASP A 1 81  ? -3.589  7.351   -14.608 1.00 20.63 ? 79  ASP A O   1 
ATOM   622  C CB  . ASP A 1 81  ? -1.114  5.404   -13.191 1.00 17.63 ? 79  ASP A CB  1 
ATOM   623  C CG  . ASP A 1 81  ? -2.331  4.959   -12.373 1.00 23.06 ? 79  ASP A CG  1 
ATOM   624  O OD1 . ASP A 1 81  ? -2.932  3.919   -12.723 1.00 19.31 ? 79  ASP A OD1 1 
ATOM   625  O OD2 . ASP A 1 81  ? -2.708  5.657   -11.402 1.00 21.67 ? 79  ASP A OD2 1 
ATOM   626  N N   . GLN A 1 82  ? -1.935  8.225   -13.342 1.00 18.12 ? 80  GLN A N   1 
ATOM   627  C CA  . GLN A 1 82  ? -2.679  9.392   -12.906 1.00 17.56 ? 80  GLN A CA  1 
ATOM   628  C C   . GLN A 1 82  ? -4.097  9.078   -12.495 1.00 18.83 ? 80  GLN A C   1 
ATOM   629  O O   . GLN A 1 82  ? -5.020  9.813   -12.859 1.00 21.96 ? 80  GLN A O   1 
ATOM   630  C CB  . GLN A 1 82  ? -2.699  10.460  -14.004 1.00 22.37 ? 80  GLN A CB  1 
ATOM   631  C CG  . GLN A 1 82  ? -1.318  10.982  -14.363 1.00 23.97 ? 80  GLN A CG  1 
ATOM   632  C CD  . GLN A 1 82  ? -1.394  12.233  -15.235 1.00 34.06 ? 80  GLN A CD  1 
ATOM   633  O OE1 . GLN A 1 82  ? -2.126  12.271  -16.222 1.00 43.67 ? 80  GLN A OE1 1 
ATOM   634  N NE2 . GLN A 1 82  ? -0.660  13.252  -14.861 1.00 41.01 ? 80  GLN A NE2 1 
ATOM   635  N N   . GLY A 1 83  ? -4.270  7.991   -11.748 1.00 17.06 ? 81  GLY A N   1 
ATOM   636  C CA  . GLY A 1 83  ? -5.546  7.696   -11.123 1.00 16.85 ? 81  GLY A CA  1 
ATOM   637  C C   . GLY A 1 83  ? -6.335  6.544   -11.733 1.00 17.28 ? 81  GLY A C   1 
ATOM   638  O O   . GLY A 1 83  ? -7.369  6.167   -11.208 1.00 14.92 ? 81  GLY A O   1 
ATOM   639  N N   . PHE A 1 84  ? -5.846  5.980   -12.831 1.00 15.54 ? 82  PHE A N   1 
ATOM   640  C CA  . PHE A 1 84  ? -6.586  4.908   -13.475 1.00 15.48 ? 82  PHE A CA  1 
ATOM   641  C C   . PHE A 1 84  ? -6.799  3.699   -12.546 1.00 14.64 ? 82  PHE A C   1 
ATOM   642  O O   . PHE A 1 84  ? -7.926  3.221   -12.409 1.00 16.44 ? 82  PHE A O   1 
ATOM   643  C CB  . PHE A 1 84  ? -5.887  4.473   -14.785 1.00 17.88 ? 82  PHE A CB  1 
ATOM   644  C CG  . PHE A 1 84  ? -6.469  3.202   -15.376 1.00 17.60 ? 82  PHE A CG  1 
ATOM   645  C CD1 . PHE A 1 84  ? -7.733  3.212   -15.967 1.00 19.60 ? 82  PHE A CD1 1 
ATOM   646  C CD2 . PHE A 1 84  ? -5.774  2.000   -15.300 1.00 19.37 ? 82  PHE A CD2 1 
ATOM   647  C CE1 . PHE A 1 84  ? -8.286  2.056   -16.496 1.00 22.90 ? 82  PHE A CE1 1 
ATOM   648  C CE2 . PHE A 1 84  ? -6.319  0.829   -15.826 1.00 20.76 ? 82  PHE A CE2 1 
ATOM   649  C CZ  . PHE A 1 84  ? -7.582  0.863   -16.423 1.00 22.52 ? 82  PHE A CZ  1 
ATOM   650  N N   . LEU A 1 85  ? -5.739  3.187   -11.927 1.00 15.60 ? 83  LEU A N   1 
ATOM   651  C CA  . LEU A 1 85  ? -5.899  1.967   -11.124 1.00 14.57 ? 83  LEU A CA  1 
ATOM   652  C C   . LEU A 1 85  ? -6.776  2.242   -9.906  1.00 16.60 ? 83  LEU A C   1 
ATOM   653  O O   . LEU A 1 85  ? -7.584  1.420   -9.517  1.00 14.96 ? 83  LEU A O   1 
ATOM   654  C CB  . LEU A 1 85  ? -4.534  1.425   -10.682 1.00 16.19 ? 83  LEU A CB  1 
ATOM   655  C CG  . LEU A 1 85  ? -3.724  0.840   -11.851 1.00 20.09 ? 83  LEU A CG  1 
ATOM   656  C CD1 . LEU A 1 85  ? -2.315  0.491   -11.415 1.00 21.49 ? 83  LEU A CD1 1 
ATOM   657  C CD2 . LEU A 1 85  ? -4.442  -0.383  -12.384 1.00 24.04 ? 83  LEU A CD2 1 
ATOM   658  N N   . LEU A 1 86  ? -6.591  3.402   -9.297  1.00 12.81 ? 84  LEU A N   1 
ATOM   659  C CA  . LEU A 1 86  ? -7.447  3.815   -8.183  1.00 16.69 ? 84  LEU A CA  1 
ATOM   660  C C   . LEU A 1 86  ? -8.918  3.896   -8.594  1.00 17.07 ? 84  LEU A C   1 
ATOM   661  O O   . LEU A 1 86  ? -9.796  3.349   -7.906  1.00 20.05 ? 84  LEU A O   1 
ATOM   662  C CB  . LEU A 1 86  ? -6.981  5.173   -7.632  1.00 14.03 ? 84  LEU A CB  1 
ATOM   663  C CG  . LEU A 1 86  ? -7.798  5.745   -6.460  1.00 17.46 ? 84  LEU A CG  1 
ATOM   664  C CD1 . LEU A 1 86  ? -7.695  4.837   -5.268  1.00 18.01 ? 84  LEU A CD1 1 
ATOM   665  C CD2 . LEU A 1 86  ? -7.258  7.134   -6.101  1.00 17.19 ? 84  LEU A CD2 1 
ATOM   666  N N   . ALA A 1 87  ? -9.193  4.603   -9.688  1.00 18.04 ? 85  ALA A N   1 
ATOM   667  C CA  . ALA A 1 87  ? -10.566 4.720   -10.195 1.00 19.29 ? 85  ALA A CA  1 
ATOM   668  C C   . ALA A 1 87  ? -11.189 3.346   -10.480 1.00 21.93 ? 85  ALA A C   1 
ATOM   669  O O   . ALA A 1 87  ? -12.349 3.089   -10.169 1.00 18.54 ? 85  ALA A O   1 
ATOM   670  C CB  . ALA A 1 87  ? -10.604 5.553   -11.453 1.00 16.78 ? 85  ALA A CB  1 
ATOM   671  N N   . ASN A 1 88  ? -10.415 2.465   -11.096 1.00 19.33 ? 86  ASN A N   1 
ATOM   672  C CA  . ASN A 1 88  ? -10.982 1.180   -11.495 1.00 20.13 ? 86  ASN A CA  1 
ATOM   673  C C   . ASN A 1 88  ? -11.243 0.328   -10.253 1.00 24.87 ? 86  ASN A C   1 
ATOM   674  O O   . ASN A 1 88  ? -12.247 -0.385  -10.177 1.00 24.57 ? 86  ASN A O   1 
ATOM   675  C CB  . ASN A 1 88  ? -10.054 0.459   -12.492 1.00 21.31 ? 86  ASN A CB  1 
ATOM   676  C CG  . ASN A 1 88  ? -10.737 -0.731  -13.171 1.00 28.27 ? 86  ASN A CG  1 
ATOM   677  O OD1 . ASN A 1 88  ? -10.760 -1.822  -12.630 1.00 28.80 ? 86  ASN A OD1 1 
ATOM   678  N ND2 . ASN A 1 88  ? -11.275 -0.512  -14.360 1.00 30.25 ? 86  ASN A ND2 1 
ATOM   679  N N   . PHE A 1 89  ? -10.348 0.417   -9.270  1.00 21.50 ? 87  PHE A N   1 
ATOM   680  C CA  . PHE A 1 89  ? -10.534 -0.281  -7.998  1.00 22.64 ? 87  PHE A CA  1 
ATOM   681  C C   . PHE A 1 89  ? -11.805 0.171   -7.253  1.00 25.75 ? 87  PHE A C   1 
ATOM   682  O O   . PHE A 1 89  ? -12.603 -0.639  -6.764  1.00 24.60 ? 87  PHE A O   1 
ATOM   683  C CB  . PHE A 1 89  ? -9.303  -0.080  -7.101  1.00 22.73 ? 87  PHE A CB  1 
ATOM   684  C CG  . PHE A 1 89  ? -9.395  -0.787  -5.785  1.00 20.79 ? 87  PHE A CG  1 
ATOM   685  C CD1 . PHE A 1 89  ? -9.126  -2.148  -5.692  1.00 27.94 ? 87  PHE A CD1 1 
ATOM   686  C CD2 . PHE A 1 89  ? -9.749  -0.102  -4.640  1.00 25.05 ? 87  PHE A CD2 1 
ATOM   687  C CE1 . PHE A 1 89  ? -9.212  -2.806  -4.467  1.00 29.30 ? 87  PHE A CE1 1 
ATOM   688  C CE2 . PHE A 1 89  ? -9.835  -0.757  -3.412  1.00 31.41 ? 87  PHE A CE2 1 
ATOM   689  C CZ  . PHE A 1 89  ? -9.573  -2.106  -3.334  1.00 29.35 ? 87  PHE A CZ  1 
ATOM   690  N N   . ILE A 1 90  ? -11.990 1.472   -7.160  1.00 21.06 ? 88  ILE A N   1 
ATOM   691  C CA  . ILE A 1 90  ? -13.195 2.010   -6.557  1.00 22.66 ? 88  ILE A CA  1 
ATOM   692  C C   . ILE A 1 90  ? -14.424 1.536   -7.327  1.00 25.59 ? 88  ILE A C   1 
ATOM   693  O O   . ILE A 1 90  ? -15.383 1.069   -6.731  1.00 29.42 ? 88  ILE A O   1 
ATOM   694  C CB  . ILE A 1 90  ? -13.150 3.536   -6.510  1.00 22.35 ? 88  ILE A CB  1 
ATOM   695  C CG1 . ILE A 1 90  ? -12.036 3.985   -5.566  1.00 26.27 ? 88  ILE A CG1 1 
ATOM   696  C CG2 . ILE A 1 90  ? -14.522 4.094   -6.055  1.00 28.27 ? 88  ILE A CG2 1 
ATOM   697  C CD1 . ILE A 1 90  ? -11.662 5.458   -5.683  1.00 25.44 ? 88  ILE A CD1 1 
ATOM   698  N N   . GLN A 1 91  ? -14.369 1.613   -8.651  1.00 24.66 ? 89  GLN A N   1 
ATOM   699  C CA  . GLN A 1 91  ? -15.515 1.275   -9.510  1.00 29.91 ? 89  GLN A CA  1 
ATOM   700  C C   . GLN A 1 91  ? -15.967 -0.180  -9.361  1.00 35.98 ? 89  GLN A C   1 
ATOM   701  O O   . GLN A 1 91  ? -17.169 -0.476  -9.372  1.00 35.92 ? 89  GLN A O   1 
ATOM   702  C CB  . GLN A 1 91  ? -15.165 1.569   -10.974 1.00 27.90 ? 89  GLN A CB  1 
ATOM   703  C CG  . GLN A 1 91  ? -16.295 1.349   -11.967 1.00 31.98 ? 89  GLN A CG  1 
ATOM   704  C CD  . GLN A 1 91  ? -15.894 1.726   -13.387 1.00 32.87 ? 89  GLN A CD  1 
ATOM   705  O OE1 . GLN A 1 91  ? -14.845 1.317   -13.880 1.00 31.91 ? 89  GLN A OE1 1 
ATOM   706  N NE2 . GLN A 1 91  ? -16.726 2.530   -14.044 1.00 30.59 ? 89  GLN A NE2 1 
ATOM   707  N N   . ARG A 1 92  ? -15.011 -1.091  -9.226  1.00 33.65 ? 90  ARG A N   1 
ATOM   708  C CA  . ARG A 1 92  ? -15.347 -2.510  -9.199  1.00 34.75 ? 90  ARG A CA  1 
ATOM   709  C C   . ARG A 1 92  ? -15.511 -3.006  -7.762  1.00 36.92 ? 90  ARG A C   1 
ATOM   710  O O   . ARG A 1 92  ? -15.887 -4.157  -7.522  1.00 38.21 ? 90  ARG A O   1 
ATOM   711  C CB  . ARG A 1 92  ? -14.292 -3.325  -9.952  1.00 33.44 ? 90  ARG A CB  1 
ATOM   712  C CG  . ARG A 1 92  ? -12.928 -3.400  -9.308  1.00 35.09 ? 90  ARG A CG  1 
ATOM   713  C CD  . ARG A 1 92  ? -11.934 -4.169  -10.209 1.00 37.74 ? 90  ARG A CD  1 
ATOM   714  N NE  . ARG A 1 92  ? -10.650 -4.450  -9.552  1.00 37.93 ? 90  ARG A NE  1 
ATOM   715  C CZ  . ARG A 1 92  ? -9.536  -3.734  -9.733  1.00 44.26 ? 90  ARG A CZ  1 
ATOM   716  N NH1 . ARG A 1 92  ? -9.541  -2.683  -10.553 1.00 36.07 ? 90  ARG A NH1 1 
ATOM   717  N NH2 . ARG A 1 92  ? -8.412  -4.067  -9.098  1.00 39.72 ? 90  ARG A NH2 1 
ATOM   718  N N   . ASN A 1 93  ? -15.252 -2.121  -6.808  1.00 32.43 ? 91  ASN A N   1 
ATOM   719  C CA  . ASN A 1 93  ? -15.468 -2.406  -5.397  1.00 36.96 ? 91  ASN A CA  1 
ATOM   720  C C   . ASN A 1 93  ? -16.382 -1.385  -4.735  1.00 37.75 ? 91  ASN A C   1 
ATOM   721  O O   . ASN A 1 93  ? -16.251 -1.114  -3.547  1.00 42.94 ? 91  ASN A O   1 
ATOM   722  C CB  . ASN A 1 93  ? -14.135 -2.458  -4.651  1.00 36.49 ? 91  ASN A CB  1 
ATOM   723  C CG  . ASN A 1 93  ? -13.278 -3.621  -5.089  1.00 41.32 ? 91  ASN A CG  1 
ATOM   724  O OD1 . ASN A 1 93  ? -13.508 -4.764  -4.681  1.00 44.91 ? 91  ASN A OD1 1 
ATOM   725  N ND2 . ASN A 1 93  ? -12.281 -3.343  -5.924  1.00 33.58 ? 91  ASN A ND2 1 
ATOM   726  N N   . GLN A 1 94  ? -17.312 -0.834  -5.506  1.00 43.18 ? 92  GLN A N   1 
ATOM   727  C CA  . GLN A 1 94  ? -18.279 0.144   -5.000  1.00 47.91 ? 92  GLN A CA  1 
ATOM   728  C C   . GLN A 1 94  ? -18.998 -0.311  -3.738  1.00 51.85 ? 92  GLN A C   1 
ATOM   729  O O   . GLN A 1 94  ? -19.349 0.508   -2.887  1.00 51.45 ? 92  GLN A O   1 
ATOM   730  C CB  . GLN A 1 94  ? -19.315 0.467   -6.072  1.00 49.06 ? 92  GLN A CB  1 
ATOM   731  C CG  . GLN A 1 94  ? -18.758 1.303   -7.209  1.00 52.97 ? 92  GLN A CG  1 
ATOM   732  C CD  . GLN A 1 94  ? -19.832 1.822   -8.132  1.00 59.05 ? 92  GLN A CD  1 
ATOM   733  O OE1 . GLN A 1 94  ? -20.780 1.107   -8.463  1.00 67.24 ? 92  GLN A OE1 1 
ATOM   734  N NE2 . GLN A 1 94  ? -19.697 3.078   -8.551  1.00 62.53 ? 92  GLN A NE2 1 
ATOM   735  N N   . ASP A 1 95  ? -19.201 -1.618  -3.612  1.00 51.92 ? 93  ASP A N   1 
ATOM   736  C CA  . ASP A 1 95  ? -19.914 -2.166  -2.471  1.00 53.14 ? 93  ASP A CA  1 
ATOM   737  C C   . ASP A 1 95  ? -19.068 -2.206  -1.205  1.00 54.17 ? 93  ASP A C   1 
ATOM   738  O O   . ASP A 1 95  ? -19.604 -2.111  -0.104  1.00 56.39 ? 93  ASP A O   1 
ATOM   739  C CB  . ASP A 1 95  ? -20.426 -3.567  -2.794  1.00 61.78 ? 93  ASP A CB  1 
ATOM   740  C CG  . ASP A 1 95  ? -21.454 -3.565  -3.905  1.00 66.43 ? 93  ASP A CG  1 
ATOM   741  O OD1 . ASP A 1 95  ? -22.237 -2.592  -3.990  1.00 71.22 ? 93  ASP A OD1 1 
ATOM   742  O OD2 . ASP A 1 95  ? -21.477 -4.531  -4.697  1.00 72.26 ? 93  ASP A OD2 1 
ATOM   743  N N   . LYS A 1 96  ? -17.755 -2.355  -1.356  1.00 46.52 ? 94  LYS A N   1 
ATOM   744  C CA  . LYS A 1 96  ? -16.869 -2.422  -0.194  1.00 53.68 ? 94  LYS A CA  1 
ATOM   745  C C   . LYS A 1 96  ? -16.159 -1.098  0.123   1.00 52.07 ? 94  LYS A C   1 
ATOM   746  O O   . LYS A 1 96  ? -15.992 -0.751  1.297   1.00 52.53 ? 94  LYS A O   1 
ATOM   747  C CB  . LYS A 1 96  ? -15.817 -3.517  -0.386  1.00 52.70 ? 94  LYS A CB  1 
ATOM   748  C CG  . LYS A 1 96  ? -16.367 -4.920  -0.296  1.00 59.79 ? 94  LYS A CG  1 
ATOM   749  C CD  . LYS A 1 96  ? -15.239 -5.928  -0.144  1.00 62.32 ? 94  LYS A CD  1 
ATOM   750  C CE  . LYS A 1 96  ? -14.338 -5.931  -1.361  1.00 58.28 ? 94  LYS A CE  1 
ATOM   751  N NZ  . LYS A 1 96  ? -13.229 -6.912  -1.210  1.00 64.36 ? 94  LYS A NZ  1 
ATOM   752  N N   . VAL A 1 97  ? -15.734 -0.367  -0.908  1.00 46.62 ? 95  VAL A N   1 
ATOM   753  C CA  . VAL A 1 97  ? -14.956 0.856   -0.683  1.00 43.33 ? 95  VAL A CA  1 
ATOM   754  C C   . VAL A 1 97  ? -15.837 1.992   -0.172  1.00 45.16 ? 95  VAL A C   1 
ATOM   755  O O   . VAL A 1 97  ? -16.852 2.339   -0.787  1.00 47.45 ? 95  VAL A O   1 
ATOM   756  C CB  . VAL A 1 97  ? -14.223 1.320   -1.964  1.00 42.90 ? 95  VAL A CB  1 
ATOM   757  C CG1 . VAL A 1 97  ? -13.661 2.729   -1.787  1.00 40.97 ? 95  VAL A CG1 1 
ATOM   758  C CG2 . VAL A 1 97  ? -13.109 0.349   -2.314  1.00 41.26 ? 95  VAL A CG2 1 
ATOM   759  N N   . THR A 1 98  ? -15.456 2.555   0.966   1.00 38.62 ? 96  THR A N   1 
ATOM   760  C CA  . THR A 1 98  ? -16.184 3.684   1.506   1.00 40.86 ? 96  THR A CA  1 
ATOM   761  C C   . THR A 1 98  ? -15.377 4.957   1.313   1.00 43.91 ? 96  THR A C   1 
ATOM   762  O O   . THR A 1 98  ? -14.148 4.921   1.245   1.00 38.81 ? 96  THR A O   1 
ATOM   763  C CB  . THR A 1 98  ? -16.489 3.503   2.991   1.00 37.26 ? 96  THR A CB  1 
ATOM   764  O OG1 . THR A 1 98  ? -15.276 3.601   3.736   1.00 44.34 ? 96  THR A OG1 1 
ATOM   765  C CG2 . THR A 1 98  ? -17.118 2.143   3.244   1.00 39.70 ? 96  THR A CG2 1 
ATOM   766  N N   . THR A 1 99  ? -16.067 6.086   1.238   1.00 37.96 ? 97  THR A N   1 
ATOM   767  C CA  . THR A 1 99  ? -15.377 7.361   1.133   1.00 40.72 ? 97  THR A CA  1 
ATOM   768  C C   . THR A 1 99  ? -14.490 7.558   2.376   1.00 38.95 ? 97  THR A C   1 
ATOM   769  O O   . THR A 1 99  ? -13.462 8.235   2.313   1.00 34.00 ? 97  THR A O   1 
ATOM   770  C CB  . THR A 1 99  ? -16.375 8.536   0.969   1.00 43.97 ? 97  THR A CB  1 
ATOM   771  O OG1 . THR A 1 99  ? -17.358 8.469   2.014   1.00 41.17 ? 97  THR A OG1 1 
ATOM   772  C CG2 . THR A 1 99  ? -17.077 8.464   -0.384  1.00 40.62 ? 97  THR A CG2 1 
ATOM   773  N N   . SER A 1 100 ? -14.874 6.928   3.487   1.00 34.58 ? 98  SER A N   1 
ATOM   774  C CA  . SER A 1 100 ? -14.088 6.972   4.720   1.00 33.94 ? 98  SER A CA  1 
ATOM   775  C C   . SER A 1 100 ? -12.691 6.324   4.608   1.00 35.28 ? 98  SER A C   1 
ATOM   776  O O   . SER A 1 100 ? -11.696 6.841   5.137   1.00 27.42 ? 98  SER A O   1 
ATOM   777  C CB  . SER A 1 100 ? -14.880 6.296   5.838   1.00 39.25 ? 98  SER A CB  1 
ATOM   778  O OG  . SER A 1 100 ? -14.079 6.088   6.988   1.00 45.26 ? 98  SER A OG  1 
ATOM   779  N N   . GLN A 1 101 ? -12.627 5.169   3.953   1.00 33.02 ? 99  GLN A N   1 
ATOM   780  C CA  . GLN A 1 101 ? -11.353 4.498   3.715   1.00 29.40 ? 99  GLN A CA  1 
ATOM   781  C C   . GLN A 1 101 ? -10.489 5.307   2.776   1.00 23.94 ? 99  GLN A C   1 
ATOM   782  O O   . GLN A 1 101 ? -9.270  5.378   2.934   1.00 21.40 ? 99  GLN A O   1 
ATOM   783  C CB  . GLN A 1 101 ? -11.573 3.109   3.122   1.00 29.49 ? 99  GLN A CB  1 
ATOM   784  C CG  . GLN A 1 101 ? -12.164 2.111   4.080   1.00 31.07 ? 99  GLN A CG  1 
ATOM   785  C CD  . GLN A 1 101 ? -12.589 0.811   3.382   1.00 38.14 ? 99  GLN A CD  1 
ATOM   786  O OE1 . GLN A 1 101 ? -13.179 0.828   2.297   1.00 38.22 ? 99  GLN A OE1 1 
ATOM   787  N NE2 . GLN A 1 101 ? -12.286 -0.313  4.009   1.00 37.90 ? 99  GLN A NE2 1 
ATOM   788  N N   . LEU A 1 102 ? -11.128 5.895   1.779   1.00 25.22 ? 100 LEU A N   1 
ATOM   789  C CA  . LEU A 1 102 ? -10.409 6.701   0.818   1.00 27.91 ? 100 LEU A CA  1 
ATOM   790  C C   . LEU A 1 102 ? -9.841  7.937   1.504   1.00 24.71 ? 100 LEU A C   1 
ATOM   791  O O   . LEU A 1 102 ? -8.697  8.321   1.292   1.00 18.96 ? 100 LEU A O   1 
ATOM   792  C CB  . LEU A 1 102 ? -11.328 7.101   -0.322  1.00 27.50 ? 100 LEU A CB  1 
ATOM   793  C CG  . LEU A 1 102 ? -10.551 8.011   -1.254  1.00 37.54 ? 100 LEU A CG  1 
ATOM   794  C CD1 . LEU A 1 102 ? -9.471  7.253   -2.050  1.00 32.77 ? 100 LEU A CD1 1 
ATOM   795  C CD2 . LEU A 1 102 ? -11.520 8.680   -2.137  1.00 38.11 ? 100 LEU A CD2 1 
ATOM   796  N N   . THR A 1 103 ? -10.649 8.555   2.363   1.00 22.51 ? 101 THR A N   1 
ATOM   797  C CA  . THR A 1 103 ? -10.173 9.719   3.111   1.00 20.46 ? 101 THR A CA  1 
ATOM   798  C C   . THR A 1 103 ? -8.947  9.380   3.946   1.00 18.85 ? 101 THR A C   1 
ATOM   799  O O   . THR A 1 103 ? -7.988  10.162  4.030   1.00 18.53 ? 101 THR A O   1 
ATOM   800  C CB  . THR A 1 103 ? -11.304 10.274  4.022   1.00 23.86 ? 101 THR A CB  1 
ATOM   801  O OG1 . THR A 1 103 ? -12.368 10.742  3.180   1.00 23.97 ? 101 THR A OG1 1 
ATOM   802  C CG2 . THR A 1 103 ? -10.799 11.400  4.867   1.00 24.79 ? 101 THR A CG2 1 
ATOM   803  N N   . GLU A 1 104 ? -8.951  8.206   4.560   1.00 20.74 ? 102 GLU A N   1 
ATOM   804  C CA  . GLU A 1 104 ? -7.815  7.845   5.396   1.00 21.38 ? 102 GLU A CA  1 
ATOM   805  C C   . GLU A 1 104 ? -6.545  7.623   4.555   1.00 18.83 ? 102 GLU A C   1 
ATOM   806  O O   . GLU A 1 104 ? -5.455  8.052   4.930   1.00 17.59 ? 102 GLU A O   1 
ATOM   807  C CB  . GLU A 1 104 ? -8.115  6.593   6.229   1.00 22.88 ? 102 GLU A CB  1 
ATOM   808  C CG  . GLU A 1 104 ? -6.962  6.224   7.111   1.00 24.55 ? 102 GLU A CG  1 
ATOM   809  C CD  . GLU A 1 104 ? -7.256  5.025   7.992   1.00 37.98 ? 102 GLU A CD  1 
ATOM   810  O OE1 . GLU A 1 104 ? -8.450  4.774   8.277   1.00 37.64 ? 102 GLU A OE1 1 
ATOM   811  O OE2 . GLU A 1 104 ? -6.291  4.343   8.392   1.00 35.08 ? 102 GLU A OE2 1 
ATOM   812  N N   . ALA A 1 105 ? -6.688  6.918   3.437   1.00 19.15 ? 103 ALA A N   1 
ATOM   813  C CA  . ALA A 1 105 ? -5.553  6.674   2.550   1.00 16.37 ? 103 ALA A CA  1 
ATOM   814  C C   . ALA A 1 105 ? -4.975  7.989   2.021   1.00 14.43 ? 103 ALA A C   1 
ATOM   815  O O   . ALA A 1 105 ? -3.746  8.171   1.929   1.00 16.89 ? 103 ALA A O   1 
ATOM   816  C CB  . ALA A 1 105 ? -6.004  5.779   1.379   1.00 16.46 ? 103 ALA A CB  1 
ATOM   817  N N   . LEU A 1 106 ? -5.864  8.910   1.651   1.00 13.44 ? 104 LEU A N   1 
ATOM   818  C CA  . LEU A 1 106 ? -5.421  10.189  1.110   1.00 14.96 ? 104 LEU A CA  1 
ATOM   819  C C   . LEU A 1 106 ? -4.687  11.033  2.147   1.00 16.97 ? 104 LEU A C   1 
ATOM   820  O O   . LEU A 1 106 ? -3.682  11.663  1.844   1.00 16.52 ? 104 LEU A O   1 
ATOM   821  C CB  . LEU A 1 106 ? -6.611  10.977  0.540   1.00 16.15 ? 104 LEU A CB  1 
ATOM   822  C CG  . LEU A 1 106 ? -7.155  10.460  -0.791  1.00 17.70 ? 104 LEU A CG  1 
ATOM   823  C CD1 . LEU A 1 106 ? -8.500  11.115  -1.088  1.00 16.70 ? 104 LEU A CD1 1 
ATOM   824  C CD2 . LEU A 1 106 ? -6.165  10.720  -1.927  1.00 18.79 ? 104 LEU A CD2 1 
ATOM   825  N N   . TYR A 1 107 ? -5.212  11.091  3.365   1.00 16.32 ? 105 TYR A N   1 
ATOM   826  C CA  . TYR A 1 107 ? -4.509  11.802  4.424   1.00 17.81 ? 105 TYR A CA  1 
ATOM   827  C C   . TYR A 1 107 ? -3.186  11.134  4.752   1.00 17.71 ? 105 TYR A C   1 
ATOM   828  O O   . TYR A 1 107 ? -2.205  11.797  5.052   1.00 19.10 ? 105 TYR A O   1 
ATOM   829  C CB  . TYR A 1 107 ? -5.375  11.856  5.675   1.00 17.33 ? 105 TYR A CB  1 
ATOM   830  C CG  . TYR A 1 107 ? -6.413  12.956  5.680   1.00 19.19 ? 105 TYR A CG  1 
ATOM   831  C CD1 . TYR A 1 107 ? -6.095  14.254  5.271   1.00 19.36 ? 105 TYR A CD1 1 
ATOM   832  C CD2 . TYR A 1 107 ? -7.681  12.723  6.189   1.00 19.38 ? 105 TYR A CD2 1 
ATOM   833  C CE1 . TYR A 1 107 ? -7.060  15.280  5.331   1.00 20.47 ? 105 TYR A CE1 1 
ATOM   834  C CE2 . TYR A 1 107 ? -8.626  13.730  6.253   1.00 23.92 ? 105 TYR A CE2 1 
ATOM   835  C CZ  . TYR A 1 107 ? -8.307  15.003  5.825   1.00 23.14 ? 105 TYR A CZ  1 
ATOM   836  O OH  . TYR A 1 107 ? -9.259  15.985  5.908   1.00 27.83 ? 105 TYR A OH  1 
ATOM   837  N N   . GLN A 1 108 ? -3.162  9.807   4.694   1.00 17.21 ? 106 GLN A N   1 
ATOM   838  C CA  . GLN A 1 108 ? -1.915  9.069   4.941   1.00 17.59 ? 106 GLN A CA  1 
ATOM   839  C C   . GLN A 1 108 ? -0.835  9.498   3.956   1.00 19.26 ? 106 GLN A C   1 
ATOM   840  O O   . GLN A 1 108 ? 0.320   9.736   4.327   1.00 22.69 ? 106 GLN A O   1 
ATOM   841  C CB  . GLN A 1 108 ? -2.165  7.566   4.849   1.00 18.26 ? 106 GLN A CB  1 
ATOM   842  C CG  . GLN A 1 108 ? -0.969  6.714   5.266   1.00 21.13 ? 106 GLN A CG  1 
ATOM   843  C CD  . GLN A 1 108 ? -1.230  5.240   5.039   1.00 22.06 ? 106 GLN A CD  1 
ATOM   844  O OE1 . GLN A 1 108 ? -2.377  4.801   5.073   1.00 24.67 ? 106 GLN A OE1 1 
ATOM   845  N NE2 . GLN A 1 108 ? -0.173  4.472   4.783   1.00 24.42 ? 106 GLN A NE2 1 
ATOM   846  N N   . MET A 1 109 ? -1.228  9.643   2.695   1.00 17.79 ? 107 MET A N   1 
ATOM   847  C CA  . MET A 1 109 ? -0.311  10.095  1.653   1.00 18.26 ? 107 MET A CA  1 
ATOM   848  C C   . MET A 1 109 ? 0.089   11.542  1.890   1.00 20.87 ? 107 MET A C   1 
ATOM   849  O O   . MET A 1 109 ? 1.261   11.916  1.822   1.00 21.19 ? 107 MET A O   1 
ATOM   850  C CB  . MET A 1 109 ? -0.984  9.955   0.280   1.00 19.02 ? 107 MET A CB  1 
ATOM   851  C CG  . MET A 1 109 ? -0.081  10.299  -0.903  1.00 30.18 ? 107 MET A CG  1 
ATOM   852  S SD  . MET A 1 109 ? 1.200   9.031   -1.120  1.00 36.67 ? 107 MET A SD  1 
ATOM   853  C CE  . MET A 1 109 ? 2.338   9.914   -2.191  1.00 44.37 ? 107 MET A CE  1 
ATOM   854  N N   . ALA A 1 110 ? -0.911  12.365  2.174   1.00 17.01 ? 108 ALA A N   1 
ATOM   855  C CA  . ALA A 1 110 ? -0.695  13.808  2.268   1.00 18.15 ? 108 ALA A CA  1 
ATOM   856  C C   . ALA A 1 110 ? 0.099   14.192  3.518   1.00 21.15 ? 108 ALA A C   1 
ATOM   857  O O   . ALA A 1 110 ? 0.769   15.228  3.559   1.00 18.72 ? 108 ALA A O   1 
ATOM   858  C CB  . ALA A 1 110 ? -2.042  14.535  2.246   1.00 16.66 ? 108 ALA A CB  1 
ATOM   859  N N   . SER A 1 111 ? 0.033   13.348  4.535   1.00 21.50 ? 109 SER A N   1 
ATOM   860  C CA  . SER A 1 111 ? 0.673   13.671  5.814   1.00 22.57 ? 109 SER A CA  1 
ATOM   861  C C   . SER A 1 111 ? 2.205   13.763  5.716   1.00 28.41 ? 109 SER A C   1 
ATOM   862  O O   . SER A 1 111 ? 2.849   14.289  6.616   1.00 26.58 ? 109 SER A O   1 
ATOM   863  C CB  . SER A 1 111 ? 0.278   12.640  6.871   1.00 20.27 ? 109 SER A CB  1 
ATOM   864  O OG  . SER A 1 111 ? 0.754   11.346  6.507   1.00 25.12 ? 109 SER A OG  1 
ATOM   865  N N   . GLN A 1 112 ? 2.787   13.288  4.623   1.00 27.17 ? 110 GLN A N   1 
ATOM   866  C CA  . GLN A 1 112 ? 4.250   13.327  4.468   1.00 33.25 ? 110 GLN A CA  1 
ATOM   867  C C   . GLN A 1 112 ? 4.842   14.736  4.381   1.00 38.12 ? 110 GLN A C   1 
ATOM   868  O O   . GLN A 1 112 ? 5.930   14.978  4.914   1.00 33.66 ? 110 GLN A O   1 
ATOM   869  C CB  . GLN A 1 112 ? 4.675   12.539  3.227   1.00 36.93 ? 110 GLN A CB  1 
ATOM   870  C CG  . GLN A 1 112 ? 4.386   11.046  3.318   1.00 39.29 ? 110 GLN A CG  1 
ATOM   871  C CD  . GLN A 1 112 ? 4.488   10.344  1.964   1.00 46.59 ? 110 GLN A CD  1 
ATOM   872  O OE1 . GLN A 1 112 ? 4.269   10.955  0.913   1.00 51.35 ? 110 GLN A OE1 1 
ATOM   873  N NE2 . GLN A 1 112 ? 4.814   9.056   1.988   1.00 52.73 ? 110 GLN A NE2 1 
ATOM   874  N N   . HIS A 1 113 ? 4.146   15.667  3.724   1.00 29.60 ? 111 HIS A N   1 
ATOM   875  C CA  . HIS A 1 113 ? 4.697   17.014  3.558   1.00 32.00 ? 111 HIS A CA  1 
ATOM   876  C C   . HIS A 1 113 ? 3.721   18.134  3.902   1.00 30.41 ? 111 HIS A C   1 
ATOM   877  O O   . HIS A 1 113 ? 3.925   19.278  3.506   1.00 30.65 ? 111 HIS A O   1 
ATOM   878  C CB  . HIS A 1 113 ? 5.193   17.201  2.120   1.00 33.19 ? 111 HIS A CB  1 
ATOM   879  C CG  . HIS A 1 113 ? 6.242   16.205  1.718   1.00 38.98 ? 111 HIS A CG  1 
ATOM   880  N ND1 . HIS A 1 113 ? 6.000   15.197  0.805   1.00 40.66 ? 111 HIS A ND1 1 
ATOM   881  C CD2 . HIS A 1 113 ? 7.517   16.046  2.132   1.00 41.65 ? 111 HIS A CD2 1 
ATOM   882  C CE1 . HIS A 1 113 ? 7.093   14.466  0.670   1.00 43.45 ? 111 HIS A CE1 1 
ATOM   883  N NE2 . HIS A 1 113 ? 8.029   14.956  1.458   1.00 42.15 ? 111 HIS A NE2 1 
ATOM   884  N N   . ASN A 1 114 ? 2.670   17.808  4.644   1.00 24.59 ? 112 ASN A N   1 
ATOM   885  C CA  . ASN A 1 114 ? 1.608   18.771  4.921   1.00 26.31 ? 112 ASN A CA  1 
ATOM   886  C C   . ASN A 1 114 ? 1.199   18.631  6.391   1.00 23.41 ? 112 ASN A C   1 
ATOM   887  O O   . ASN A 1 114 ? 0.586   17.624  6.759   1.00 21.42 ? 112 ASN A O   1 
ATOM   888  C CB  . ASN A 1 114 ? 0.426   18.536  3.960   1.00 21.22 ? 112 ASN A CB  1 
ATOM   889  C CG  . ASN A 1 114 ? -0.706  19.533  4.151   1.00 21.99 ? 112 ASN A CG  1 
ATOM   890  O OD1 . ASN A 1 114 ? -1.109  19.819  5.279   1.00 24.06 ? 112 ASN A OD1 1 
ATOM   891  N ND2 . ASN A 1 114 ? -1.256  20.053  3.032   1.00 22.98 ? 112 ASN A ND2 1 
ATOM   892  N N   . PRO A 1 115 ? 1.560   19.620  7.241   1.00 26.55 ? 113 PRO A N   1 
ATOM   893  C CA  . PRO A 1 115 ? 1.269   19.522  8.686   1.00 25.63 ? 113 PRO A CA  1 
ATOM   894  C C   . PRO A 1 115 ? -0.236  19.442  8.968   1.00 21.98 ? 113 PRO A C   1 
ATOM   895  O O   . PRO A 1 115 ? -0.678  18.778  9.908   1.00 24.31 ? 113 PRO A O   1 
ATOM   896  C CB  . PRO A 1 115 ? 1.857   20.828  9.271   1.00 30.12 ? 113 PRO A CB  1 
ATOM   897  C CG  . PRO A 1 115 ? 2.712   21.415  8.189   1.00 28.76 ? 113 PRO A CG  1 
ATOM   898  C CD  . PRO A 1 115 ? 2.138   20.931  6.881   1.00 28.07 ? 113 PRO A CD  1 
ATOM   899  N N   . ALA A 1 116 ? -1.040  20.109  8.153   1.00 22.30 ? 114 ALA A N   1 
ATOM   900  C CA  . ALA A 1 116 ? -2.478  20.048  8.366   1.00 23.43 ? 114 ALA A CA  1 
ATOM   901  C C   . ALA A 1 116 ? -3.000  18.622  8.112   1.00 22.35 ? 114 ALA A C   1 
ATOM   902  O O   . ALA A 1 116 ? -3.883  18.135  8.807   1.00 19.78 ? 114 ALA A O   1 
ATOM   903  C CB  . ALA A 1 116 ? -3.201  21.055  7.476   1.00 24.90 ? 114 ALA A CB  1 
ATOM   904  N N   . ALA A 1 117 ? -2.453  17.972  7.095   1.00 21.95 ? 115 ALA A N   1 
ATOM   905  C CA  . ALA A 1 117 ? -2.803  16.585  6.751   1.00 19.92 ? 115 ALA A CA  1 
ATOM   906  C C   . ALA A 1 117 ? -2.384  15.609  7.852   1.00 23.27 ? 115 ALA A C   1 
ATOM   907  O O   . ALA A 1 117 ? -3.082  14.657  8.147   1.00 19.66 ? 115 ALA A O   1 
ATOM   908  C CB  . ALA A 1 117 ? -2.131  16.193  5.433   1.00 16.58 ? 115 ALA A CB  1 
ATOM   909  N N   . GLU A 1 118 ? -1.218  15.840  8.431   1.00 20.41 ? 116 GLU A N   1 
ATOM   910  C CA  . GLU A 1 118 ? -0.755  14.971  9.504   1.00 24.94 ? 116 GLU A CA  1 
ATOM   911  C C   . GLU A 1 118 ? -1.695  15.077  10.733  1.00 23.34 ? 116 GLU A C   1 
ATOM   912  O O   . GLU A 1 118 ? -2.051  14.064  11.335  1.00 24.75 ? 116 GLU A O   1 
ATOM   913  C CB  . GLU A 1 118 ? 0.701   15.307  9.847   1.00 25.15 ? 116 GLU A CB  1 
ATOM   914  C CG  . GLU A 1 118 ? 1.229   14.678  11.146  1.00 34.77 ? 116 GLU A CG  1 
ATOM   915  C CD  . GLU A 1 118 ? 1.591   13.200  11.018  1.00 41.42 ? 116 GLU A CD  1 
ATOM   916  O OE1 . GLU A 1 118 ? 1.170   12.549  10.042  1.00 38.77 ? 116 GLU A OE1 1 
ATOM   917  O OE2 . GLU A 1 118 ? 2.307   12.679  11.908  1.00 41.97 ? 116 GLU A OE2 1 
ATOM   918  N N   . GLN A 1 119 ? -2.167  16.281  11.055  1.00 26.59 ? 117 GLN A N   1 
ATOM   919  C CA  . GLN A 1 119 ? -3.145  16.426  12.142  1.00 24.88 ? 117 GLN A CA  1 
ATOM   920  C C   . GLN A 1 119 ? -4.460  15.696  11.857  1.00 25.19 ? 117 GLN A C   1 
ATOM   921  O O   . GLN A 1 119 ? -5.009  15.005  12.716  1.00 23.82 ? 117 GLN A O   1 
ATOM   922  C CB  . GLN A 1 119 ? -3.421  17.908  12.420  1.00 30.71 ? 117 GLN A CB  1 
ATOM   923  C CG  . GLN A 1 119 ? -2.222  18.651  12.991  1.00 36.17 ? 117 GLN A CG  1 
ATOM   924  C CD  . GLN A 1 119 ? -1.662  18.002  14.266  1.00 46.87 ? 117 GLN A CD  1 
ATOM   925  O OE1 . GLN A 1 119 ? -2.239  18.141  15.354  1.00 55.00 ? 117 GLN A OE1 1 
ATOM   926  N NE2 . GLN A 1 119 ? -0.531  17.297  14.134  1.00 48.34 ? 117 GLN A NE2 1 
ATOM   927  N N   . ALA A 1 120 ? -4.972  15.847  10.645  1.00 21.44 ? 118 ALA A N   1 
ATOM   928  C CA  . ALA A 1 120 ? -6.225  15.212  10.273  1.00 21.82 ? 118 ALA A CA  1 
ATOM   929  C C   . ALA A 1 120 ? -6.077  13.689  10.238  1.00 23.22 ? 118 ALA A C   1 
ATOM   930  O O   . ALA A 1 120 ? -7.004  12.944  10.585  1.00 20.79 ? 118 ALA A O   1 
ATOM   931  C CB  . ALA A 1 120 ? -6.694  15.734  8.906   1.00 23.64 ? 118 ALA A CB  1 
ATOM   932  N N   . TYR A 1 121 ? -4.912  13.240  9.784   1.00 20.51 ? 119 TYR A N   1 
ATOM   933  C CA  . TYR A 1 121 ? -4.628  11.801  9.686   1.00 20.35 ? 119 TYR A CA  1 
ATOM   934  C C   . TYR A 1 121 ? -4.616  11.204  11.093  1.00 22.42 ? 119 TYR A C   1 
ATOM   935  O O   . TYR A 1 121 ? -5.298  10.200  11.361  1.00 22.78 ? 119 TYR A O   1 
ATOM   936  C CB  . TYR A 1 121 ? -3.286  11.568  8.970   1.00 16.54 ? 119 TYR A CB  1 
ATOM   937  C CG  . TYR A 1 121 ? -2.894  10.112  8.829   1.00 20.59 ? 119 TYR A CG  1 
ATOM   938  C CD1 . TYR A 1 121 ? -3.800  9.153   8.369   1.00 21.05 ? 119 TYR A CD1 1 
ATOM   939  C CD2 . TYR A 1 121 ? -1.612  9.697   9.149   1.00 24.59 ? 119 TYR A CD2 1 
ATOM   940  C CE1 . TYR A 1 121 ? -3.421  7.811   8.241   1.00 22.23 ? 119 TYR A CE1 1 
ATOM   941  C CE2 . TYR A 1 121 ? -1.231  8.366   9.028   1.00 25.68 ? 119 TYR A CE2 1 
ATOM   942  C CZ  . TYR A 1 121 ? -2.132  7.436   8.581   1.00 26.28 ? 119 TYR A CZ  1 
ATOM   943  O OH  . TYR A 1 121 ? -1.718  6.121   8.462   1.00 28.15 ? 119 TYR A OH  1 
ATOM   944  N N   . ASN A 1 122 ? -3.861  11.834  11.987  1.00 22.41 ? 120 ASN A N   1 
ATOM   945  C CA  . ASN A 1 122 ? -3.783  11.369  13.376  1.00 26.07 ? 120 ASN A CA  1 
ATOM   946  C C   . ASN A 1 122 ? -5.138  11.388  14.067  1.00 26.71 ? 120 ASN A C   1 
ATOM   947  O O   . ASN A 1 122 ? -5.427  10.515  14.865  1.00 29.54 ? 120 ASN A O   1 
ATOM   948  C CB  . ASN A 1 122 ? -2.769  12.197  14.176  1.00 28.77 ? 120 ASN A CB  1 
ATOM   949  C CG  . ASN A 1 122 ? -1.351  11.909  13.759  1.00 31.22 ? 120 ASN A CG  1 
ATOM   950  O OD1 . ASN A 1 122 ? -1.102  10.919  13.077  1.00 31.83 ? 120 ASN A OD1 1 
ATOM   951  N ND2 . ASN A 1 122 ? -0.418  12.759  14.146  1.00 32.32 ? 120 ASN A ND2 1 
ATOM   952  N N   . GLN A 1 123 ? -5.978  12.370  13.745  1.00 27.68 ? 121 GLN A N   1 
ATOM   953  C CA  . GLN A 1 123 ? -7.319  12.432  14.328  1.00 31.42 ? 121 GLN A CA  1 
ATOM   954  C C   . GLN A 1 123 ? -8.142  11.219  13.890  1.00 32.47 ? 121 GLN A C   1 
ATOM   955  O O   . GLN A 1 123 ? -8.837  10.610  14.703  1.00 34.50 ? 121 GLN A O   1 
ATOM   956  C CB  . GLN A 1 123 ? -8.018  13.743  13.938  1.00 32.96 ? 121 GLN A CB  1 
ATOM   957  C CG  . GLN A 1 123 ? -9.301  14.042  14.694  1.00 41.37 ? 121 GLN A CG  1 
ATOM   958  C CD  . GLN A 1 123 ? -10.528 13.419  14.048  1.00 49.49 ? 121 GLN A CD  1 
ATOM   959  O OE1 . GLN A 1 123 ? -10.515 13.079  12.860  1.00 44.77 ? 121 GLN A OE1 1 
ATOM   960  N NE2 . GLN A 1 123 ? -11.598 13.256  14.832  1.00 51.45 ? 121 GLN A NE2 1 
ATOM   961  N N   . LEU A 1 124 ? -8.052  10.857  12.611  1.00 28.62 ? 122 LEU A N   1 
ATOM   962  C CA  . LEU A 1 124 ? -8.714  9.654   12.110  1.00 26.51 ? 122 LEU A CA  1 
ATOM   963  C C   . LEU A 1 124 ? -8.184  8.409   12.799  1.00 29.71 ? 122 LEU A C   1 
ATOM   964  O O   . LEU A 1 124 ? -8.963  7.560   13.217  1.00 32.91 ? 122 LEU A O   1 
ATOM   965  C CB  . LEU A 1 124 ? -8.532  9.502   10.588  1.00 28.88 ? 122 LEU A CB  1 
ATOM   966  C CG  . LEU A 1 124 ? -9.481  10.264  9.671   1.00 34.57 ? 122 LEU A CG  1 
ATOM   967  C CD1 . LEU A 1 124 ? -9.267  9.834   8.222   1.00 30.99 ? 122 LEU A CD1 1 
ATOM   968  C CD2 . LEU A 1 124 ? -10.928 10.040  10.095  1.00 36.06 ? 122 LEU A CD2 1 
ATOM   969  N N   . LEU A 1 125 ? -6.859  8.290   12.902  1.00 26.75 ? 123 LEU A N   1 
ATOM   970  C CA  . LEU A 1 125 ? -6.262  7.117   13.558  1.00 28.27 ? 123 LEU A CA  1 
ATOM   971  C C   . LEU A 1 125 ? -6.685  7.001   15.024  1.00 35.12 ? 123 LEU A C   1 
ATOM   972  O O   . LEU A 1 125 ? -7.024  5.914   15.500  1.00 33.58 ? 123 LEU A O   1 
ATOM   973  C CB  . LEU A 1 125 ? -4.744  7.179   13.497  1.00 26.65 ? 123 LEU A CB  1 
ATOM   974  C CG  . LEU A 1 125 ? -4.078  7.115   12.126  1.00 23.03 ? 123 LEU A CG  1 
ATOM   975  C CD1 . LEU A 1 125 ? -2.564  7.124   12.316  1.00 26.70 ? 123 LEU A CD1 1 
ATOM   976  C CD2 . LEU A 1 125 ? -4.551  5.884   11.390  1.00 27.67 ? 123 LEU A CD2 1 
ATOM   977  N N   . GLU A 1 126 ? -6.611  8.121   15.744  1.00 30.37 ? 124 GLU A N   1 
ATOM   978  C CA  . GLU A 1 126 ? -6.960  8.134   17.159  1.00 36.32 ? 124 GLU A CA  1 
ATOM   979  C C   . GLU A 1 126 ? -8.418  7.753   17.406  1.00 44.10 ? 124 GLU A C   1 
ATOM   980  O O   . GLU A 1 126 ? -8.712  7.047   18.365  1.00 49.63 ? 124 GLU A O   1 
ATOM   981  C CB  . GLU A 1 126 ? -6.651  9.502   17.773  1.00 37.09 ? 124 GLU A CB  1 
ATOM   982  C CG  . GLU A 1 126 ? -5.184  9.645   18.124  1.00 45.04 ? 124 GLU A CG  1 
ATOM   983  C CD  . GLU A 1 126 ? -4.760  11.074  18.394  1.00 54.53 ? 124 GLU A CD  1 
ATOM   984  O OE1 . GLU A 1 126 ? -5.580  11.853  18.935  1.00 67.85 ? 124 GLU A OE1 1 
ATOM   985  O OE2 . GLU A 1 126 ? -3.600  11.414  18.059  1.00 51.91 ? 124 GLU A OE2 1 
ATOM   986  N N   . GLN A 1 127 ? -9.331  8.190   16.546  1.00 42.03 ? 125 GLN A N   1 
ATOM   987  C CA  . GLN A 1 127 ? -10.736 7.810   16.713  1.00 46.53 ? 125 GLN A CA  1 
ATOM   988  C C   . GLN A 1 127 ? -10.980 6.353   16.326  1.00 50.25 ? 125 GLN A C   1 
ATOM   989  O O   . GLN A 1 127 ? -11.824 5.680   16.916  1.00 56.73 ? 125 GLN A O   1 
ATOM   990  C CB  . GLN A 1 127 ? -11.648 8.733   15.902  1.00 48.85 ? 125 GLN A CB  1 
ATOM   991  C CG  . GLN A 1 127 ? -11.742 10.149  16.476  1.00 58.48 ? 125 GLN A CG  1 
ATOM   992  C CD  . GLN A 1 127 ? -12.276 10.182  17.910  1.00 66.50 ? 125 GLN A CD  1 
ATOM   993  O OE1 . GLN A 1 127 ? -11.540 10.490  18.857  1.00 69.70 ? 125 GLN A OE1 1 
ATOM   994  N NE2 . GLN A 1 127 ? -13.564 9.875   18.071  1.00 67.73 ? 125 GLN A NE2 1 
ATOM   995  N N   . ARG A 1 128 ? -10.234 5.869   15.340  1.00 46.79 ? 126 ARG A N   1 
ATOM   996  C CA  . ARG A 1 128 ? -10.332 4.484   14.891  1.00 49.73 ? 126 ARG A CA  1 
ATOM   997  C C   . ARG A 1 128 ? -9.773  3.539   15.961  1.00 54.92 ? 126 ARG A C   1 
ATOM   998  O O   . ARG A 1 128 ? -10.132 2.367   16.019  1.00 60.23 ? 126 ARG A O   1 
ATOM   999  C CB  . ARG A 1 128 ? -9.583  4.304   13.558  1.00 52.54 ? 126 ARG A CB  1 
ATOM   1000 C CG  . ARG A 1 128 ? -9.869  2.993   12.792  1.00 57.54 ? 126 ARG A CG  1 
ATOM   1001 C CD  . ARG A 1 128 ? -9.050  2.893   11.478  1.00 55.18 ? 126 ARG A CD  1 
ATOM   1002 N NE  . ARG A 1 128 ? -7.615  2.747   11.733  1.00 57.68 ? 126 ARG A NE  1 
ATOM   1003 C CZ  . ARG A 1 128 ? -6.706  2.391   10.823  1.00 56.12 ? 126 ARG A CZ  1 
ATOM   1004 N NH1 . ARG A 1 128 ? -7.072  2.137   9.572   1.00 54.56 ? 126 ARG A NH1 1 
ATOM   1005 N NH2 . ARG A 1 128 ? -5.426  2.283   11.169  1.00 54.50 ? 126 ARG A NH2 1 
ATOM   1006 N N   . PHE A 1 129 ? -8.898  4.064   16.815  1.00 50.44 ? 127 PHE A N   1 
ATOM   1007 C CA  . PHE A 1 129 ? -8.249  3.256   17.840  1.00 48.67 ? 127 PHE A CA  1 
ATOM   1008 C C   . PHE A 1 129 ? -9.035  3.260   19.150  1.00 58.86 ? 127 PHE A C   1 
ATOM   1009 O O   . PHE A 1 129 ? -9.080  2.248   19.853  1.00 60.60 ? 127 PHE A O   1 
ATOM   1010 C CB  . PHE A 1 129 ? -6.824  3.757   18.081  1.00 45.61 ? 127 PHE A CB  1 
ATOM   1011 C CG  . PHE A 1 129 ? -6.073  2.986   19.132  1.00 42.91 ? 127 PHE A CG  1 
ATOM   1012 C CD1 . PHE A 1 129 ? -5.750  1.649   18.936  1.00 41.22 ? 127 PHE A CD1 1 
ATOM   1013 C CD2 . PHE A 1 129 ? -5.681  3.600   20.308  1.00 44.30 ? 127 PHE A CD2 1 
ATOM   1014 C CE1 . PHE A 1 129 ? -5.055  0.935   19.897  1.00 41.16 ? 127 PHE A CE1 1 
ATOM   1015 C CE2 . PHE A 1 129 ? -4.981  2.892   21.279  1.00 46.65 ? 127 PHE A CE2 1 
ATOM   1016 C CZ  . PHE A 1 129 ? -4.664  1.554   21.063  1.00 41.46 ? 127 PHE A CZ  1 
ATOM   1017 N N   . ASN A 1 130 ? -9.655  4.393   19.476  1.00 59.30 ? 128 ASN A N   1 
ATOM   1018 C CA  . ASN A 1 130 ? -10.412 4.521   20.723  1.00 62.23 ? 128 ASN A CA  1 
ATOM   1019 C C   . ASN A 1 130 ? -11.755 3.792   20.697  1.00 66.62 ? 128 ASN A C   1 
ATOM   1020 O O   . ASN A 1 130 ? -12.423 3.682   21.721  1.00 70.60 ? 128 ASN A O   1 
ATOM   1021 C CB  . ASN A 1 130 ? -10.633 5.992   21.062  1.00 57.80 ? 128 ASN A CB  1 
ATOM   1022 C CG  . ASN A 1 130 ? -9.364  6.677   21.545  1.00 61.64 ? 128 ASN A CG  1 
ATOM   1023 O OD1 . ASN A 1 130 ? -8.393  6.019   21.923  1.00 62.78 ? 128 ASN A OD1 1 
ATOM   1024 N ND2 . ASN A 1 130 ? -9.369  8.009   21.542  1.00 61.52 ? 128 ASN A ND2 1 
ATOM   1025 N N   . GLN A 1 131 ? -12.141 3.292   19.526  1.00 70.42 ? 129 GLN A N   1 
ATOM   1026 C CA  . GLN A 1 131 ? -13.339 2.464   19.389  1.00 71.47 ? 129 GLN A CA  1 
ATOM   1027 C C   . GLN A 1 131 ? -13.017 0.995   19.687  1.00 75.47 ? 129 GLN A C   1 
ATOM   1028 O O   . GLN A 1 131 ? -13.886 0.235   20.119  1.00 79.10 ? 129 GLN A O   1 
ATOM   1029 C CB  . GLN A 1 131 ? -13.942 2.605   17.982  1.00 70.27 ? 129 GLN A CB  1 
ATOM   1030 C CG  . GLN A 1 131 ? -13.144 1.910   16.873  1.00 71.49 ? 129 GLN A CG  1 
ATOM   1031 C CD  . GLN A 1 131 ? -13.684 2.191   15.472  1.00 75.83 ? 129 GLN A CD  1 
ATOM   1032 O OE1 . GLN A 1 131 ? -14.582 3.020   15.292  1.00 76.62 ? 129 GLN A OE1 1 
ATOM   1033 N NE2 . GLN A 1 131 ? -13.133 1.497   14.474  1.00 71.59 ? 129 GLN A NE2 1 
ATOM   1034 N N   . LEU A 1 132 ? -11.767 0.601   19.452  1.00 73.79 ? 130 LEU A N   1 
ATOM   1035 C CA  . LEU A 1 132 ? -11.304 -0.747  19.775  1.00 73.38 ? 130 LEU A CA  1 
ATOM   1036 C C   . LEU A 1 132 ? -10.900 -0.801  21.247  1.00 74.86 ? 130 LEU A C   1 
ATOM   1037 O O   . LEU A 1 132 ? -10.705 -1.878  21.815  1.00 79.39 ? 130 LEU A O   1 
ATOM   1038 C CB  . LEU A 1 132 ? -10.122 -1.152  18.884  1.00 70.42 ? 130 LEU A CB  1 
ATOM   1039 C CG  . LEU A 1 132 ? -10.196 -0.855  17.385  1.00 67.83 ? 130 LEU A CG  1 
ATOM   1040 C CD1 . LEU A 1 132 ? -8.810  -0.950  16.763  1.00 65.13 ? 130 LEU A CD1 1 
ATOM   1041 C CD2 . LEU A 1 132 ? -11.160 -1.796  16.683  1.00 70.66 ? 130 LEU A CD2 1 
ATOM   1042 N N   . ARG A 1 133 ? -10.778 0.381   21.846  1.00 73.08 ? 131 ARG A N   1 
ATOM   1043 C CA  . ARG A 1 133 ? -10.345 0.526   23.231  1.00 74.91 ? 131 ARG A CA  1 
ATOM   1044 C C   . ARG A 1 133 ? -11.544 0.636   24.173  1.00 76.44 ? 131 ARG A C   1 
ATOM   1045 O O   . ARG A 1 133 ? -11.602 -0.037  25.203  1.00 78.50 ? 131 ARG A O   1 
ATOM   1046 C CB  . ARG A 1 133 ? -9.436  1.755   23.372  1.00 70.64 ? 131 ARG A CB  1 
ATOM   1047 C CG  . ARG A 1 133 ? -8.016  1.440   23.842  1.00 66.75 ? 131 ARG A CG  1 
ATOM   1048 C CD  . ARG A 1 133 ? -7.400  0.307   23.030  1.00 67.78 ? 131 ARG A CD  1 
ATOM   1049 N NE  . ARG A 1 133 ? -6.430  -0.466  23.809  1.00 65.01 ? 131 ARG A NE  1 
ATOM   1050 C CZ  . ARG A 1 133 ? -6.045  -1.703  23.506  1.00 60.12 ? 131 ARG A CZ  1 
ATOM   1051 N NH1 . ARG A 1 133 ? -6.550  -2.321  22.442  1.00 60.41 ? 131 ARG A NH1 1 
ATOM   1052 N NH2 . ARG A 1 133 ? -5.160  -2.329  24.276  1.00 60.86 ? 131 ARG A NH2 1 
HETATM 1053 C C1  . GOL B 2 .   ? 1.367   -4.262  7.286   1.00 48.43 ? 201 GOL A C1  1 
HETATM 1054 O O1  . GOL B 2 .   ? 2.437   -4.766  6.517   1.00 42.34 ? 201 GOL A O1  1 
HETATM 1055 C C2  . GOL B 2 .   ? 0.099   -4.870  6.698   1.00 45.95 ? 201 GOL A C2  1 
HETATM 1056 O O2  . GOL B 2 .   ? 0.222   -6.281  6.652   1.00 34.39 ? 201 GOL A O2  1 
HETATM 1057 C C3  . GOL B 2 .   ? -1.143  -4.433  7.466   1.00 38.32 ? 201 GOL A C3  1 
HETATM 1058 O O3  . GOL B 2 .   ? -2.254  -5.172  6.995   1.00 37.40 ? 201 GOL A O3  1 
HETATM 1059 P P   . PO4 C 3 .   ? -9.434  -6.611  -6.465  1.00 52.53 ? 202 PO4 A P   1 
HETATM 1060 O O1  . PO4 C 3 .   ? -9.623  -6.883  -4.988  1.00 47.24 ? 202 PO4 A O1  1 
HETATM 1061 O O2  . PO4 C 3 .   ? -10.556 -5.710  -6.957  1.00 48.27 ? 202 PO4 A O2  1 
HETATM 1062 O O3  . PO4 C 3 .   ? -9.446  -7.926  -7.221  1.00 52.35 ? 202 PO4 A O3  1 
HETATM 1063 O O4  . PO4 C 3 .   ? -8.105  -5.913  -6.706  1.00 45.53 ? 202 PO4 A O4  1 
HETATM 1064 O O   . HOH D 4 .   ? 0.162   -7.847  8.187   1.00 35.50 ? 301 HOH A O   1 
HETATM 1065 O O   . HOH D 4 .   ? -19.194 4.520   -6.930  1.00 49.37 ? 302 HOH A O   1 
HETATM 1066 O O   . HOH D 4 .   ? 22.104  -2.095  -0.992  1.00 53.31 ? 303 HOH A O   1 
HETATM 1067 O O   . HOH D 4 .   ? -4.220  2.876   13.190  1.00 40.39 ? 304 HOH A O   1 
HETATM 1068 O O   . HOH D 4 .   ? -4.128  4.912   -9.462  1.00 18.10 ? 305 HOH A O   1 
HETATM 1069 O O   . HOH D 4 .   ? -3.540  4.528   7.729   1.00 33.51 ? 306 HOH A O   1 
HETATM 1070 O O   . HOH D 4 .   ? 1.304   11.059  -11.615 1.00 33.67 ? 307 HOH A O   1 
HETATM 1071 O O   . HOH D 4 .   ? -12.914 -1.348  0.294   1.00 50.21 ? 308 HOH A O   1 
HETATM 1072 O O   . HOH D 4 .   ? 7.558   -10.577 7.693   1.00 42.07 ? 309 HOH A O   1 
HETATM 1073 O O   . HOH D 4 .   ? -2.189  2.698   -14.968 1.00 21.71 ? 310 HOH A O   1 
HETATM 1074 O O   . HOH D 4 .   ? -9.621  13.865  10.477  1.00 28.24 ? 311 HOH A O   1 
HETATM 1075 O O   . HOH D 4 .   ? -4.450  15.340  15.314  1.00 32.47 ? 312 HOH A O   1 
HETATM 1076 O O   . HOH D 4 .   ? -7.281  -1.230  -10.339 1.00 26.86 ? 313 HOH A O   1 
HETATM 1077 O O   . HOH D 4 .   ? 5.335   -4.869  -10.221 1.00 30.83 ? 314 HOH A O   1 
HETATM 1078 O O   . HOH D 4 .   ? 12.140  1.719   2.817   1.00 35.28 ? 315 HOH A O   1 
HETATM 1079 O O   . HOH D 4 .   ? 3.191   13.841  -9.430  0.50 39.06 ? 316 HOH A O   1 
HETATM 1080 O O   . HOH D 4 .   ? 3.584   21.995  3.868   1.00 23.39 ? 317 HOH A O   1 
HETATM 1081 O O   . HOH D 4 .   ? 1.418   -0.043  3.542   1.00 32.31 ? 318 HOH A O   1 
HETATM 1082 O O   . HOH D 4 .   ? 10.506  1.210   4.881   1.00 34.38 ? 319 HOH A O   1 
HETATM 1083 O O   . HOH D 4 .   ? 2.282   16.203  1.382   1.00 32.32 ? 320 HOH A O   1 
HETATM 1084 O O   . HOH D 4 .   ? -9.819  -3.999  4.601   1.00 37.12 ? 321 HOH A O   1 
HETATM 1085 O O   . HOH D 4 .   ? 6.530   7.096   -4.144  1.00 38.78 ? 322 HOH A O   1 
HETATM 1086 O O   . HOH D 4 .   ? 4.296   -9.259  6.154   1.00 34.14 ? 323 HOH A O   1 
HETATM 1087 O O   . HOH D 4 .   ? 3.259   -10.697 -4.412  1.00 25.22 ? 324 HOH A O   1 
HETATM 1088 O O   . HOH D 4 .   ? 4.580   6.542   -1.460  1.00 38.85 ? 325 HOH A O   1 
HETATM 1089 O O   . HOH D 4 .   ? 1.711   -10.749 5.685   1.00 25.75 ? 326 HOH A O   1 
HETATM 1090 O O   . HOH D 4 .   ? 16.694  -9.855  6.547   1.00 40.24 ? 327 HOH A O   1 
HETATM 1091 O O   . HOH D 4 .   ? -1.188  -2.385  -9.148  1.00 23.28 ? 328 HOH A O   1 
HETATM 1092 O O   . HOH D 4 .   ? 2.855   8.387   4.010   1.00 39.37 ? 329 HOH A O   1 
HETATM 1093 O O   . HOH D 4 .   ? 10.022  3.580   -9.975  1.00 25.44 ? 330 HOH A O   1 
HETATM 1094 O O   . HOH D 4 .   ? 13.725  -11.687 5.151   1.00 40.40 ? 331 HOH A O   1 
HETATM 1095 O O   . HOH D 4 .   ? 0.951   -9.072  -5.073  1.00 27.91 ? 332 HOH A O   1 
HETATM 1096 O O   . HOH D 4 .   ? 2.637   5.491   5.184   1.00 39.97 ? 333 HOH A O   1 
HETATM 1097 O O   . HOH D 4 .   ? -9.330  -1.395  5.458   1.00 34.61 ? 334 HOH A O   1 
HETATM 1098 O O   . HOH D 4 .   ? -0.667  -10.296 7.040   1.00 24.63 ? 335 HOH A O   1 
HETATM 1099 O O   . HOH D 4 .   ? -1.972  -5.325  -11.907 1.00 44.07 ? 336 HOH A O   1 
HETATM 1100 O O   . HOH D 4 .   ? -10.426 -4.867  -12.956 1.00 41.00 ? 337 HOH A O   1 
HETATM 1101 O O   . HOH D 4 .   ? 6.006   0.029   -13.058 1.00 37.99 ? 338 HOH A O   1 
HETATM 1102 O O   . HOH D 4 .   ? 14.130  -12.006 -8.444  1.00 37.48 ? 339 HOH A O   1 
HETATM 1103 O O   . HOH D 4 .   ? 1.525   -1.483  5.924   1.00 37.74 ? 340 HOH A O   1 
HETATM 1104 O O   . HOH D 4 .   ? -5.053  0.596   7.304   1.00 34.76 ? 341 HOH A O   1 
HETATM 1105 O O   . HOH D 4 .   ? 1.406   -8.063  -8.828  1.00 29.99 ? 342 HOH A O   1 
HETATM 1106 O O   . HOH D 4 .   ? 2.531   2.205   4.811   1.00 41.34 ? 343 HOH A O   1 
HETATM 1107 O O   . HOH D 4 .   ? -0.143  2.374   7.724   1.00 40.33 ? 344 HOH A O   1 
HETATM 1108 O O   . HOH D 4 .   ? -4.736  -0.080  13.998  1.00 43.35 ? 345 HOH A O   1 
HETATM 1109 O O   . HOH D 4 .   ? -4.589  -1.342  12.255  1.00 39.73 ? 346 HOH A O   1 
HETATM 1110 O O   . HOH D 4 .   ? 3.087   -7.560  9.252   1.00 36.37 ? 347 HOH A O   1 
HETATM 1111 O O   . HOH D 4 .   ? 2.461   -12.525 -6.143  1.00 41.60 ? 348 HOH A O   1 
# 
